data_5LGS
#
_entry.id   5LGS
#
_cell.length_a   74.986
_cell.length_b   98.596
_cell.length_c   208.172
_cell.angle_alpha   90.00
_cell.angle_beta   90.00
_cell.angle_gamma   90.00
#
_symmetry.space_group_name_H-M   'P 21 21 2'
#
loop_
_entity.id
_entity.type
_entity.pdbx_description
1 polymer 'Histone-arginine methyltransferase CARM1'
2 polymer 'Polyadenylate-binding protein 1'
3 non-polymer 'SULFATE ION'
4 non-polymer 1,2-DIMETHOXYETHANE
5 non-polymer DI(HYDROXYETHYL)ETHER
6 non-polymer 'TETRAETHYLENE GLYCOL'
7 non-polymer 1,2-ETHANEDIOL
8 non-polymer (2~{R},3~{R},4~{S},5~{R})-2-(6-aminopurin-9-yl)-5-[(~{E})-prop-1-enyl]oxolane-3,4-diol
9 water water
#
loop_
_entity_poly.entity_id
_entity_poly.type
_entity_poly.pdbx_seq_one_letter_code
_entity_poly.pdbx_strand_id
1 'polypeptide(L)'
;GHMGHTLERSVFSERTEESSAVQYFQFYGYLSQQQNMMQDYVRTGTYQRAILQNHTDFKDKIVLDVGCGSGILSFFAAQA
GARKIYAVEASTMAQHAEVLVKSNNLTDRIVVIPGKVEEVSLPEQVDIIISEPMGYMLFNERMLESYLHAKKYLKPSGNM
FPTIGDVHLAPFTDEQLYMEQFTKANFWYQPSFHGVDLSALRGAAVDEYFRQPVVDTFDIRILMAKSVKYTVNFLEAKEG
DLHRIEIPFKFHMLHSGLVHGLAFWFDVAFIGSIMTVWLSTAPTEPLTHWYQVRCLFQSPLFAKAGDTLSGTCLLIANKR
QSYDISIVAQVDQTGSKSSNLLDLKNPFFRYTGTTPSPPPG
;
A,B,C,D
2 'polypeptide(L)' PAAPRPPFS E,F,G,H
#
# COMPACT_ATOMS: atom_id res chain seq x y z
N ARG A 9 -27.10 21.36 -33.51
CA ARG A 9 -26.11 22.42 -33.40
C ARG A 9 -24.79 22.01 -34.05
N SER A 10 -24.32 20.79 -33.76
CA SER A 10 -23.06 20.30 -34.28
C SER A 10 -23.25 18.93 -34.91
N VAL A 11 -22.22 18.49 -35.65
CA VAL A 11 -22.27 17.18 -36.28
C VAL A 11 -22.44 16.09 -35.23
N PHE A 12 -21.78 16.23 -34.07
CA PHE A 12 -21.88 15.20 -33.05
C PHE A 12 -23.29 15.12 -32.49
N SER A 13 -23.85 16.26 -32.07
CA SER A 13 -25.18 16.23 -31.46
C SER A 13 -26.24 15.80 -32.47
N GLU A 14 -26.01 16.03 -33.75
CA GLU A 14 -26.99 15.65 -34.77
C GLU A 14 -27.13 14.13 -34.88
N ARG A 15 -26.07 13.38 -34.55
CA ARG A 15 -26.07 11.93 -34.72
C ARG A 15 -26.10 11.17 -33.41
N THR A 16 -26.26 11.86 -32.28
CA THR A 16 -26.15 11.22 -30.97
C THR A 16 -27.28 11.70 -30.07
N GLU A 17 -28.02 10.75 -29.51
CA GLU A 17 -29.00 11.07 -28.48
C GLU A 17 -28.28 11.58 -27.24
N GLU A 18 -28.86 12.59 -26.60
CA GLU A 18 -28.22 13.23 -25.44
C GLU A 18 -27.92 12.20 -24.36
N SER A 19 -28.90 11.35 -24.03
CA SER A 19 -28.71 10.40 -22.94
C SER A 19 -27.54 9.46 -23.22
N SER A 20 -27.39 9.02 -24.47
CA SER A 20 -26.24 8.18 -24.82
C SER A 20 -24.93 8.92 -24.59
N ALA A 21 -24.87 10.18 -25.03
CA ALA A 21 -23.63 10.95 -24.91
C ALA A 21 -23.26 11.20 -23.45
N VAL A 22 -24.23 11.56 -22.62
CA VAL A 22 -23.96 11.82 -21.21
C VAL A 22 -23.31 10.60 -20.57
N GLN A 23 -23.97 9.45 -20.67
CA GLN A 23 -23.41 8.22 -20.11
C GLN A 23 -22.03 7.93 -20.69
N TYR A 24 -21.88 8.12 -22.01
CA TYR A 24 -20.64 7.78 -22.69
C TYR A 24 -19.46 8.55 -22.10
N PHE A 25 -19.61 9.87 -21.92
CA PHE A 25 -18.49 10.67 -21.45
C PHE A 25 -18.31 10.62 -19.94
N GLN A 26 -19.37 10.32 -19.18
CA GLN A 26 -19.20 10.06 -17.76
C GLN A 26 -18.28 8.87 -17.55
N PHE A 27 -18.49 7.79 -18.31
CA PHE A 27 -17.63 6.62 -18.23
C PHE A 27 -16.16 7.01 -18.39
N TYR A 28 -15.86 7.81 -19.40
CA TYR A 28 -14.48 8.19 -19.68
C TYR A 28 -13.95 9.27 -18.75
N GLY A 29 -14.77 9.79 -17.84
CA GLY A 29 -14.28 10.71 -16.84
C GLY A 29 -13.58 10.06 -15.67
N TYR A 30 -13.64 8.73 -15.56
CA TYR A 30 -13.06 8.01 -14.43
C TYR A 30 -11.61 7.67 -14.72
N LEU A 31 -10.73 7.97 -13.77
CA LEU A 31 -9.32 7.59 -13.90
C LEU A 31 -9.15 6.08 -14.00
N SER A 32 -10.06 5.32 -13.37
CA SER A 32 -9.97 3.87 -13.43
C SER A 32 -10.19 3.35 -14.85
N GLN A 33 -10.98 4.04 -15.65
CA GLN A 33 -11.18 3.63 -17.04
C GLN A 33 -9.96 3.98 -17.89
N GLN A 34 -9.35 5.14 -17.63
CA GLN A 34 -8.08 5.44 -18.28
C GLN A 34 -7.02 4.41 -17.89
N GLN A 35 -6.94 4.10 -16.60
CA GLN A 35 -5.98 3.11 -16.13
C GLN A 35 -6.21 1.77 -16.82
N ASN A 36 -7.47 1.36 -16.97
CA ASN A 36 -7.77 0.10 -17.64
C ASN A 36 -7.17 0.07 -19.04
N MET A 37 -7.29 1.17 -19.79
CA MET A 37 -6.73 1.22 -21.13
C MET A 37 -5.20 1.33 -21.09
N MET A 38 -4.68 2.22 -20.24
CA MET A 38 -3.24 2.46 -20.20
C MET A 38 -2.47 1.20 -19.84
N GLN A 39 -3.03 0.36 -18.97
CA GLN A 39 -2.34 -0.85 -18.54
C GLN A 39 -2.37 -1.95 -19.59
N ASP A 40 -3.12 -1.78 -20.67
CA ASP A 40 -3.04 -2.68 -21.81
C ASP A 40 -1.71 -2.44 -22.52
N TYR A 41 -0.74 -3.32 -22.28
CA TYR A 41 0.63 -3.06 -22.73
C TYR A 41 0.74 -3.17 -24.24
N VAL A 42 0.03 -4.12 -24.85
CA VAL A 42 -0.03 -4.18 -26.31
C VAL A 42 -0.51 -2.84 -26.86
N ARG A 43 -1.59 -2.32 -26.29
CA ARG A 43 -2.18 -1.08 -26.78
C ARG A 43 -1.23 0.10 -26.57
N THR A 44 -0.81 0.33 -25.32
CA THR A 44 0.01 1.49 -25.02
C THR A 44 1.40 1.36 -25.62
N GLY A 45 2.00 0.17 -25.54
CA GLY A 45 3.34 -0.01 -26.07
C GLY A 45 3.41 0.15 -27.57
N THR A 46 2.39 -0.34 -28.29
CA THR A 46 2.40 -0.23 -29.74
C THR A 46 2.24 1.21 -30.19
N TYR A 47 1.36 1.97 -29.54
CA TYR A 47 1.22 3.38 -29.89
C TYR A 47 2.53 4.14 -29.69
N GLN A 48 3.22 3.85 -28.58
CA GLN A 48 4.51 4.50 -28.33
C GLN A 48 5.53 4.12 -29.39
N ARG A 49 5.63 2.81 -29.70
CA ARG A 49 6.56 2.37 -30.72
C ARG A 49 6.20 2.96 -32.08
N ALA A 50 4.91 3.00 -32.43
CA ALA A 50 4.50 3.55 -33.71
C ALA A 50 4.90 5.02 -33.83
N ILE A 51 4.81 5.77 -32.73
CA ILE A 51 5.11 7.19 -32.77
C ILE A 51 6.61 7.43 -32.72
N LEU A 52 7.30 6.83 -31.75
CA LEU A 52 8.73 7.11 -31.57
C LEU A 52 9.55 6.59 -32.73
N GLN A 53 9.18 5.44 -33.29
CA GLN A 53 9.92 4.87 -34.41
C GLN A 53 9.61 5.57 -35.73
N ASN A 54 8.63 6.47 -35.75
CA ASN A 54 8.39 7.34 -36.90
C ASN A 54 8.59 8.79 -36.47
N HIS A 55 9.69 9.05 -35.76
CA HIS A 55 9.89 10.36 -35.16
C HIS A 55 9.92 11.47 -36.20
N THR A 56 10.34 11.18 -37.43
CA THR A 56 10.38 12.21 -38.47
C THR A 56 8.99 12.65 -38.89
N ASP A 57 7.96 11.85 -38.61
CA ASP A 57 6.59 12.29 -38.81
C ASP A 57 6.10 13.24 -37.72
N PHE A 58 6.89 13.40 -36.64
CA PHE A 58 6.50 14.25 -35.52
C PHE A 58 7.50 15.35 -35.21
N LYS A 59 8.77 15.21 -35.62
CA LYS A 59 9.77 16.21 -35.29
C LYS A 59 9.36 17.58 -35.79
N ASP A 60 9.15 18.51 -34.86
CA ASP A 60 8.83 19.90 -35.18
C ASP A 60 7.52 20.04 -35.94
N LYS A 61 6.59 19.10 -35.74
CA LYS A 61 5.31 19.10 -36.41
C LYS A 61 4.21 19.61 -35.48
N ILE A 62 3.09 19.99 -36.08
CA ILE A 62 1.87 20.34 -35.36
C ILE A 62 0.98 19.10 -35.33
N VAL A 63 0.52 18.73 -34.14
CA VAL A 63 -0.21 17.48 -33.94
C VAL A 63 -1.58 17.79 -33.34
N LEU A 64 -2.59 17.04 -33.79
CA LEU A 64 -3.91 17.01 -33.17
C LEU A 64 -4.17 15.63 -32.60
N ASP A 65 -4.51 15.58 -31.32
CA ASP A 65 -4.83 14.34 -30.63
C ASP A 65 -6.33 14.32 -30.32
N VAL A 66 -7.06 13.42 -30.94
CA VAL A 66 -8.52 13.37 -30.86
C VAL A 66 -8.90 12.37 -29.78
N GLY A 67 -9.51 12.86 -28.71
CA GLY A 67 -9.88 12.02 -27.59
C GLY A 67 -8.66 11.58 -26.80
N CYS A 68 -7.90 12.56 -26.31
CA CYS A 68 -6.61 12.30 -25.69
C CYS A 68 -6.72 11.63 -24.32
N GLY A 69 -7.90 11.61 -23.72
CA GLY A 69 -8.02 11.04 -22.39
C GLY A 69 -7.10 11.75 -21.42
N SER A 70 -6.24 10.97 -20.75
CA SER A 70 -5.26 11.55 -19.84
C SER A 70 -4.11 12.24 -20.57
N GLY A 71 -4.03 12.10 -21.88
CA GLY A 71 -3.00 12.76 -22.67
C GLY A 71 -1.80 11.91 -23.03
N ILE A 72 -1.86 10.59 -22.78
CA ILE A 72 -0.70 9.74 -22.97
C ILE A 72 -0.16 9.86 -24.39
N LEU A 73 -1.05 9.89 -25.39
CA LEU A 73 -0.59 9.94 -26.78
C LEU A 73 0.05 11.27 -27.11
N SER A 74 -0.42 12.36 -26.50
CA SER A 74 0.24 13.64 -26.69
C SER A 74 1.66 13.63 -26.12
N PHE A 75 1.86 12.92 -25.01
CA PHE A 75 3.20 12.84 -24.43
C PHE A 75 4.14 12.02 -25.29
N PHE A 76 3.64 10.99 -25.96
CA PHE A 76 4.46 10.25 -26.91
C PHE A 76 4.85 11.14 -28.09
N ALA A 77 3.89 11.91 -28.61
CA ALA A 77 4.21 12.85 -29.68
C ALA A 77 5.24 13.87 -29.22
N ALA A 78 5.18 14.28 -27.96
CA ALA A 78 6.21 15.18 -27.41
C ALA A 78 7.55 14.46 -27.31
N GLN A 79 7.54 13.23 -26.80
CA GLN A 79 8.78 12.45 -26.77
C GLN A 79 9.37 12.30 -28.17
N ALA A 80 8.53 12.31 -29.20
CA ALA A 80 8.99 12.20 -30.57
C ALA A 80 9.45 13.53 -31.16
N GLY A 81 9.27 14.63 -30.44
CA GLY A 81 9.78 15.91 -30.86
C GLY A 81 8.78 16.87 -31.48
N ALA A 82 7.48 16.65 -31.29
CA ALA A 82 6.50 17.55 -31.86
C ALA A 82 6.68 18.95 -31.29
N ARG A 83 6.37 19.95 -32.12
CA ARG A 83 6.51 21.34 -31.70
C ARG A 83 5.26 21.81 -30.95
N LYS A 84 4.08 21.48 -31.45
CA LYS A 84 2.83 21.87 -30.82
C LYS A 84 1.82 20.74 -30.97
N ILE A 85 1.17 20.39 -29.87
CA ILE A 85 0.19 19.31 -29.84
C ILE A 85 -1.10 19.87 -29.26
N TYR A 86 -2.18 19.78 -30.02
CA TYR A 86 -3.51 20.16 -29.55
C TYR A 86 -4.24 18.89 -29.15
N ALA A 87 -4.53 18.75 -27.86
CA ALA A 87 -5.12 17.55 -27.30
C ALA A 87 -6.58 17.85 -26.96
N VAL A 88 -7.49 17.24 -27.73
CA VAL A 88 -8.92 17.47 -27.59
C VAL A 88 -9.54 16.30 -26.83
N GLU A 89 -10.36 16.62 -25.83
CA GLU A 89 -11.03 15.60 -25.03
C GLU A 89 -12.33 16.18 -24.50
N ALA A 90 -13.41 15.42 -24.62
CA ALA A 90 -14.75 15.89 -24.28
C ALA A 90 -15.19 15.53 -22.87
N SER A 91 -14.68 14.44 -22.31
CA SER A 91 -15.02 14.09 -20.94
C SER A 91 -14.29 15.02 -19.97
N THR A 92 -14.64 14.88 -18.68
CA THR A 92 -13.95 15.66 -17.66
C THR A 92 -12.51 15.21 -17.45
N MET A 93 -12.08 14.12 -18.09
CA MET A 93 -10.67 13.74 -18.06
C MET A 93 -9.78 14.83 -18.62
N ALA A 94 -10.33 15.76 -19.41
CA ALA A 94 -9.53 16.85 -19.96
C ALA A 94 -8.85 17.64 -18.84
N GLN A 95 -9.56 17.86 -17.73
CA GLN A 95 -8.96 18.64 -16.64
C GLN A 95 -7.77 17.90 -16.04
N HIS A 96 -7.86 16.56 -15.95
CA HIS A 96 -6.72 15.78 -15.46
C HIS A 96 -5.57 15.82 -16.44
N ALA A 97 -5.86 15.80 -17.74
CA ALA A 97 -4.80 15.93 -18.75
C ALA A 97 -4.07 17.25 -18.58
N GLU A 98 -4.79 18.32 -18.24
CA GLU A 98 -4.14 19.62 -18.04
C GLU A 98 -3.17 19.57 -16.87
N VAL A 99 -3.52 18.83 -15.82
CA VAL A 99 -2.63 18.69 -14.67
C VAL A 99 -1.33 18.00 -15.09
N LEU A 100 -1.45 16.91 -15.84
CA LEU A 100 -0.26 16.17 -16.25
C LEU A 100 0.62 16.97 -17.20
N VAL A 101 0.02 17.78 -18.06
CA VAL A 101 0.82 18.64 -18.93
C VAL A 101 1.62 19.63 -18.10
N LYS A 102 1.01 20.19 -17.05
CA LYS A 102 1.71 21.12 -16.19
C LYS A 102 2.79 20.41 -15.37
N SER A 103 2.44 19.29 -14.74
CA SER A 103 3.39 18.58 -13.89
C SER A 103 4.53 17.97 -14.69
N ASN A 104 4.36 17.79 -16.00
CA ASN A 104 5.43 17.30 -16.87
C ASN A 104 6.14 18.43 -17.60
N ASN A 105 5.86 19.68 -17.24
CA ASN A 105 6.59 20.84 -17.76
C ASN A 105 6.51 20.90 -19.29
N LEU A 106 5.33 20.62 -19.83
CA LEU A 106 5.11 20.61 -21.27
C LEU A 106 4.03 21.59 -21.71
N THR A 107 3.72 22.59 -20.88
CA THR A 107 2.68 23.55 -21.22
C THR A 107 3.06 24.40 -22.43
N ASP A 108 4.35 24.48 -22.77
CA ASP A 108 4.76 25.20 -23.96
C ASP A 108 4.44 24.43 -25.25
N ARG A 109 4.25 23.12 -25.16
CA ARG A 109 4.11 22.28 -26.34
C ARG A 109 2.76 21.58 -26.47
N ILE A 110 2.07 21.31 -25.37
CA ILE A 110 0.79 20.61 -25.39
C ILE A 110 -0.29 21.56 -24.90
N VAL A 111 -1.37 21.69 -25.67
CA VAL A 111 -2.51 22.52 -25.32
C VAL A 111 -3.72 21.62 -25.24
N VAL A 112 -4.29 21.48 -24.06
CA VAL A 112 -5.50 20.69 -23.88
C VAL A 112 -6.71 21.56 -24.19
N ILE A 113 -7.57 21.10 -25.08
CA ILE A 113 -8.75 21.81 -25.51
C ILE A 113 -9.97 20.99 -25.09
N PRO A 114 -10.64 21.36 -23.99
CA PRO A 114 -11.79 20.56 -23.53
C PRO A 114 -12.98 20.73 -24.46
N GLY A 115 -13.56 19.61 -24.87
CA GLY A 115 -14.74 19.63 -25.71
C GLY A 115 -14.75 18.57 -26.79
N LYS A 116 -15.82 18.52 -27.56
CA LYS A 116 -15.93 17.56 -28.64
C LYS A 116 -15.23 18.10 -29.88
N VAL A 117 -14.47 17.23 -30.56
CA VAL A 117 -13.69 17.68 -31.71
C VAL A 117 -14.58 18.26 -32.79
N GLU A 118 -15.85 17.88 -32.82
CA GLU A 118 -16.79 18.45 -33.78
C GLU A 118 -17.23 19.86 -33.40
N GLU A 119 -16.89 20.33 -32.20
CA GLU A 119 -17.40 21.60 -31.70
C GLU A 119 -16.32 22.60 -31.30
N VAL A 120 -15.12 22.14 -30.95
CA VAL A 120 -14.04 23.04 -30.54
C VAL A 120 -13.51 23.79 -31.75
N SER A 121 -12.64 24.76 -31.50
CA SER A 121 -11.95 25.48 -32.56
C SER A 121 -10.44 25.32 -32.34
N LEU A 122 -9.73 24.99 -33.41
CA LEU A 122 -8.29 24.94 -33.38
C LEU A 122 -7.71 26.20 -34.02
N PRO A 123 -6.60 26.74 -33.51
CA PRO A 123 -6.05 27.97 -34.07
C PRO A 123 -5.39 27.78 -35.42
N GLU A 124 -4.99 26.56 -35.78
CA GLU A 124 -4.26 26.34 -37.02
C GLU A 124 -4.43 24.89 -37.48
N GLN A 125 -4.10 24.66 -38.75
CA GLN A 125 -4.09 23.31 -39.29
C GLN A 125 -2.88 22.55 -38.75
N VAL A 126 -2.97 21.22 -38.80
CA VAL A 126 -1.96 20.35 -38.21
C VAL A 126 -1.35 19.47 -39.29
N ASP A 127 -0.21 18.88 -38.96
CA ASP A 127 0.50 18.00 -39.88
C ASP A 127 0.12 16.54 -39.72
N ILE A 128 -0.38 16.14 -38.56
CA ILE A 128 -0.72 14.74 -38.32
C ILE A 128 -1.76 14.67 -37.21
N ILE A 129 -2.69 13.72 -37.35
CA ILE A 129 -3.71 13.44 -36.34
C ILE A 129 -3.38 12.10 -35.71
N ILE A 130 -3.38 12.06 -34.38
CA ILE A 130 -3.24 10.81 -33.63
C ILE A 130 -4.51 10.61 -32.83
N SER A 131 -4.93 9.35 -32.70
CA SER A 131 -6.15 9.05 -31.97
C SER A 131 -6.19 7.55 -31.70
N GLU A 132 -7.01 7.16 -30.73
CA GLU A 132 -7.40 5.77 -30.52
C GLU A 132 -8.92 5.73 -30.60
N PRO A 133 -9.48 5.76 -31.81
CA PRO A 133 -10.94 5.75 -31.96
C PRO A 133 -11.56 4.37 -32.07
N MET A 134 -10.81 3.31 -31.80
CA MET A 134 -11.30 1.95 -32.01
C MET A 134 -12.11 1.49 -30.81
N GLY A 135 -13.36 1.09 -31.05
CA GLY A 135 -14.13 0.34 -30.08
C GLY A 135 -14.05 -1.14 -30.38
N TYR A 136 -14.69 -1.94 -29.54
CA TYR A 136 -14.73 -3.35 -29.83
C TYR A 136 -15.46 -3.57 -31.15
N MET A 137 -15.03 -4.58 -31.90
CA MET A 137 -15.45 -4.78 -33.28
C MET A 137 -15.09 -3.57 -34.15
N LEU A 138 -14.16 -2.75 -33.67
CA LEU A 138 -13.67 -1.55 -34.34
C LEU A 138 -14.69 -0.41 -34.30
N PHE A 139 -15.92 -0.68 -34.72
CA PHE A 139 -16.86 0.38 -35.04
C PHE A 139 -17.67 0.87 -33.84
N ASN A 140 -17.77 0.10 -32.77
CA ASN A 140 -18.53 0.55 -31.61
C ASN A 140 -18.01 1.89 -31.12
N GLU A 141 -18.93 2.71 -30.60
CA GLU A 141 -18.67 4.04 -30.07
C GLU A 141 -18.86 5.10 -31.15
N ARG A 142 -18.79 4.71 -32.42
CA ARG A 142 -18.88 5.64 -33.54
C ARG A 142 -17.86 6.76 -33.40
N MET A 143 -16.70 6.45 -32.85
CA MET A 143 -15.65 7.46 -32.71
C MET A 143 -14.81 7.61 -33.96
N LEU A 144 -14.79 6.59 -34.83
CA LEU A 144 -14.11 6.73 -36.11
C LEU A 144 -14.62 7.93 -36.88
N GLU A 145 -15.92 8.24 -36.74
CA GLU A 145 -16.48 9.39 -37.44
C GLU A 145 -15.91 10.69 -36.90
N SER A 146 -15.65 10.75 -35.59
CA SER A 146 -14.99 11.93 -35.03
C SER A 146 -13.55 12.01 -35.50
N TYR A 147 -12.89 10.86 -35.65
CA TYR A 147 -11.54 10.83 -36.18
C TYR A 147 -11.52 11.35 -37.62
N LEU A 148 -12.46 10.90 -38.45
CA LEU A 148 -12.55 11.39 -39.82
C LEU A 148 -12.99 12.84 -39.86
N HIS A 149 -13.94 13.22 -39.00
CA HIS A 149 -14.37 14.60 -38.93
C HIS A 149 -13.19 15.53 -38.68
N ALA A 150 -12.23 15.09 -37.85
CA ALA A 150 -11.09 15.94 -37.51
C ALA A 150 -10.22 16.27 -38.71
N LYS A 151 -10.39 15.57 -39.83
CA LYS A 151 -9.58 15.86 -41.01
C LYS A 151 -9.82 17.26 -41.57
N LYS A 152 -10.84 17.96 -41.09
CA LYS A 152 -11.00 19.36 -41.48
C LYS A 152 -9.86 20.23 -40.98
N TYR A 153 -9.15 19.79 -39.95
CA TYR A 153 -7.99 20.50 -39.42
C TYR A 153 -6.67 20.01 -39.99
N LEU A 154 -6.70 19.07 -40.94
CA LEU A 154 -5.50 18.42 -41.43
C LEU A 154 -5.01 19.13 -42.70
N LYS A 155 -3.71 19.37 -42.75
CA LYS A 155 -3.13 20.00 -43.93
C LYS A 155 -3.14 19.02 -45.11
N PRO A 156 -3.15 19.52 -46.34
CA PRO A 156 -3.12 18.63 -47.51
C PRO A 156 -2.04 17.55 -47.43
N SER A 157 -0.91 17.83 -46.79
CA SER A 157 0.14 16.84 -46.61
C SER A 157 -0.19 15.79 -45.55
N GLY A 158 -1.26 16.00 -44.79
CA GLY A 158 -1.34 15.40 -43.48
C GLY A 158 -1.35 13.89 -43.50
N ASN A 159 -0.87 13.31 -42.39
CA ASN A 159 -0.92 11.88 -42.15
C ASN A 159 -1.86 11.62 -40.98
N MET A 160 -2.16 10.35 -40.76
CA MET A 160 -3.06 9.96 -39.67
C MET A 160 -2.57 8.69 -39.03
N PHE A 161 -2.51 8.69 -37.69
CA PHE A 161 -2.06 7.56 -36.90
C PHE A 161 -3.17 7.14 -35.96
N PRO A 162 -3.89 6.03 -36.20
CA PRO A 162 -3.71 5.03 -37.27
C PRO A 162 -4.10 5.52 -38.65
N THR A 163 -3.49 4.92 -39.68
CA THR A 163 -3.74 5.32 -41.06
C THR A 163 -4.87 4.52 -41.70
N ILE A 164 -4.97 3.23 -41.40
CA ILE A 164 -6.00 2.37 -41.94
C ILE A 164 -6.46 1.40 -40.86
N GLY A 165 -7.66 0.87 -41.03
CA GLY A 165 -8.20 -0.14 -40.13
C GLY A 165 -8.80 -1.29 -40.90
N ASP A 166 -8.49 -2.52 -40.48
CA ASP A 166 -9.03 -3.74 -41.07
C ASP A 166 -9.87 -4.46 -40.03
N VAL A 167 -11.12 -4.75 -40.38
CA VAL A 167 -11.96 -5.64 -39.59
C VAL A 167 -12.01 -6.98 -40.29
N HIS A 168 -11.86 -8.05 -39.51
CA HIS A 168 -11.83 -9.41 -40.04
C HIS A 168 -13.06 -10.17 -39.56
N LEU A 169 -13.70 -10.91 -40.48
CA LEU A 169 -14.81 -11.79 -40.16
C LEU A 169 -14.42 -13.21 -40.50
N ALA A 170 -14.83 -14.16 -39.66
CA ALA A 170 -14.63 -15.57 -39.95
C ALA A 170 -15.72 -16.39 -39.26
N PRO A 171 -16.18 -17.48 -39.88
CA PRO A 171 -17.14 -18.34 -39.21
C PRO A 171 -16.48 -19.21 -38.15
N PHE A 172 -17.22 -19.50 -37.10
CA PHE A 172 -16.71 -20.30 -36.00
C PHE A 172 -17.73 -21.38 -35.62
N THR A 173 -17.23 -22.44 -35.02
CA THR A 173 -18.08 -23.44 -34.39
C THR A 173 -17.82 -23.41 -32.89
N ASP A 174 -18.90 -23.35 -32.11
CA ASP A 174 -18.80 -23.36 -30.66
C ASP A 174 -20.12 -23.86 -30.09
N GLU A 175 -20.28 -25.18 -30.04
CA GLU A 175 -21.55 -25.77 -29.63
C GLU A 175 -21.94 -25.32 -28.23
N GLN A 176 -20.96 -25.22 -27.33
CA GLN A 176 -21.27 -24.90 -25.94
C GLN A 176 -21.75 -23.46 -25.80
N LEU A 177 -21.16 -22.54 -26.56
CA LEU A 177 -21.64 -21.15 -26.53
C LEU A 177 -23.07 -21.07 -27.03
N TYR A 178 -23.39 -21.80 -28.10
CA TYR A 178 -24.74 -21.78 -28.64
C TYR A 178 -25.74 -22.33 -27.63
N MET A 179 -25.48 -23.52 -27.09
CA MET A 179 -26.43 -24.15 -26.18
C MET A 179 -26.58 -23.36 -24.89
N GLU A 180 -25.53 -22.67 -24.47
CA GLU A 180 -25.59 -21.83 -23.27
C GLU A 180 -26.73 -20.82 -23.34
N GLN A 181 -27.09 -20.37 -24.54
CA GLN A 181 -28.14 -19.37 -24.69
C GLN A 181 -29.49 -19.92 -24.25
N PHE A 182 -29.76 -21.18 -24.58
CA PHE A 182 -31.05 -21.78 -24.20
C PHE A 182 -31.05 -22.24 -22.75
N THR A 183 -29.90 -22.66 -22.23
CA THR A 183 -29.81 -22.97 -20.81
C THR A 183 -30.21 -21.77 -19.97
N LYS A 184 -29.78 -20.57 -20.37
CA LYS A 184 -30.12 -19.37 -19.63
C LYS A 184 -31.59 -19.00 -19.83
N ALA A 185 -32.08 -19.08 -21.07
CA ALA A 185 -33.46 -18.69 -21.35
C ALA A 185 -34.45 -19.69 -20.76
N ASN A 186 -34.06 -20.96 -20.64
CA ASN A 186 -34.98 -21.97 -20.13
C ASN A 186 -35.33 -21.76 -18.67
N PHE A 187 -34.71 -20.79 -17.98
CA PHE A 187 -35.23 -20.37 -16.69
C PHE A 187 -36.72 -20.09 -16.77
N TRP A 188 -37.15 -19.46 -17.87
CA TRP A 188 -38.55 -19.07 -18.05
C TRP A 188 -39.45 -20.23 -18.43
N TYR A 189 -38.88 -21.37 -18.84
CA TYR A 189 -39.71 -22.50 -19.26
C TYR A 189 -39.98 -23.41 -18.06
N GLN A 190 -40.81 -22.89 -17.15
CA GLN A 190 -41.29 -23.68 -16.03
C GLN A 190 -42.71 -23.28 -15.71
N PRO A 191 -43.58 -24.24 -15.38
CA PRO A 191 -45.01 -23.93 -15.25
C PRO A 191 -45.42 -23.39 -13.90
N SER A 192 -44.54 -23.40 -12.88
CA SER A 192 -44.94 -22.94 -11.56
C SER A 192 -43.71 -22.42 -10.81
N PHE A 193 -43.21 -21.27 -11.24
CA PHE A 193 -42.20 -20.53 -10.49
C PHE A 193 -42.92 -19.80 -9.36
N HIS A 194 -42.88 -20.38 -8.16
CA HIS A 194 -43.63 -19.84 -7.03
C HIS A 194 -45.12 -19.71 -7.36
N GLY A 195 -45.63 -20.65 -8.17
CA GLY A 195 -47.02 -20.65 -8.56
C GLY A 195 -47.34 -19.92 -9.85
N VAL A 196 -46.33 -19.38 -10.54
CA VAL A 196 -46.53 -18.59 -11.75
C VAL A 196 -45.93 -19.35 -12.93
N ASP A 197 -46.69 -19.43 -14.02
CA ASP A 197 -46.22 -20.06 -15.25
C ASP A 197 -45.47 -19.02 -16.08
N LEU A 198 -44.17 -19.20 -16.22
CA LEU A 198 -43.31 -18.23 -16.90
C LEU A 198 -43.07 -18.55 -18.37
N SER A 199 -43.57 -19.70 -18.84
CA SER A 199 -43.12 -20.24 -20.11
C SER A 199 -43.40 -19.32 -21.29
N ALA A 200 -44.42 -18.46 -21.20
CA ALA A 200 -44.78 -17.60 -22.31
C ALA A 200 -43.70 -16.59 -22.66
N LEU A 201 -42.72 -16.37 -21.78
CA LEU A 201 -41.64 -15.43 -22.03
C LEU A 201 -40.35 -16.10 -22.45
N ARG A 202 -40.35 -17.43 -22.60
CA ARG A 202 -39.12 -18.13 -22.95
C ARG A 202 -38.60 -17.68 -24.31
N GLY A 203 -39.49 -17.59 -25.30
CA GLY A 203 -39.09 -17.13 -26.62
C GLY A 203 -38.47 -15.74 -26.59
N ALA A 204 -39.07 -14.84 -25.81
CA ALA A 204 -38.53 -13.49 -25.70
C ALA A 204 -37.16 -13.50 -25.05
N ALA A 205 -36.96 -14.34 -24.02
CA ALA A 205 -35.67 -14.43 -23.37
C ALA A 205 -34.60 -14.93 -24.34
N VAL A 206 -34.95 -15.94 -25.16
CA VAL A 206 -34.01 -16.43 -26.16
C VAL A 206 -33.60 -15.31 -27.11
N ASP A 207 -34.59 -14.60 -27.67
CA ASP A 207 -34.27 -13.52 -28.59
C ASP A 207 -33.34 -12.49 -27.95
N GLU A 208 -33.60 -12.16 -26.68
CA GLU A 208 -32.79 -11.16 -25.99
C GLU A 208 -31.33 -11.60 -25.93
N TYR A 209 -31.09 -12.87 -25.58
CA TYR A 209 -29.70 -13.34 -25.50
C TYR A 209 -29.04 -13.36 -26.87
N PHE A 210 -29.75 -13.82 -27.90
CA PHE A 210 -29.16 -13.90 -29.22
C PHE A 210 -28.89 -12.52 -29.82
N ARG A 211 -29.58 -11.48 -29.38
CA ARG A 211 -29.30 -10.13 -29.85
C ARG A 211 -27.99 -9.57 -29.30
N GLN A 212 -27.32 -10.28 -28.39
CA GLN A 212 -26.14 -9.76 -27.72
C GLN A 212 -24.89 -10.27 -28.40
N PRO A 213 -24.02 -9.41 -28.95
CA PRO A 213 -22.69 -9.86 -29.33
C PRO A 213 -21.93 -10.32 -28.11
N VAL A 214 -21.11 -11.36 -28.29
CA VAL A 214 -20.36 -11.98 -27.20
C VAL A 214 -18.94 -11.46 -27.24
N VAL A 215 -18.55 -10.69 -26.22
CA VAL A 215 -17.21 -10.15 -26.10
C VAL A 215 -16.41 -11.08 -25.21
N ASP A 216 -15.45 -11.78 -25.80
CA ASP A 216 -14.46 -12.56 -25.07
C ASP A 216 -13.48 -13.12 -26.09
N THR A 217 -12.56 -13.98 -25.66
CA THR A 217 -11.57 -14.56 -26.56
C THR A 217 -11.89 -16.04 -26.77
N PHE A 218 -11.11 -16.69 -27.62
CA PHE A 218 -11.39 -18.07 -27.98
C PHE A 218 -10.16 -18.66 -28.65
N ASP A 219 -10.13 -19.98 -28.72
CA ASP A 219 -9.07 -20.72 -29.41
C ASP A 219 -9.28 -20.62 -30.91
N ILE A 220 -8.20 -20.33 -31.65
CA ILE A 220 -8.30 -20.14 -33.08
C ILE A 220 -8.76 -21.40 -33.80
N ARG A 221 -8.71 -22.55 -33.13
CA ARG A 221 -9.12 -23.79 -33.77
C ARG A 221 -10.64 -23.88 -33.94
N ILE A 222 -11.41 -22.95 -33.37
CA ILE A 222 -12.85 -22.92 -33.62
C ILE A 222 -13.18 -22.26 -34.94
N LEU A 223 -12.22 -21.56 -35.56
CA LEU A 223 -12.48 -20.88 -36.82
C LEU A 223 -12.52 -21.89 -37.95
N MET A 224 -13.52 -21.77 -38.81
CA MET A 224 -13.80 -22.78 -39.83
C MET A 224 -13.39 -22.36 -41.23
N ALA A 225 -12.98 -21.11 -41.44
CA ALA A 225 -12.58 -20.64 -42.76
C ALA A 225 -11.64 -19.46 -42.60
N LYS A 226 -10.86 -19.20 -43.64
CA LYS A 226 -9.98 -18.04 -43.65
C LYS A 226 -10.82 -16.77 -43.60
N SER A 227 -10.33 -15.78 -42.85
CA SER A 227 -11.11 -14.58 -42.60
C SER A 227 -11.28 -13.74 -43.85
N VAL A 228 -12.37 -12.98 -43.89
CA VAL A 228 -12.58 -11.93 -44.88
C VAL A 228 -12.27 -10.60 -44.21
N LYS A 229 -11.79 -9.65 -45.02
CA LYS A 229 -11.29 -8.38 -44.51
C LYS A 229 -12.06 -7.22 -45.14
N TYR A 230 -12.43 -6.25 -44.30
CA TYR A 230 -13.01 -5.00 -44.74
C TYR A 230 -12.14 -3.86 -44.22
N THR A 231 -11.68 -3.00 -45.11
CA THR A 231 -10.66 -2.01 -44.80
C THR A 231 -11.24 -0.60 -44.85
N VAL A 232 -10.93 0.20 -43.84
CA VAL A 232 -11.22 1.63 -43.82
C VAL A 232 -9.90 2.36 -43.92
N ASN A 233 -9.74 3.16 -44.98
CA ASN A 233 -8.57 4.02 -45.13
C ASN A 233 -8.91 5.38 -44.56
N PHE A 234 -8.36 5.69 -43.39
CA PHE A 234 -8.72 6.93 -42.70
C PHE A 234 -8.27 8.17 -43.45
N LEU A 235 -7.26 8.06 -44.31
CA LEU A 235 -6.84 9.22 -45.11
C LEU A 235 -7.84 9.57 -46.20
N GLU A 236 -8.72 8.65 -46.57
CA GLU A 236 -9.64 8.84 -47.67
C GLU A 236 -11.11 8.76 -47.29
N ALA A 237 -11.46 8.01 -46.24
CA ALA A 237 -12.85 7.81 -45.90
C ALA A 237 -13.51 9.11 -45.42
N LYS A 238 -14.82 9.19 -45.62
CA LYS A 238 -15.64 10.29 -45.13
C LYS A 238 -16.58 9.77 -44.06
N GLU A 239 -17.07 10.70 -43.24
CA GLU A 239 -17.97 10.32 -42.14
C GLU A 239 -19.13 9.48 -42.65
N GLY A 240 -19.77 9.92 -43.75
CA GLY A 240 -20.93 9.22 -44.27
C GLY A 240 -20.65 7.79 -44.67
N ASP A 241 -19.39 7.43 -44.93
CA ASP A 241 -19.04 6.07 -45.32
C ASP A 241 -19.26 5.08 -44.18
N LEU A 242 -19.40 5.54 -42.95
CA LEU A 242 -19.51 4.66 -41.79
C LEU A 242 -20.94 4.54 -41.27
N HIS A 243 -21.91 5.20 -41.90
CA HIS A 243 -23.29 5.07 -41.47
C HIS A 243 -23.91 3.76 -41.92
N ARG A 244 -23.51 3.27 -43.10
CA ARG A 244 -23.99 1.99 -43.63
C ARG A 244 -22.77 1.21 -44.08
N ILE A 245 -22.41 0.18 -43.33
CA ILE A 245 -21.22 -0.63 -43.62
C ILE A 245 -21.71 -2.01 -44.04
N GLU A 246 -21.51 -2.33 -45.31
CA GLU A 246 -21.88 -3.63 -45.87
C GLU A 246 -20.62 -4.45 -46.08
N ILE A 247 -20.56 -5.62 -45.45
CA ILE A 247 -19.38 -6.48 -45.56
C ILE A 247 -19.81 -7.79 -46.22
N PRO A 248 -19.76 -7.90 -47.54
CA PRO A 248 -20.05 -9.19 -48.18
C PRO A 248 -18.99 -10.21 -47.83
N PHE A 249 -19.40 -11.46 -47.74
CA PHE A 249 -18.45 -12.53 -47.45
C PHE A 249 -18.84 -13.79 -48.21
N LYS A 250 -17.82 -14.58 -48.53
CA LYS A 250 -17.99 -15.87 -49.19
C LYS A 250 -16.88 -16.78 -48.68
N PHE A 251 -17.14 -17.45 -47.58
CA PHE A 251 -16.13 -18.26 -46.92
C PHE A 251 -16.03 -19.62 -47.60
N HIS A 252 -14.80 -20.06 -47.85
CA HIS A 252 -14.54 -21.40 -48.38
C HIS A 252 -14.13 -22.27 -47.20
N MET A 253 -15.06 -23.12 -46.76
CA MET A 253 -14.90 -23.81 -45.49
C MET A 253 -13.69 -24.73 -45.50
N LEU A 254 -12.86 -24.59 -44.47
CA LEU A 254 -11.69 -25.44 -44.29
C LEU A 254 -12.00 -26.68 -43.45
N HIS A 255 -13.10 -26.68 -42.70
CA HIS A 255 -13.47 -27.80 -41.86
C HIS A 255 -14.97 -28.03 -41.97
N SER A 256 -15.36 -29.30 -41.79
CA SER A 256 -16.77 -29.67 -41.78
C SER A 256 -17.32 -29.58 -40.37
N GLY A 257 -18.52 -29.04 -40.23
CA GLY A 257 -19.16 -28.94 -38.94
C GLY A 257 -20.31 -27.93 -38.99
N LEU A 258 -20.82 -27.64 -37.80
CA LEU A 258 -21.90 -26.68 -37.64
C LEU A 258 -21.32 -25.29 -37.42
N VAL A 259 -21.75 -24.33 -38.23
CA VAL A 259 -21.35 -22.94 -38.08
C VAL A 259 -22.37 -22.26 -37.17
N HIS A 260 -21.90 -21.75 -36.04
CA HIS A 260 -22.79 -21.13 -35.06
C HIS A 260 -22.80 -19.61 -35.13
N GLY A 261 -21.93 -19.00 -35.90
CA GLY A 261 -21.92 -17.55 -36.02
C GLY A 261 -20.63 -17.06 -36.65
N LEU A 262 -20.45 -15.74 -36.59
CA LEU A 262 -19.27 -15.08 -37.13
C LEU A 262 -18.45 -14.45 -36.00
N ALA A 263 -17.14 -14.56 -36.10
CA ALA A 263 -16.21 -13.96 -35.15
C ALA A 263 -15.58 -12.73 -35.77
N PHE A 264 -15.38 -11.70 -34.94
CA PHE A 264 -14.87 -10.41 -35.39
C PHE A 264 -13.61 -10.04 -34.61
N TRP A 265 -12.65 -9.44 -35.32
CA TRP A 265 -11.52 -8.77 -34.70
C TRP A 265 -11.04 -7.70 -35.69
N PHE A 266 -10.02 -6.94 -35.29
CA PHE A 266 -9.55 -5.87 -36.14
C PHE A 266 -8.07 -5.60 -35.92
N ASP A 267 -7.45 -5.00 -36.93
CA ASP A 267 -6.10 -4.46 -36.86
C ASP A 267 -6.11 -3.02 -37.35
N VAL A 268 -5.14 -2.24 -36.87
CA VAL A 268 -4.88 -0.91 -37.42
C VAL A 268 -3.41 -0.82 -37.75
N ALA A 269 -3.08 0.04 -38.71
CA ALA A 269 -1.71 0.20 -39.17
C ALA A 269 -1.34 1.68 -39.10
N PHE A 270 -0.18 1.96 -38.52
CA PHE A 270 0.40 3.29 -38.49
C PHE A 270 1.44 3.34 -39.60
N ILE A 271 1.06 3.93 -40.74
CA ILE A 271 1.91 3.97 -41.92
C ILE A 271 2.73 5.24 -41.85
N GLY A 272 3.96 5.14 -41.34
CA GLY A 272 4.82 6.28 -41.18
C GLY A 272 5.89 6.34 -42.27
N SER A 273 6.63 7.46 -42.25
CA SER A 273 7.68 7.67 -43.24
C SER A 273 8.83 6.69 -43.07
N ILE A 274 9.09 6.24 -41.84
CA ILE A 274 10.20 5.31 -41.59
C ILE A 274 9.72 3.86 -41.65
N MET A 275 8.55 3.56 -41.10
CA MET A 275 8.09 2.18 -41.05
C MET A 275 6.60 2.15 -40.77
N THR A 276 6.00 0.99 -41.05
CA THR A 276 4.60 0.72 -40.73
C THR A 276 4.55 -0.19 -39.51
N VAL A 277 3.82 0.25 -38.48
CA VAL A 277 3.63 -0.53 -37.26
C VAL A 277 2.17 -0.95 -37.20
N TRP A 278 1.95 -2.21 -36.79
CA TRP A 278 0.62 -2.80 -36.74
C TRP A 278 0.19 -3.04 -35.30
N LEU A 279 -1.06 -2.71 -35.01
CA LEU A 279 -1.72 -3.06 -33.76
C LEU A 279 -2.85 -4.01 -34.08
N SER A 280 -2.73 -5.27 -33.64
CA SER A 280 -3.67 -6.32 -34.00
C SER A 280 -4.36 -6.83 -32.74
N THR A 281 -5.68 -7.05 -32.86
CA THR A 281 -6.47 -7.69 -31.82
C THR A 281 -6.90 -9.09 -32.23
N ALA A 282 -6.16 -9.72 -33.14
CA ALA A 282 -6.55 -11.02 -33.66
C ALA A 282 -6.40 -12.09 -32.57
N PRO A 283 -7.16 -13.18 -32.67
CA PRO A 283 -7.04 -14.26 -31.67
C PRO A 283 -5.72 -15.01 -31.77
N THR A 284 -4.94 -14.78 -32.82
CA THR A 284 -3.59 -15.33 -32.93
C THR A 284 -2.56 -14.47 -32.21
N GLU A 285 -2.95 -13.31 -31.69
CA GLU A 285 -2.06 -12.37 -31.04
C GLU A 285 -2.37 -12.28 -29.56
N PRO A 286 -1.44 -11.73 -28.76
CA PRO A 286 -1.72 -11.53 -27.34
C PRO A 286 -3.02 -10.75 -27.14
N LEU A 287 -3.71 -11.08 -26.05
CA LEU A 287 -5.01 -10.48 -25.77
C LEU A 287 -4.88 -9.00 -25.46
N THR A 288 -5.91 -8.24 -25.87
CA THR A 288 -6.02 -6.82 -25.56
C THR A 288 -7.36 -6.58 -24.89
N HIS A 289 -7.57 -5.36 -24.40
CA HIS A 289 -8.83 -5.04 -23.76
C HIS A 289 -10.00 -4.97 -24.75
N TRP A 290 -9.72 -5.04 -26.05
CA TRP A 290 -10.78 -5.18 -27.04
C TRP A 290 -11.24 -6.62 -27.20
N TYR A 291 -10.45 -7.59 -26.73
CA TYR A 291 -10.80 -9.00 -26.88
C TYR A 291 -11.13 -9.29 -28.33
N GLN A 292 -12.11 -10.16 -28.57
CA GLN A 292 -12.72 -10.35 -29.89
C GLN A 292 -14.24 -10.39 -29.68
N VAL A 293 -14.98 -10.42 -30.79
CA VAL A 293 -16.44 -10.35 -30.76
C VAL A 293 -17.02 -11.44 -31.63
N ARG A 294 -18.07 -12.09 -31.13
CA ARG A 294 -18.73 -13.17 -31.86
C ARG A 294 -20.23 -12.90 -31.88
N CYS A 295 -20.82 -13.04 -33.07
CA CYS A 295 -22.26 -12.90 -33.27
C CYS A 295 -22.82 -14.25 -33.69
N LEU A 296 -23.72 -14.80 -32.88
CA LEU A 296 -24.31 -16.09 -33.17
C LEU A 296 -25.35 -15.99 -34.28
N PHE A 297 -25.55 -17.10 -34.97
CA PHE A 297 -26.72 -17.29 -35.82
C PHE A 297 -27.86 -17.82 -34.97
N GLN A 298 -29.08 -17.42 -35.33
CA GLN A 298 -30.26 -17.98 -34.65
C GLN A 298 -30.28 -19.49 -34.77
N SER A 299 -29.89 -20.01 -35.93
CA SER A 299 -29.82 -21.43 -36.20
C SER A 299 -28.47 -21.75 -36.81
N PRO A 300 -27.80 -22.81 -36.36
CA PRO A 300 -26.51 -23.17 -36.95
C PRO A 300 -26.69 -23.72 -38.36
N LEU A 301 -25.62 -23.58 -39.15
CA LEU A 301 -25.59 -24.04 -40.52
C LEU A 301 -24.54 -25.12 -40.66
N PHE A 302 -24.94 -26.28 -41.18
CA PHE A 302 -23.99 -27.34 -41.46
C PHE A 302 -23.30 -27.08 -42.80
N ALA A 303 -21.97 -27.15 -42.79
CA ALA A 303 -21.19 -26.97 -43.99
C ALA A 303 -20.06 -27.98 -44.02
N LYS A 304 -19.84 -28.59 -45.17
CA LYS A 304 -18.73 -29.51 -45.36
C LYS A 304 -17.48 -28.75 -45.77
N ALA A 305 -16.33 -29.35 -45.50
CA ALA A 305 -15.08 -28.79 -46.00
C ALA A 305 -15.15 -28.71 -47.52
N GLY A 306 -14.91 -27.52 -48.06
CA GLY A 306 -15.05 -27.26 -49.47
C GLY A 306 -16.32 -26.53 -49.85
N ASP A 307 -17.36 -26.62 -49.03
CA ASP A 307 -18.55 -25.81 -49.25
C ASP A 307 -18.23 -24.34 -49.09
N THR A 308 -19.13 -23.49 -49.58
CA THR A 308 -18.98 -22.05 -49.48
C THR A 308 -20.11 -21.48 -48.63
N LEU A 309 -19.75 -20.64 -47.67
CA LEU A 309 -20.70 -19.96 -46.80
C LEU A 309 -20.71 -18.49 -47.20
N SER A 310 -21.76 -18.06 -47.88
CA SER A 310 -21.84 -16.71 -48.44
C SER A 310 -22.98 -15.95 -47.78
N GLY A 311 -22.84 -14.62 -47.80
CA GLY A 311 -23.85 -13.77 -47.19
C GLY A 311 -23.32 -12.37 -46.99
N THR A 312 -23.93 -11.66 -46.06
CA THR A 312 -23.64 -10.26 -45.84
C THR A 312 -23.71 -9.94 -44.36
N CYS A 313 -22.81 -9.08 -43.90
CA CYS A 313 -22.90 -8.44 -42.59
C CYS A 313 -23.13 -6.96 -42.82
N LEU A 314 -24.28 -6.47 -42.38
CA LEU A 314 -24.66 -5.08 -42.57
C LEU A 314 -24.71 -4.39 -41.22
N LEU A 315 -23.92 -3.32 -41.07
CA LEU A 315 -23.88 -2.53 -39.84
C LEU A 315 -24.50 -1.17 -40.13
N ILE A 316 -25.56 -0.85 -39.38
CA ILE A 316 -26.31 0.39 -39.57
C ILE A 316 -26.11 1.24 -38.33
N ALA A 317 -25.46 2.39 -38.50
CA ALA A 317 -25.22 3.30 -37.40
C ALA A 317 -26.54 3.74 -36.78
N ASN A 318 -26.57 3.80 -35.45
CA ASN A 318 -27.70 4.33 -34.71
C ASN A 318 -27.25 5.52 -33.87
N LYS A 319 -28.20 6.17 -33.24
CA LYS A 319 -27.93 7.37 -32.47
C LYS A 319 -27.51 7.07 -31.03
N ARG A 320 -27.27 5.81 -30.70
CA ARG A 320 -26.70 5.43 -29.41
C ARG A 320 -25.20 5.12 -29.54
N GLN A 321 -24.53 5.74 -30.50
CA GLN A 321 -23.08 5.64 -30.66
C GLN A 321 -22.65 4.20 -30.91
N SER A 322 -23.48 3.46 -31.65
CA SER A 322 -23.13 2.08 -31.99
C SER A 322 -23.83 1.71 -33.29
N TYR A 323 -24.04 0.43 -33.50
CA TYR A 323 -24.57 -0.08 -34.76
C TYR A 323 -25.58 -1.18 -34.48
N ASP A 324 -26.58 -1.27 -35.35
CA ASP A 324 -27.44 -2.43 -35.43
C ASP A 324 -26.83 -3.38 -36.45
N ILE A 325 -26.63 -4.64 -36.06
CA ILE A 325 -25.93 -5.61 -36.88
C ILE A 325 -26.97 -6.56 -37.47
N SER A 326 -26.97 -6.67 -38.79
CA SER A 326 -27.76 -7.67 -39.50
C SER A 326 -26.80 -8.61 -40.23
N ILE A 327 -26.87 -9.89 -39.90
CA ILE A 327 -26.03 -10.91 -40.52
C ILE A 327 -26.94 -11.90 -41.23
N VAL A 328 -26.64 -12.16 -42.50
CA VAL A 328 -27.38 -13.14 -43.30
C VAL A 328 -26.36 -14.08 -43.92
N ALA A 329 -26.62 -15.38 -43.86
CA ALA A 329 -25.66 -16.36 -44.37
C ALA A 329 -26.41 -17.59 -44.86
N GLN A 330 -25.85 -18.23 -45.88
CA GLN A 330 -26.38 -19.48 -46.39
C GLN A 330 -25.24 -20.34 -46.93
N VAL A 331 -25.40 -21.65 -46.79
CA VAL A 331 -24.49 -22.60 -47.42
C VAL A 331 -24.95 -22.80 -48.86
N ASP A 332 -24.12 -22.37 -49.81
CA ASP A 332 -24.54 -22.37 -51.21
C ASP A 332 -24.89 -23.77 -51.69
N GLN A 333 -24.13 -24.78 -51.28
CA GLN A 333 -24.33 -26.13 -51.79
C GLN A 333 -25.68 -26.70 -51.36
N THR A 334 -26.24 -26.23 -50.23
CA THR A 334 -27.47 -26.79 -49.69
C THR A 334 -28.63 -25.81 -49.64
N GLY A 335 -28.37 -24.50 -49.68
CA GLY A 335 -29.42 -23.51 -49.58
C GLY A 335 -29.90 -23.24 -48.17
N SER A 336 -29.45 -24.00 -47.18
CA SER A 336 -29.86 -23.75 -45.80
C SER A 336 -29.42 -22.36 -45.38
N LYS A 337 -30.35 -21.61 -44.79
CA LYS A 337 -30.18 -20.19 -44.56
C LYS A 337 -30.32 -19.88 -43.08
N SER A 338 -29.66 -18.81 -42.65
CA SER A 338 -29.81 -18.33 -41.28
C SER A 338 -29.45 -16.85 -41.25
N SER A 339 -29.85 -16.21 -40.15
CA SER A 339 -29.66 -14.78 -39.99
C SER A 339 -29.61 -14.46 -38.50
N ASN A 340 -29.40 -13.18 -38.20
CA ASN A 340 -29.56 -12.69 -36.84
C ASN A 340 -29.50 -11.17 -36.87
N LEU A 341 -30.12 -10.56 -35.86
CA LEU A 341 -30.07 -9.12 -35.64
C LEU A 341 -29.50 -8.89 -34.26
N LEU A 342 -28.45 -8.07 -34.17
CA LEU A 342 -27.74 -7.88 -32.91
C LEU A 342 -27.58 -6.40 -32.62
N ASP A 343 -27.53 -6.09 -31.33
CA ASP A 343 -27.37 -4.73 -30.84
C ASP A 343 -25.94 -4.60 -30.32
N LEU A 344 -25.08 -3.96 -31.11
CA LEU A 344 -23.67 -3.85 -30.74
C LEU A 344 -23.47 -3.04 -29.47
N LYS A 345 -24.43 -2.20 -29.09
CA LYS A 345 -24.27 -1.33 -27.93
C LYS A 345 -24.39 -2.09 -26.61
N ASN A 346 -25.02 -3.27 -26.61
N ASN A 346 -25.01 -3.27 -26.60
CA ASN A 346 -25.28 -4.03 -25.39
CA ASN A 346 -25.25 -4.02 -25.38
C ASN A 346 -24.74 -5.45 -25.57
C ASN A 346 -24.73 -5.45 -25.53
N PRO A 347 -23.42 -5.61 -25.58
CA PRO A 347 -22.83 -6.95 -25.71
C PRO A 347 -22.89 -7.70 -24.38
N PHE A 348 -22.60 -8.99 -24.45
CA PHE A 348 -22.43 -9.81 -23.27
C PHE A 348 -20.94 -10.04 -23.06
N PHE A 349 -20.41 -9.52 -21.96
CA PHE A 349 -19.01 -9.73 -21.62
C PHE A 349 -18.89 -11.08 -20.93
N ARG A 350 -18.36 -12.06 -21.65
CA ARG A 350 -18.36 -13.45 -21.22
C ARG A 350 -17.00 -13.90 -20.67
N TYR A 351 -15.94 -13.13 -20.91
CA TYR A 351 -14.61 -13.50 -20.44
C TYR A 351 -14.61 -13.63 -18.92
N THR A 352 -13.90 -14.63 -18.43
CA THR A 352 -13.81 -14.91 -17.00
C THR A 352 -12.37 -15.02 -16.54
N ARG B 9 -43.66 18.24 -15.74
CA ARG B 9 -43.83 18.73 -14.38
C ARG B 9 -44.17 17.59 -13.42
N SER B 10 -43.82 16.37 -13.80
CA SER B 10 -43.99 15.24 -12.91
C SER B 10 -43.00 15.31 -11.76
N VAL B 11 -43.40 14.80 -10.60
CA VAL B 11 -42.49 14.72 -9.47
C VAL B 11 -41.22 13.98 -9.87
N PHE B 12 -41.36 12.93 -10.68
CA PHE B 12 -40.20 12.13 -11.05
C PHE B 12 -39.23 12.95 -11.90
N SER B 13 -39.72 13.58 -12.97
CA SER B 13 -38.82 14.28 -13.88
C SER B 13 -38.19 15.51 -13.25
N GLU B 14 -38.85 16.10 -12.25
CA GLU B 14 -38.26 17.26 -11.59
C GLU B 14 -37.06 16.87 -10.75
N ARG B 15 -37.04 15.66 -10.20
CA ARG B 15 -35.93 15.21 -9.36
C ARG B 15 -34.96 14.31 -10.10
N THR B 16 -35.16 14.07 -11.40
CA THR B 16 -34.37 13.10 -12.14
C THR B 16 -33.88 13.71 -13.45
N GLU B 17 -32.59 13.59 -13.71
CA GLU B 17 -32.05 13.92 -15.03
C GLU B 17 -32.49 12.85 -16.03
N GLU B 18 -32.89 13.31 -17.23
CA GLU B 18 -33.40 12.38 -18.22
C GLU B 18 -32.38 11.29 -18.54
N SER B 19 -31.12 11.70 -18.79
CA SER B 19 -30.09 10.72 -19.12
C SER B 19 -29.98 9.63 -18.05
N SER B 20 -30.23 9.97 -16.79
CA SER B 20 -30.20 8.96 -15.75
C SER B 20 -31.39 8.01 -15.86
N ALA B 21 -32.58 8.56 -16.13
CA ALA B 21 -33.78 7.73 -16.20
C ALA B 21 -33.75 6.81 -17.41
N VAL B 22 -33.21 7.28 -18.53
CA VAL B 22 -33.18 6.47 -19.75
C VAL B 22 -32.41 5.18 -19.51
N GLN B 23 -31.18 5.30 -18.99
CA GLN B 23 -30.37 4.12 -18.73
C GLN B 23 -30.95 3.29 -17.59
N TYR B 24 -31.53 3.94 -16.58
CA TYR B 24 -32.13 3.23 -15.47
C TYR B 24 -33.21 2.26 -15.96
N PHE B 25 -34.20 2.78 -16.68
CA PHE B 25 -35.30 1.92 -17.13
C PHE B 25 -34.89 1.03 -18.29
N GLN B 26 -33.83 1.38 -19.02
CA GLN B 26 -33.30 0.47 -20.04
C GLN B 26 -32.72 -0.78 -19.39
N PHE B 27 -32.03 -0.61 -18.26
CA PHE B 27 -31.52 -1.75 -17.52
C PHE B 27 -32.64 -2.70 -17.14
N TYR B 28 -33.73 -2.17 -16.61
CA TYR B 28 -34.83 -3.00 -16.13
C TYR B 28 -35.72 -3.51 -17.26
N GLY B 29 -35.43 -3.17 -18.51
CA GLY B 29 -36.15 -3.74 -19.62
C GLY B 29 -35.67 -5.11 -20.05
N TYR B 30 -34.57 -5.59 -19.47
CA TYR B 30 -33.97 -6.85 -19.88
C TYR B 30 -34.48 -8.00 -19.02
N LEU B 31 -34.97 -9.06 -19.67
CA LEU B 31 -35.42 -10.24 -18.94
C LEU B 31 -34.30 -10.86 -18.13
N SER B 32 -33.05 -10.72 -18.59
CA SER B 32 -31.94 -11.28 -17.83
C SER B 32 -31.79 -10.62 -16.47
N GLN B 33 -32.19 -9.35 -16.35
CA GLN B 33 -32.17 -8.70 -15.04
C GLN B 33 -33.33 -9.13 -14.17
N GLN B 34 -34.49 -9.40 -14.75
CA GLN B 34 -35.58 -9.99 -13.98
C GLN B 34 -35.17 -11.34 -13.42
N GLN B 35 -34.60 -12.20 -14.26
CA GLN B 35 -34.16 -13.50 -13.79
C GLN B 35 -33.18 -13.37 -12.63
N ASN B 36 -32.25 -12.42 -12.72
CA ASN B 36 -31.28 -12.23 -11.65
C ASN B 36 -31.95 -11.93 -10.32
N MET B 37 -32.97 -11.06 -10.33
CA MET B 37 -33.69 -10.75 -9.09
C MET B 37 -34.58 -11.91 -8.68
N MET B 38 -35.29 -12.53 -9.63
CA MET B 38 -36.24 -13.56 -9.28
C MET B 38 -35.55 -14.79 -8.70
N GLN B 39 -34.36 -15.12 -9.21
CA GLN B 39 -33.64 -16.29 -8.71
C GLN B 39 -33.06 -16.06 -7.33
N ASP B 40 -33.10 -14.84 -6.80
CA ASP B 40 -32.78 -14.60 -5.40
C ASP B 40 -33.90 -15.19 -4.55
N TYR B 41 -33.73 -16.44 -4.10
CA TYR B 41 -34.83 -17.15 -3.46
C TYR B 41 -35.17 -16.57 -2.10
N VAL B 42 -34.19 -16.03 -1.38
CA VAL B 42 -34.50 -15.34 -0.13
C VAL B 42 -35.42 -14.16 -0.40
N ARG B 43 -35.11 -13.38 -1.43
CA ARG B 43 -35.93 -12.23 -1.78
C ARG B 43 -37.32 -12.65 -2.22
N THR B 44 -37.40 -13.58 -3.17
CA THR B 44 -38.69 -13.95 -3.74
C THR B 44 -39.52 -14.76 -2.76
N GLY B 45 -38.89 -15.73 -2.10
CA GLY B 45 -39.62 -16.57 -1.15
C GLY B 45 -40.12 -15.77 0.04
N THR B 46 -39.34 -14.80 0.51
CA THR B 46 -39.77 -14.01 1.66
C THR B 46 -40.94 -13.12 1.29
N TYR B 47 -40.91 -12.53 0.09
CA TYR B 47 -42.05 -11.74 -0.36
C TYR B 47 -43.32 -12.58 -0.44
N GLN B 48 -43.21 -13.77 -1.03
CA GLN B 48 -44.38 -14.65 -1.10
C GLN B 48 -44.86 -15.02 0.30
N ARG B 49 -43.93 -15.31 1.20
CA ARG B 49 -44.28 -15.62 2.58
C ARG B 49 -45.05 -14.47 3.21
N ALA B 50 -44.54 -13.25 3.07
CA ALA B 50 -45.19 -12.09 3.68
C ALA B 50 -46.61 -11.92 3.16
N ILE B 51 -46.82 -12.16 1.87
CA ILE B 51 -48.13 -11.93 1.26
C ILE B 51 -49.09 -13.07 1.57
N LEU B 52 -48.66 -14.32 1.38
CA LEU B 52 -49.57 -15.45 1.56
C LEU B 52 -49.93 -15.65 3.03
N GLN B 53 -48.98 -15.44 3.94
CA GLN B 53 -49.27 -15.62 5.36
C GLN B 53 -50.07 -14.47 5.95
N ASN B 54 -50.15 -13.33 5.24
CA ASN B 54 -51.07 -12.27 5.61
C ASN B 54 -52.16 -12.15 4.55
N HIS B 55 -52.71 -13.29 4.15
CA HIS B 55 -53.65 -13.31 3.02
C HIS B 55 -54.89 -12.45 3.30
N THR B 56 -55.33 -12.36 4.55
CA THR B 56 -56.51 -11.56 4.85
C THR B 56 -56.28 -10.08 4.57
N ASP B 57 -55.03 -9.63 4.56
CA ASP B 57 -54.72 -8.26 4.14
C ASP B 57 -54.89 -8.07 2.64
N PHE B 58 -55.09 -9.15 1.88
CA PHE B 58 -55.24 -9.06 0.44
C PHE B 58 -56.59 -9.58 -0.06
N LYS B 59 -57.25 -10.47 0.69
CA LYS B 59 -58.50 -11.06 0.22
C LYS B 59 -59.53 -9.99 -0.10
N ASP B 60 -59.97 -9.97 -1.36
CA ASP B 60 -61.02 -9.05 -1.82
C ASP B 60 -60.63 -7.59 -1.65
N LYS B 61 -59.33 -7.30 -1.68
CA LYS B 61 -58.81 -5.95 -1.54
C LYS B 61 -58.30 -5.46 -2.90
N ILE B 62 -58.15 -4.13 -2.98
CA ILE B 62 -57.55 -3.47 -4.14
C ILE B 62 -56.08 -3.22 -3.85
N VAL B 63 -55.21 -3.61 -4.78
CA VAL B 63 -53.77 -3.59 -4.57
C VAL B 63 -53.12 -2.73 -5.64
N LEU B 64 -52.08 -2.00 -5.24
CA LEU B 64 -51.19 -1.31 -6.16
C LEU B 64 -49.79 -1.91 -6.03
N ASP B 65 -49.24 -2.36 -7.16
CA ASP B 65 -47.88 -2.91 -7.21
C ASP B 65 -46.99 -1.90 -7.94
N VAL B 66 -46.05 -1.32 -7.20
CA VAL B 66 -45.22 -0.23 -7.72
C VAL B 66 -43.91 -0.82 -8.21
N GLY B 67 -43.62 -0.63 -9.50
CA GLY B 67 -42.42 -1.19 -10.10
C GLY B 67 -42.51 -2.70 -10.17
N CYS B 68 -43.57 -3.21 -10.80
CA CYS B 68 -43.89 -4.63 -10.76
C CYS B 68 -42.93 -5.49 -11.58
N GLY B 69 -42.14 -4.90 -12.46
CA GLY B 69 -41.28 -5.71 -13.31
C GLY B 69 -42.10 -6.71 -14.10
N SER B 70 -41.72 -7.99 -13.98
CA SER B 70 -42.46 -9.05 -14.66
C SER B 70 -43.80 -9.36 -13.99
N GLY B 71 -44.05 -8.85 -12.79
CA GLY B 71 -45.35 -8.96 -12.15
C GLY B 71 -45.45 -9.98 -11.04
N ILE B 72 -44.33 -10.52 -10.55
CA ILE B 72 -44.38 -11.64 -9.62
C ILE B 72 -45.13 -11.27 -8.35
N LEU B 73 -44.90 -10.06 -7.83
CA LEU B 73 -45.62 -9.64 -6.62
C LEU B 73 -47.11 -9.51 -6.88
N SER B 74 -47.50 -9.10 -8.08
CA SER B 74 -48.93 -9.04 -8.41
C SER B 74 -49.53 -10.44 -8.43
N PHE B 75 -48.79 -11.43 -8.91
CA PHE B 75 -49.28 -12.81 -8.89
C PHE B 75 -49.41 -13.31 -7.46
N PHE B 76 -48.48 -12.93 -6.59
CA PHE B 76 -48.59 -13.29 -5.17
C PHE B 76 -49.84 -12.69 -4.55
N ALA B 77 -50.10 -11.41 -4.83
CA ALA B 77 -51.32 -10.76 -4.34
C ALA B 77 -52.56 -11.48 -4.86
N ALA B 78 -52.51 -11.97 -6.10
CA ALA B 78 -53.66 -12.68 -6.64
C ALA B 78 -53.81 -14.05 -5.99
N GLN B 79 -52.70 -14.73 -5.71
CA GLN B 79 -52.76 -15.99 -4.98
C GLN B 79 -53.42 -15.81 -3.62
N ALA B 80 -53.22 -14.66 -2.99
CA ALA B 80 -53.79 -14.37 -1.68
C ALA B 80 -55.24 -13.90 -1.76
N GLY B 81 -55.81 -13.77 -2.95
CA GLY B 81 -57.23 -13.48 -3.10
C GLY B 81 -57.59 -12.04 -3.39
N ALA B 82 -56.63 -11.21 -3.82
CA ALA B 82 -56.95 -9.83 -4.13
C ALA B 82 -58.01 -9.75 -5.23
N ARG B 83 -58.93 -8.79 -5.09
CA ARG B 83 -59.96 -8.61 -6.11
C ARG B 83 -59.42 -7.88 -7.34
N LYS B 84 -58.57 -6.88 -7.13
CA LYS B 84 -58.02 -6.12 -8.25
C LYS B 84 -56.60 -5.69 -7.90
N ILE B 85 -55.67 -5.89 -8.83
CA ILE B 85 -54.28 -5.50 -8.65
C ILE B 85 -53.89 -4.60 -9.82
N TYR B 86 -53.49 -3.37 -9.51
CA TYR B 86 -52.94 -2.46 -10.51
C TYR B 86 -51.42 -2.55 -10.42
N ALA B 87 -50.80 -3.02 -11.50
CA ALA B 87 -49.38 -3.28 -11.53
C ALA B 87 -48.73 -2.22 -12.42
N VAL B 88 -47.93 -1.34 -11.82
CA VAL B 88 -47.36 -0.18 -12.49
C VAL B 88 -45.87 -0.45 -12.73
N GLU B 89 -45.43 -0.24 -13.97
CA GLU B 89 -44.04 -0.43 -14.34
C GLU B 89 -43.70 0.54 -15.46
N ALA B 90 -42.59 1.26 -15.30
CA ALA B 90 -42.18 2.26 -16.27
C ALA B 90 -41.26 1.73 -17.35
N SER B 91 -40.63 0.57 -17.14
CA SER B 91 -39.76 0.00 -18.15
C SER B 91 -40.59 -0.79 -19.16
N THR B 92 -39.91 -1.25 -20.21
CA THR B 92 -40.57 -2.07 -21.22
C THR B 92 -40.93 -3.46 -20.70
N MET B 93 -40.48 -3.82 -19.50
CA MET B 93 -40.89 -5.08 -18.89
C MET B 93 -42.40 -5.14 -18.67
N ALA B 94 -43.07 -3.99 -18.67
CA ALA B 94 -44.52 -3.98 -18.51
C ALA B 94 -45.20 -4.82 -19.59
N GLN B 95 -44.68 -4.77 -20.82
CA GLN B 95 -45.27 -5.58 -21.90
C GLN B 95 -45.08 -7.06 -21.65
N HIS B 96 -43.95 -7.46 -21.06
CA HIS B 96 -43.77 -8.86 -20.70
C HIS B 96 -44.70 -9.26 -19.56
N ALA B 97 -44.95 -8.35 -18.62
CA ALA B 97 -45.87 -8.64 -17.54
C ALA B 97 -47.27 -8.89 -18.08
N GLU B 98 -47.71 -8.08 -19.05
CA GLU B 98 -49.01 -8.32 -19.67
C GLU B 98 -49.10 -9.72 -20.26
N VAL B 99 -48.03 -10.17 -20.92
CA VAL B 99 -48.02 -11.51 -21.50
C VAL B 99 -48.26 -12.55 -20.42
N LEU B 100 -47.57 -12.43 -19.29
CA LEU B 100 -47.71 -13.42 -18.23
C LEU B 100 -49.12 -13.39 -17.62
N VAL B 101 -49.70 -12.19 -17.48
CA VAL B 101 -51.05 -12.09 -16.96
C VAL B 101 -52.02 -12.87 -17.83
N LYS B 102 -51.86 -12.76 -19.15
CA LYS B 102 -52.77 -13.46 -20.06
C LYS B 102 -52.50 -14.96 -20.07
N SER B 103 -51.23 -15.37 -20.12
CA SER B 103 -50.92 -16.80 -20.17
C SER B 103 -51.25 -17.49 -18.85
N ASN B 104 -51.36 -16.74 -17.76
CA ASN B 104 -51.76 -17.29 -16.47
C ASN B 104 -53.24 -17.09 -16.18
N ASN B 105 -54.01 -16.60 -17.15
CA ASN B 105 -55.46 -16.51 -17.03
C ASN B 105 -55.87 -15.63 -15.85
N LEU B 106 -55.20 -14.48 -15.71
CA LEU B 106 -55.48 -13.53 -14.64
C LEU B 106 -55.79 -12.14 -15.20
N THR B 107 -56.32 -12.09 -16.43
CA THR B 107 -56.69 -10.82 -17.04
C THR B 107 -57.79 -10.11 -16.26
N ASP B 108 -58.56 -10.85 -15.47
CA ASP B 108 -59.68 -10.28 -14.73
C ASP B 108 -59.28 -9.69 -13.38
N ARG B 109 -58.02 -9.84 -12.97
CA ARG B 109 -57.61 -9.42 -11.64
C ARG B 109 -56.36 -8.55 -11.65
N ILE B 110 -55.44 -8.79 -12.59
CA ILE B 110 -54.19 -8.04 -12.65
C ILE B 110 -54.24 -7.13 -13.88
N VAL B 111 -54.18 -5.81 -13.64
CA VAL B 111 -54.23 -4.81 -14.69
C VAL B 111 -52.89 -4.11 -14.72
N VAL B 112 -52.06 -4.43 -15.72
CA VAL B 112 -50.79 -3.74 -15.89
C VAL B 112 -51.06 -2.34 -16.41
N ILE B 113 -50.45 -1.35 -15.77
CA ILE B 113 -50.56 0.05 -16.18
C ILE B 113 -49.15 0.58 -16.42
N PRO B 114 -48.71 0.64 -17.68
CA PRO B 114 -47.33 1.05 -17.95
C PRO B 114 -47.12 2.53 -17.73
N GLY B 115 -45.95 2.88 -17.21
CA GLY B 115 -45.58 4.24 -16.93
C GLY B 115 -44.97 4.38 -15.56
N LYS B 116 -44.53 5.60 -15.26
CA LYS B 116 -44.02 5.92 -13.94
C LYS B 116 -45.18 6.18 -13.00
N VAL B 117 -45.07 5.70 -11.76
CA VAL B 117 -46.15 5.81 -10.80
C VAL B 117 -46.47 7.27 -10.50
N GLU B 118 -45.50 8.18 -10.69
CA GLU B 118 -45.75 9.60 -10.51
C GLU B 118 -46.55 10.21 -11.65
N GLU B 119 -46.78 9.47 -12.73
CA GLU B 119 -47.39 10.02 -13.93
C GLU B 119 -48.62 9.27 -14.41
N VAL B 120 -48.79 8.00 -14.05
CA VAL B 120 -49.95 7.24 -14.50
C VAL B 120 -51.19 7.73 -13.76
N SER B 121 -52.36 7.26 -14.20
CA SER B 121 -53.63 7.58 -13.58
C SER B 121 -54.29 6.28 -13.16
N LEU B 122 -54.44 6.06 -11.86
CA LEU B 122 -55.11 4.85 -11.38
C LEU B 122 -56.62 5.06 -11.37
N PRO B 123 -57.40 4.01 -11.65
CA PRO B 123 -58.87 4.18 -11.66
C PRO B 123 -59.48 4.38 -10.29
N GLU B 124 -58.80 3.98 -9.22
CA GLU B 124 -59.41 4.03 -7.89
C GLU B 124 -58.31 3.99 -6.84
N GLN B 125 -58.69 4.32 -5.60
CA GLN B 125 -57.79 4.20 -4.47
C GLN B 125 -57.65 2.74 -4.08
N VAL B 126 -56.58 2.43 -3.33
CA VAL B 126 -56.23 1.04 -3.04
C VAL B 126 -56.15 0.85 -1.54
N ASP B 127 -56.28 -0.42 -1.13
CA ASP B 127 -56.21 -0.80 0.27
C ASP B 127 -54.78 -1.08 0.74
N ILE B 128 -53.88 -1.43 -0.18
CA ILE B 128 -52.53 -1.81 0.20
C ILE B 128 -51.63 -1.61 -1.01
N ILE B 129 -50.41 -1.17 -0.75
CA ILE B 129 -49.38 -1.00 -1.77
C ILE B 129 -48.28 -2.01 -1.51
N ILE B 130 -47.86 -2.71 -2.55
CA ILE B 130 -46.75 -3.65 -2.46
C ILE B 130 -45.69 -3.20 -3.45
N SER B 131 -44.43 -3.41 -3.08
CA SER B 131 -43.34 -2.97 -3.94
C SER B 131 -42.03 -3.55 -3.42
N GLU B 132 -41.02 -3.50 -4.28
CA GLU B 132 -39.63 -3.79 -3.90
C GLU B 132 -38.79 -2.57 -4.24
N PRO B 133 -38.91 -1.50 -3.46
CA PRO B 133 -38.18 -0.26 -3.76
C PRO B 133 -36.76 -0.18 -3.22
N MET B 134 -36.24 -1.26 -2.64
CA MET B 134 -34.94 -1.22 -2.00
C MET B 134 -33.83 -1.35 -3.03
N GLY B 135 -32.92 -0.37 -3.07
CA GLY B 135 -31.64 -0.54 -3.72
C GLY B 135 -30.60 -1.00 -2.72
N TYR B 136 -29.38 -1.19 -3.21
CA TYR B 136 -28.30 -1.53 -2.30
C TYR B 136 -28.05 -0.35 -1.36
N MET B 137 -27.72 -0.67 -0.11
CA MET B 137 -27.75 0.29 0.99
C MET B 137 -29.13 0.88 1.20
N LEU B 138 -30.15 0.22 0.64
CA LEU B 138 -31.55 0.60 0.76
C LEU B 138 -31.92 1.79 -0.12
N PHE B 139 -31.16 2.88 -0.03
CA PHE B 139 -31.61 4.14 -0.59
C PHE B 139 -31.25 4.34 -2.05
N ASN B 140 -30.30 3.59 -2.60
CA ASN B 140 -29.93 3.77 -4.00
C ASN B 140 -31.16 3.62 -4.90
N GLU B 141 -31.12 4.31 -6.04
CA GLU B 141 -32.20 4.32 -7.03
C GLU B 141 -33.27 5.35 -6.68
N ARG B 142 -33.31 5.80 -5.42
CA ARG B 142 -34.31 6.74 -4.95
C ARG B 142 -35.72 6.24 -5.28
N MET B 143 -35.91 4.93 -5.31
CA MET B 143 -37.23 4.38 -5.59
C MET B 143 -38.14 4.40 -4.37
N LEU B 144 -37.59 4.55 -3.16
CA LEU B 144 -38.43 4.71 -1.98
C LEU B 144 -39.32 5.94 -2.11
N GLU B 145 -38.82 6.99 -2.78
CA GLU B 145 -39.62 8.20 -2.95
C GLU B 145 -40.81 7.94 -3.88
N SER B 146 -40.61 7.12 -4.92
CA SER B 146 -41.74 6.71 -5.75
C SER B 146 -42.72 5.86 -4.95
N TYR B 147 -42.19 4.99 -4.09
CA TYR B 147 -43.03 4.17 -3.21
C TYR B 147 -43.88 5.06 -2.29
N LEU B 148 -43.25 6.05 -1.65
CA LEU B 148 -43.99 6.96 -0.79
C LEU B 148 -44.94 7.83 -1.60
N HIS B 149 -44.47 8.32 -2.76
CA HIS B 149 -45.33 9.12 -3.62
C HIS B 149 -46.63 8.39 -3.95
N ALA B 150 -46.56 7.07 -4.10
CA ALA B 150 -47.73 6.28 -4.44
C ALA B 150 -48.81 6.30 -3.37
N LYS B 151 -48.49 6.76 -2.15
CA LYS B 151 -49.49 6.81 -1.09
C LYS B 151 -50.62 7.78 -1.41
N LYS B 152 -50.47 8.62 -2.44
CA LYS B 152 -51.61 9.44 -2.88
C LYS B 152 -52.77 8.58 -3.34
N TYR B 153 -52.52 7.33 -3.72
CA TYR B 153 -53.56 6.40 -4.12
C TYR B 153 -54.00 5.49 -2.98
N LEU B 154 -53.44 5.65 -1.79
CA LEU B 154 -53.72 4.75 -0.68
C LEU B 154 -54.87 5.28 0.16
N LYS B 155 -55.79 4.38 0.52
CA LYS B 155 -56.87 4.72 1.42
C LYS B 155 -56.32 5.09 2.79
N PRO B 156 -57.07 5.87 3.58
CA PRO B 156 -56.63 6.16 4.95
C PRO B 156 -56.42 4.92 5.80
N SER B 157 -57.23 3.87 5.60
CA SER B 157 -57.07 2.61 6.31
C SER B 157 -56.02 1.72 5.69
N GLY B 158 -55.17 2.24 4.79
CA GLY B 158 -54.33 1.40 3.99
C GLY B 158 -53.04 0.98 4.66
N ASN B 159 -52.43 -0.06 4.10
CA ASN B 159 -51.19 -0.62 4.59
C ASN B 159 -50.15 -0.60 3.46
N MET B 160 -48.89 -0.81 3.83
N MET B 160 -48.90 -0.82 3.84
CA MET B 160 -47.81 -0.83 2.88
CA MET B 160 -47.77 -0.80 2.92
C MET B 160 -46.91 -2.02 3.13
C MET B 160 -46.92 -2.05 3.15
N PHE B 161 -46.53 -2.71 2.06
CA PHE B 161 -45.69 -3.89 2.12
C PHE B 161 -44.48 -3.67 1.20
N PRO B 162 -43.28 -3.43 1.72
CA PRO B 162 -42.87 -3.42 3.13
C PRO B 162 -43.41 -2.23 3.90
N THR B 163 -43.50 -2.36 5.23
CA THR B 163 -44.05 -1.32 6.08
C THR B 163 -42.99 -0.42 6.68
N ILE B 164 -41.81 -0.95 7.00
CA ILE B 164 -40.70 -0.16 7.52
C ILE B 164 -39.40 -0.68 6.94
N GLY B 165 -38.38 0.16 7.01
CA GLY B 165 -37.03 -0.24 6.62
C GLY B 165 -36.02 0.18 7.66
N ASP B 166 -35.15 -0.74 8.05
CA ASP B 166 -34.09 -0.48 9.01
C ASP B 166 -32.76 -0.51 8.28
N VAL B 167 -32.01 0.58 8.35
CA VAL B 167 -30.62 0.63 7.88
C VAL B 167 -29.72 0.39 9.09
N HIS B 168 -28.79 -0.55 8.94
CA HIS B 168 -27.81 -0.85 9.97
C HIS B 168 -26.43 -0.43 9.49
N LEU B 169 -25.63 0.11 10.40
CA LEU B 169 -24.25 0.46 10.10
C LEU B 169 -23.37 0.09 11.28
N ALA B 170 -22.18 -0.42 10.98
CA ALA B 170 -21.24 -0.85 11.99
C ALA B 170 -19.83 -0.64 11.46
N PRO B 171 -18.88 -0.26 12.32
CA PRO B 171 -17.49 -0.16 11.87
C PRO B 171 -16.90 -1.54 11.64
N PHE B 172 -15.96 -1.61 10.70
CA PHE B 172 -15.31 -2.87 10.37
C PHE B 172 -13.81 -2.67 10.25
N THR B 173 -13.09 -3.79 10.28
CA THR B 173 -11.66 -3.83 9.98
C THR B 173 -11.44 -4.84 8.86
N ASP B 174 -10.77 -4.40 7.80
CA ASP B 174 -10.45 -5.28 6.68
C ASP B 174 -9.23 -4.74 5.94
N GLU B 175 -8.04 -5.06 6.47
CA GLU B 175 -6.82 -4.54 5.88
C GLU B 175 -6.67 -4.95 4.42
N GLN B 176 -7.09 -6.17 4.09
CA GLN B 176 -6.97 -6.65 2.71
C GLN B 176 -7.76 -5.76 1.75
N LEU B 177 -9.00 -5.46 2.10
CA LEU B 177 -9.82 -4.61 1.23
C LEU B 177 -9.19 -3.23 1.07
N TYR B 178 -8.62 -2.69 2.15
CA TYR B 178 -8.02 -1.36 2.08
C TYR B 178 -6.83 -1.35 1.13
N MET B 179 -5.92 -2.32 1.27
CA MET B 179 -4.76 -2.37 0.39
C MET B 179 -5.17 -2.63 -1.05
N GLU B 180 -6.20 -3.46 -1.25
CA GLU B 180 -6.68 -3.72 -2.60
C GLU B 180 -7.08 -2.43 -3.31
N GLN B 181 -7.88 -1.60 -2.65
CA GLN B 181 -8.30 -0.34 -3.26
C GLN B 181 -7.13 0.64 -3.37
N PHE B 182 -6.27 0.69 -2.35
CA PHE B 182 -5.13 1.58 -2.38
C PHE B 182 -4.11 1.16 -3.44
N THR B 183 -3.96 -0.16 -3.66
CA THR B 183 -3.06 -0.64 -4.71
C THR B 183 -3.52 -0.17 -6.08
N LYS B 184 -4.84 -0.13 -6.31
CA LYS B 184 -5.35 0.35 -7.59
C LYS B 184 -5.02 1.82 -7.79
N ALA B 185 -5.18 2.64 -6.75
CA ALA B 185 -4.89 4.06 -6.88
C ALA B 185 -3.40 4.32 -7.08
N ASN B 186 -2.55 3.45 -6.56
CA ASN B 186 -1.11 3.66 -6.65
C ASN B 186 -0.58 3.60 -8.08
N PHE B 187 -1.39 3.14 -9.03
CA PHE B 187 -1.00 3.25 -10.43
C PHE B 187 -0.68 4.69 -10.80
N TRP B 188 -1.45 5.63 -10.26
CA TRP B 188 -1.26 7.05 -10.52
C TRP B 188 -0.19 7.67 -9.63
N TYR B 189 0.59 6.84 -8.94
CA TYR B 189 1.78 7.27 -8.22
C TYR B 189 3.04 7.19 -9.08
N GLN B 190 2.97 6.53 -10.22
CA GLN B 190 4.15 6.30 -11.03
C GLN B 190 4.76 7.62 -11.48
N PRO B 191 6.07 7.82 -11.36
CA PRO B 191 6.71 9.01 -11.92
C PRO B 191 7.20 8.84 -13.35
N SER B 192 7.13 7.65 -13.92
CA SER B 192 7.66 7.41 -15.26
C SER B 192 6.91 6.25 -15.92
N PHE B 193 5.60 6.40 -16.09
CA PHE B 193 4.81 5.43 -16.84
C PHE B 193 5.08 5.66 -18.33
N HIS B 194 5.81 4.73 -18.96
CA HIS B 194 6.26 4.92 -20.34
C HIS B 194 6.94 6.27 -20.51
N GLY B 195 7.63 6.73 -19.46
CA GLY B 195 8.30 8.00 -19.50
C GLY B 195 7.45 9.20 -19.11
N VAL B 196 6.21 8.99 -18.68
CA VAL B 196 5.31 10.07 -18.29
C VAL B 196 5.13 10.02 -16.78
N ASP B 197 5.18 11.20 -16.15
CA ASP B 197 5.00 11.32 -14.70
C ASP B 197 3.51 11.50 -14.41
N LEU B 198 2.91 10.49 -13.77
CA LEU B 198 1.49 10.51 -13.43
C LEU B 198 1.21 10.96 -12.00
N SER B 199 2.26 11.17 -11.19
CA SER B 199 2.09 11.32 -9.75
C SER B 199 1.17 12.49 -9.39
N ALA B 200 1.13 13.53 -10.22
CA ALA B 200 0.30 14.68 -9.91
C ALA B 200 -1.17 14.32 -9.76
N LEU B 201 -1.59 13.16 -10.26
CA LEU B 201 -2.97 12.70 -10.15
C LEU B 201 -3.16 11.65 -9.06
N ARG B 202 -2.11 11.32 -8.30
CA ARG B 202 -2.26 10.40 -7.17
C ARG B 202 -3.47 10.77 -6.32
N GLY B 203 -3.56 12.02 -5.90
CA GLY B 203 -4.64 12.41 -5.00
C GLY B 203 -6.01 12.21 -5.61
N ALA B 204 -6.18 12.65 -6.86
CA ALA B 204 -7.46 12.49 -7.54
C ALA B 204 -7.83 11.01 -7.67
N ALA B 205 -6.83 10.16 -7.90
CA ALA B 205 -7.09 8.73 -8.06
C ALA B 205 -7.56 8.10 -6.75
N VAL B 206 -6.85 8.40 -5.66
CA VAL B 206 -7.27 7.89 -4.35
C VAL B 206 -8.69 8.35 -4.04
N ASP B 207 -8.99 9.61 -4.33
CA ASP B 207 -10.34 10.12 -4.08
C ASP B 207 -11.38 9.33 -4.86
N GLU B 208 -11.12 9.12 -6.16
CA GLU B 208 -12.08 8.41 -6.99
C GLU B 208 -12.33 7.00 -6.48
N TYR B 209 -11.26 6.24 -6.24
CA TYR B 209 -11.42 4.84 -5.84
C TYR B 209 -12.14 4.72 -4.51
N PHE B 210 -11.81 5.59 -3.54
CA PHE B 210 -12.42 5.50 -2.22
C PHE B 210 -13.79 6.14 -2.14
N ARG B 211 -14.21 6.88 -3.18
CA ARG B 211 -15.61 7.29 -3.27
C ARG B 211 -16.51 6.13 -3.67
N GLN B 212 -15.96 5.02 -4.13
CA GLN B 212 -16.77 3.89 -4.56
C GLN B 212 -17.19 3.05 -3.36
N PRO B 213 -18.48 2.88 -3.10
CA PRO B 213 -18.89 1.89 -2.09
C PRO B 213 -18.58 0.49 -2.57
N VAL B 214 -18.13 -0.35 -1.63
CA VAL B 214 -17.76 -1.73 -1.93
C VAL B 214 -18.99 -2.60 -1.68
N VAL B 215 -19.50 -3.22 -2.73
CA VAL B 215 -20.69 -4.07 -2.65
C VAL B 215 -20.23 -5.51 -2.71
N ASP B 216 -20.32 -6.21 -1.59
CA ASP B 216 -20.00 -7.63 -1.50
C ASP B 216 -20.41 -8.07 -0.10
N THR B 217 -20.11 -9.32 0.22
CA THR B 217 -20.36 -9.85 1.56
C THR B 217 -19.04 -10.03 2.30
N PHE B 218 -19.15 -10.32 3.59
CA PHE B 218 -17.99 -10.42 4.46
C PHE B 218 -18.37 -11.22 5.69
N ASP B 219 -17.34 -11.73 6.38
CA ASP B 219 -17.54 -12.43 7.63
C ASP B 219 -17.82 -11.44 8.75
N ILE B 220 -18.78 -11.79 9.60
CA ILE B 220 -19.21 -10.88 10.67
C ILE B 220 -18.12 -10.61 11.69
N ARG B 221 -17.04 -11.38 11.68
CA ARG B 221 -15.97 -11.16 12.64
C ARG B 221 -15.13 -9.93 12.32
N ILE B 222 -15.36 -9.26 11.19
CA ILE B 222 -14.66 -8.02 10.89
C ILE B 222 -15.34 -6.81 11.52
N LEU B 223 -16.55 -6.97 12.05
CA LEU B 223 -17.26 -5.87 12.68
C LEU B 223 -16.72 -5.64 14.08
N MET B 224 -16.51 -4.37 14.41
CA MET B 224 -15.84 -3.99 15.65
C MET B 224 -16.79 -3.45 16.71
N ALA B 225 -18.09 -3.42 16.45
CA ALA B 225 -19.03 -2.88 17.41
C ALA B 225 -20.45 -3.26 16.99
N LYS B 226 -21.37 -3.19 17.94
CA LYS B 226 -22.78 -3.45 17.65
C LYS B 226 -23.30 -2.36 16.71
N SER B 227 -24.19 -2.76 15.81
CA SER B 227 -24.66 -1.85 14.77
C SER B 227 -25.60 -0.80 15.32
N VAL B 228 -25.62 0.35 14.66
CA VAL B 228 -26.59 1.41 14.92
C VAL B 228 -27.68 1.30 13.87
N LYS B 229 -28.92 1.56 14.28
CA LYS B 229 -30.09 1.33 13.44
C LYS B 229 -30.77 2.66 13.12
N TYR B 230 -31.10 2.86 11.85
CA TYR B 230 -31.88 4.00 11.40
C TYR B 230 -33.12 3.48 10.69
N THR B 231 -34.30 3.91 11.14
CA THR B 231 -35.57 3.35 10.70
C THR B 231 -36.33 4.36 9.87
N VAL B 232 -36.87 3.91 8.74
CA VAL B 232 -37.81 4.68 7.93
C VAL B 232 -39.15 3.96 8.00
N ASN B 233 -40.18 4.67 8.44
CA ASN B 233 -41.54 4.14 8.49
C ASN B 233 -42.26 4.56 7.22
N PHE B 234 -42.47 3.60 6.31
CA PHE B 234 -43.06 3.92 5.01
C PHE B 234 -44.52 4.37 5.14
N LEU B 235 -45.21 3.93 6.20
CA LEU B 235 -46.58 4.39 6.42
C LEU B 235 -46.62 5.87 6.73
N GLU B 236 -45.61 6.40 7.41
CA GLU B 236 -45.63 7.77 7.90
C GLU B 236 -44.76 8.73 7.11
N ALA B 237 -43.68 8.24 6.50
CA ALA B 237 -42.73 9.12 5.85
C ALA B 237 -43.34 9.79 4.62
N LYS B 238 -42.77 10.93 4.25
CA LYS B 238 -43.13 11.65 3.04
C LYS B 238 -41.91 11.75 2.14
N GLU B 239 -42.17 11.92 0.84
CA GLU B 239 -41.09 11.97 -0.15
C GLU B 239 -39.95 12.86 0.32
N GLY B 240 -40.27 14.06 0.79
CA GLY B 240 -39.26 15.02 1.17
C GLY B 240 -38.38 14.57 2.31
N ASP B 241 -38.80 13.55 3.06
CA ASP B 241 -37.97 13.03 4.15
C ASP B 241 -36.71 12.36 3.64
N LEU B 242 -36.66 11.98 2.36
CA LEU B 242 -35.54 11.23 1.82
C LEU B 242 -34.60 12.09 0.98
N HIS B 243 -34.83 13.40 0.90
CA HIS B 243 -33.91 14.26 0.16
C HIS B 243 -32.63 14.48 0.94
N ARG B 244 -32.70 14.52 2.27
CA ARG B 244 -31.54 14.67 3.13
C ARG B 244 -31.71 13.74 4.31
N ILE B 245 -30.90 12.68 4.38
CA ILE B 245 -30.99 11.67 5.41
C ILE B 245 -29.76 11.80 6.30
N GLU B 246 -29.98 12.11 7.57
CA GLU B 246 -28.90 12.33 8.52
C GLU B 246 -28.93 11.21 9.57
N ILE B 247 -27.87 10.40 9.59
CA ILE B 247 -27.81 9.25 10.48
C ILE B 247 -26.65 9.43 11.45
N PRO B 248 -26.87 9.96 12.65
CA PRO B 248 -25.79 10.02 13.63
C PRO B 248 -25.53 8.65 14.23
N PHE B 249 -24.32 8.46 14.75
CA PHE B 249 -23.96 7.18 15.34
C PHE B 249 -22.94 7.41 16.45
N LYS B 250 -22.86 6.43 17.36
CA LYS B 250 -21.94 6.47 18.49
C LYS B 250 -21.68 5.01 18.89
N PHE B 251 -20.63 4.44 18.32
CA PHE B 251 -20.30 3.03 18.54
C PHE B 251 -19.44 2.87 19.78
N HIS B 252 -19.71 1.80 20.53
CA HIS B 252 -18.88 1.41 21.67
C HIS B 252 -18.00 0.25 21.20
N MET B 253 -16.74 0.56 20.90
CA MET B 253 -15.86 -0.40 20.25
C MET B 253 -15.67 -1.63 21.12
N LEU B 254 -15.98 -2.81 20.57
CA LEU B 254 -15.83 -4.06 21.30
C LEU B 254 -14.45 -4.67 21.12
N HIS B 255 -13.71 -4.28 20.09
CA HIS B 255 -12.38 -4.81 19.82
C HIS B 255 -11.44 -3.67 19.48
N SER B 256 -10.17 -3.86 19.82
CA SER B 256 -9.13 -2.92 19.44
C SER B 256 -8.62 -3.25 18.04
N GLY B 257 -8.23 -2.23 17.31
CA GLY B 257 -7.71 -2.40 15.97
C GLY B 257 -8.01 -1.19 15.11
N LEU B 258 -7.73 -1.35 13.82
CA LEU B 258 -7.94 -0.28 12.85
C LEU B 258 -9.35 -0.34 12.30
N VAL B 259 -10.03 0.80 12.32
CA VAL B 259 -11.35 0.96 11.71
C VAL B 259 -11.13 1.41 10.28
N HIS B 260 -11.32 0.51 9.32
CA HIS B 260 -11.12 0.83 7.92
C HIS B 260 -12.34 1.45 7.27
N GLY B 261 -13.51 1.41 7.91
CA GLY B 261 -14.68 2.04 7.35
C GLY B 261 -15.93 1.61 8.08
N LEU B 262 -17.08 1.85 7.44
CA LEU B 262 -18.38 1.47 7.97
C LEU B 262 -19.06 0.51 7.00
N ALA B 263 -19.70 -0.53 7.56
CA ALA B 263 -20.45 -1.50 6.79
C ALA B 263 -21.94 -1.20 6.92
N PHE B 264 -22.68 -1.39 5.82
CA PHE B 264 -24.10 -1.08 5.78
C PHE B 264 -24.89 -2.28 5.30
N TRP B 265 -26.05 -2.50 5.92
CA TRP B 265 -27.03 -3.45 5.44
C TRP B 265 -28.41 -2.96 5.89
N PHE B 266 -29.46 -3.66 5.45
CA PHE B 266 -30.80 -3.20 5.77
C PHE B 266 -31.75 -4.37 5.94
N ASP B 267 -32.77 -4.15 6.77
CA ASP B 267 -33.91 -5.03 6.89
C ASP B 267 -35.17 -4.26 6.53
N VAL B 268 -36.15 -4.98 5.98
CA VAL B 268 -37.50 -4.45 5.84
C VAL B 268 -38.45 -5.41 6.51
N ALA B 269 -39.56 -4.88 7.02
CA ALA B 269 -40.56 -5.67 7.73
C ALA B 269 -41.91 -5.46 7.06
N PHE B 270 -42.59 -6.56 6.78
CA PHE B 270 -43.97 -6.55 6.27
C PHE B 270 -44.88 -6.74 7.47
N ILE B 271 -45.45 -5.65 7.96
CA ILE B 271 -46.25 -5.67 9.18
C ILE B 271 -47.70 -5.90 8.76
N GLY B 272 -48.08 -7.17 8.69
CA GLY B 272 -49.43 -7.55 8.31
C GLY B 272 -50.32 -7.77 9.51
N SER B 273 -51.61 -7.99 9.22
CA SER B 273 -52.58 -8.23 10.29
C SER B 273 -52.33 -9.55 10.99
N ILE B 274 -51.84 -10.56 10.27
CA ILE B 274 -51.66 -11.88 10.85
C ILE B 274 -50.29 -12.02 11.51
N MET B 275 -49.23 -11.56 10.83
CA MET B 275 -47.89 -11.67 11.39
C MET B 275 -46.96 -10.71 10.67
N THR B 276 -45.84 -10.41 11.31
CA THR B 276 -44.79 -9.61 10.73
C THR B 276 -43.72 -10.53 10.13
N VAL B 277 -43.38 -10.29 8.88
CA VAL B 277 -42.35 -11.06 8.18
C VAL B 277 -41.19 -10.13 7.86
N TRP B 278 -39.98 -10.59 8.14
CA TRP B 278 -38.78 -9.79 7.95
C TRP B 278 -37.99 -10.30 6.75
N LEU B 279 -37.50 -9.36 5.94
CA LEU B 279 -36.54 -9.64 4.88
C LEU B 279 -35.24 -8.92 5.25
N SER B 280 -34.20 -9.69 5.55
CA SER B 280 -32.95 -9.15 6.05
C SER B 280 -31.83 -9.37 5.04
N THR B 281 -31.00 -8.36 4.86
CA THR B 281 -29.77 -8.46 4.08
C THR B 281 -28.53 -8.40 4.96
N ALA B 282 -28.68 -8.74 6.24
CA ALA B 282 -27.58 -8.65 7.18
C ALA B 282 -26.53 -9.72 6.88
N PRO B 283 -25.27 -9.48 7.26
CA PRO B 283 -24.22 -10.49 7.02
C PRO B 283 -24.37 -11.73 7.88
N THR B 284 -25.22 -11.69 8.90
CA THR B 284 -25.55 -12.87 9.69
C THR B 284 -26.61 -13.74 9.04
N GLU B 285 -27.17 -13.31 7.90
CA GLU B 285 -28.26 -13.99 7.24
C GLU B 285 -27.83 -14.50 5.87
N PRO B 286 -28.59 -15.42 5.27
CA PRO B 286 -28.26 -15.89 3.93
C PRO B 286 -28.12 -14.73 2.95
N LEU B 287 -27.20 -14.88 2.01
CA LEU B 287 -26.86 -13.80 1.10
C LEU B 287 -28.00 -13.51 0.13
N THR B 288 -28.16 -12.22 -0.20
CA THR B 288 -29.12 -11.77 -1.19
C THR B 288 -28.39 -11.01 -2.29
N HIS B 289 -29.09 -10.72 -3.38
CA HIS B 289 -28.47 -9.96 -4.46
C HIS B 289 -28.15 -8.53 -4.05
N TRP B 290 -28.65 -8.06 -2.90
CA TRP B 290 -28.22 -6.78 -2.36
C TRP B 290 -26.86 -6.87 -1.67
N TYR B 291 -26.43 -8.06 -1.26
CA TYR B 291 -25.18 -8.24 -0.55
C TYR B 291 -25.14 -7.32 0.66
N GLN B 292 -23.98 -6.71 0.93
CA GLN B 292 -23.86 -5.62 1.88
C GLN B 292 -23.00 -4.55 1.23
N VAL B 293 -22.96 -3.38 1.84
CA VAL B 293 -22.19 -2.25 1.32
C VAL B 293 -21.22 -1.76 2.38
N ARG B 294 -20.00 -1.46 1.96
CA ARG B 294 -18.96 -0.93 2.85
C ARG B 294 -18.40 0.34 2.26
N CYS B 295 -18.26 1.37 3.10
CA CYS B 295 -17.63 2.63 2.72
C CYS B 295 -16.26 2.68 3.37
N LEU B 296 -15.22 2.89 2.56
CA LEU B 296 -13.84 2.87 3.05
C LEU B 296 -13.37 4.26 3.43
N PHE B 297 -12.65 4.34 4.55
CA PHE B 297 -11.91 5.54 4.88
C PHE B 297 -10.61 5.57 4.10
N GLN B 298 -10.22 6.76 3.63
CA GLN B 298 -8.92 6.89 2.97
C GLN B 298 -7.78 6.64 3.95
N SER B 299 -8.02 6.90 5.23
CA SER B 299 -7.05 6.61 6.28
C SER B 299 -7.78 5.99 7.47
N PRO B 300 -7.47 4.75 7.85
CA PRO B 300 -8.21 4.11 8.94
C PRO B 300 -7.97 4.80 10.26
N LEU B 301 -8.95 4.68 11.15
CA LEU B 301 -8.86 5.20 12.51
C LEU B 301 -8.48 4.08 13.46
N PHE B 302 -7.55 4.34 14.35
CA PHE B 302 -7.19 3.39 15.39
C PHE B 302 -8.04 3.66 16.63
N ALA B 303 -8.62 2.59 17.18
CA ALA B 303 -9.44 2.70 18.37
C ALA B 303 -9.18 1.49 19.27
N LYS B 304 -9.21 1.73 20.57
CA LYS B 304 -9.09 0.68 21.56
C LYS B 304 -10.47 0.24 22.02
N ALA B 305 -10.58 -1.04 22.37
CA ALA B 305 -11.82 -1.56 22.94
C ALA B 305 -12.25 -0.67 24.10
N GLY B 306 -13.53 -0.32 24.13
CA GLY B 306 -14.07 0.58 25.12
C GLY B 306 -14.14 2.03 24.68
N ASP B 307 -13.38 2.40 23.64
CA ASP B 307 -13.51 3.74 23.08
C ASP B 307 -14.86 3.92 22.40
N THR B 308 -15.20 5.17 22.12
CA THR B 308 -16.42 5.50 21.39
C THR B 308 -16.06 6.11 20.04
N LEU B 309 -16.69 5.61 18.99
CA LEU B 309 -16.54 6.15 17.64
C LEU B 309 -17.84 6.85 17.28
N SER B 310 -17.81 8.17 17.22
CA SER B 310 -19.00 8.98 16.99
C SER B 310 -18.86 9.77 15.70
N GLY B 311 -20.00 10.16 15.16
CA GLY B 311 -20.01 10.92 13.92
C GLY B 311 -21.40 10.90 13.30
N THR B 312 -21.42 11.08 11.98
CA THR B 312 -22.67 11.24 11.27
C THR B 312 -22.51 10.73 9.84
N CYS B 313 -23.54 10.04 9.35
N CYS B 313 -23.54 10.02 9.37
CA CYS B 313 -23.66 9.69 7.95
CA CYS B 313 -23.69 9.68 7.96
C CYS B 313 -24.75 10.56 7.34
C CYS B 313 -24.75 10.59 7.37
N LEU B 314 -24.39 11.35 6.33
CA LEU B 314 -25.29 12.28 5.68
C LEU B 314 -25.48 11.86 4.23
N LEU B 315 -26.74 11.64 3.83
CA LEU B 315 -27.07 11.26 2.47
C LEU B 315 -27.86 12.39 1.82
N ILE B 316 -27.30 12.96 0.77
CA ILE B 316 -27.94 14.03 0.01
C ILE B 316 -28.36 13.45 -1.33
N ALA B 317 -29.66 13.41 -1.58
CA ALA B 317 -30.16 12.90 -2.84
C ALA B 317 -29.69 13.77 -3.99
N ASN B 318 -29.35 13.13 -5.11
CA ASN B 318 -28.97 13.84 -6.32
C ASN B 318 -29.91 13.46 -7.46
N LYS B 319 -29.82 14.22 -8.54
CA LYS B 319 -30.73 14.04 -9.67
C LYS B 319 -30.37 12.85 -10.55
N ARG B 320 -29.38 12.05 -10.16
CA ARG B 320 -29.03 10.81 -10.86
C ARG B 320 -29.57 9.58 -10.14
N GLN B 321 -30.67 9.74 -9.40
CA GLN B 321 -31.38 8.61 -8.79
C GLN B 321 -30.51 7.90 -7.76
N SER B 322 -29.72 8.68 -7.02
CA SER B 322 -28.87 8.11 -5.99
C SER B 322 -28.55 9.21 -4.99
N TYR B 323 -27.53 8.99 -4.16
CA TYR B 323 -27.17 9.90 -3.10
C TYR B 323 -25.68 10.17 -3.11
N ASP B 324 -25.31 11.39 -2.72
CA ASP B 324 -23.94 11.73 -2.38
C ASP B 324 -23.81 11.60 -0.87
N ILE B 325 -22.91 10.73 -0.42
CA ILE B 325 -22.81 10.35 0.98
C ILE B 325 -21.53 10.98 1.55
N SER B 326 -21.67 11.62 2.70
CA SER B 326 -20.52 12.08 3.48
C SER B 326 -20.54 11.36 4.82
N ILE B 327 -19.40 10.81 5.21
CA ILE B 327 -19.26 10.11 6.47
C ILE B 327 -18.13 10.78 7.25
N VAL B 328 -18.45 11.28 8.44
CA VAL B 328 -17.47 11.84 9.36
C VAL B 328 -17.48 10.98 10.61
N ALA B 329 -16.31 10.48 11.00
CA ALA B 329 -16.16 9.62 12.15
C ALA B 329 -15.00 10.11 13.01
N GLN B 330 -15.13 9.91 14.32
CA GLN B 330 -14.17 10.48 15.26
C GLN B 330 -14.03 9.54 16.45
N VAL B 331 -12.79 9.14 16.74
CA VAL B 331 -12.49 8.42 17.98
C VAL B 331 -12.45 9.45 19.10
N ASP B 332 -13.49 9.45 19.93
CA ASP B 332 -13.67 10.53 20.90
C ASP B 332 -12.47 10.64 21.84
N GLN B 333 -11.88 9.51 22.22
CA GLN B 333 -10.82 9.53 23.24
C GLN B 333 -9.52 10.15 22.73
N THR B 334 -9.33 10.24 21.41
CA THR B 334 -8.09 10.77 20.86
C THR B 334 -8.29 11.90 19.86
N GLY B 335 -9.53 12.21 19.48
CA GLY B 335 -9.75 13.23 18.48
C GLY B 335 -9.33 12.86 17.07
N SER B 336 -9.00 11.59 16.84
CA SER B 336 -8.67 11.13 15.49
C SER B 336 -9.94 11.14 14.64
N LYS B 337 -9.95 11.95 13.59
CA LYS B 337 -11.14 12.21 12.80
C LYS B 337 -10.90 11.81 11.35
N SER B 338 -11.95 11.31 10.70
CA SER B 338 -11.89 10.89 9.30
C SER B 338 -13.12 11.40 8.58
N SER B 339 -12.92 12.14 7.49
CA SER B 339 -14.00 12.65 6.65
C SER B 339 -13.91 12.00 5.28
N ASN B 340 -15.06 11.57 4.75
CA ASN B 340 -15.10 10.80 3.53
C ASN B 340 -16.32 11.18 2.70
N LEU B 341 -16.18 11.05 1.39
CA LEU B 341 -17.28 11.21 0.45
C LEU B 341 -17.40 9.93 -0.37
N LEU B 342 -18.64 9.60 -0.76
CA LEU B 342 -18.89 8.40 -1.54
C LEU B 342 -19.99 8.65 -2.55
N ASP B 343 -19.75 8.25 -3.78
CA ASP B 343 -20.72 8.36 -4.87
C ASP B 343 -21.49 7.04 -4.93
N LEU B 344 -22.68 7.01 -4.33
CA LEU B 344 -23.42 5.77 -4.21
C LEU B 344 -23.78 5.17 -5.57
N LYS B 345 -23.71 5.95 -6.63
CA LYS B 345 -24.05 5.48 -7.98
C LYS B 345 -22.84 4.88 -8.72
N ASN B 346 -21.66 4.89 -8.12
CA ASN B 346 -20.45 4.32 -8.73
C ASN B 346 -19.89 3.25 -7.80
N PRO B 347 -20.59 2.14 -7.64
CA PRO B 347 -20.15 1.11 -6.70
C PRO B 347 -19.11 0.19 -7.31
N PHE B 348 -18.35 -0.46 -6.42
CA PHE B 348 -17.40 -1.49 -6.79
C PHE B 348 -17.99 -2.83 -6.40
N PHE B 349 -18.46 -3.58 -7.39
CA PHE B 349 -18.97 -4.93 -7.17
C PHE B 349 -17.76 -5.86 -7.05
N ARG B 350 -17.43 -6.23 -5.81
CA ARG B 350 -16.22 -6.98 -5.54
C ARG B 350 -16.43 -8.49 -5.59
N TYR B 351 -17.63 -8.96 -5.30
CA TYR B 351 -17.95 -10.38 -5.35
C TYR B 351 -17.55 -10.98 -6.69
N SER C 10 28.40 25.96 26.69
CA SER C 10 27.07 25.83 27.28
C SER C 10 27.06 24.71 28.32
N VAL C 11 25.95 24.62 29.07
CA VAL C 11 25.80 23.56 30.06
C VAL C 11 25.85 22.19 29.39
N PHE C 12 25.18 22.07 28.24
CA PHE C 12 25.11 20.77 27.58
C PHE C 12 26.48 20.31 27.12
N SER C 13 27.20 21.17 26.39
CA SER C 13 28.49 20.76 25.85
C SER C 13 29.51 20.49 26.94
N GLU C 14 29.37 21.14 28.10
CA GLU C 14 30.31 20.95 29.19
C GLU C 14 30.17 19.56 29.83
N ARG C 15 28.99 18.95 29.74
CA ARG C 15 28.74 17.66 30.36
C ARG C 15 28.59 16.54 29.35
N THR C 16 28.94 16.76 28.08
CA THR C 16 28.66 15.78 27.04
C THR C 16 29.82 15.72 26.05
N GLU C 17 30.31 14.51 25.80
CA GLU C 17 31.25 14.29 24.71
C GLU C 17 30.59 14.60 23.38
N GLU C 18 31.32 15.30 22.51
CA GLU C 18 30.77 15.64 21.20
C GLU C 18 30.40 14.39 20.42
N SER C 19 31.26 13.37 20.45
CA SER C 19 30.98 12.14 19.72
C SER C 19 29.66 11.52 20.19
N SER C 20 29.41 11.55 21.50
CA SER C 20 28.15 11.02 22.02
C SER C 20 26.96 11.86 21.55
N ALA C 21 27.12 13.19 21.54
CA ALA C 21 26.02 14.06 21.16
C ALA C 21 25.69 13.93 19.68
N VAL C 22 26.72 13.86 18.83
CA VAL C 22 26.49 13.68 17.39
C VAL C 22 25.60 12.46 17.15
N GLN C 23 26.03 11.31 17.65
CA GLN C 23 25.25 10.08 17.45
C GLN C 23 23.87 10.20 18.08
N TYR C 24 23.78 10.81 19.26
CA TYR C 24 22.51 10.95 19.94
C TYR C 24 21.48 11.65 19.06
N PHE C 25 21.84 12.82 18.51
CA PHE C 25 20.88 13.59 17.75
C PHE C 25 20.72 13.10 16.31
N GLN C 26 21.71 12.36 15.78
CA GLN C 26 21.49 11.67 14.51
C GLN C 26 20.39 10.64 14.64
N PHE C 27 20.36 9.92 15.77
CA PHE C 27 19.31 8.94 16.01
C PHE C 27 17.93 9.58 15.95
N TYR C 28 17.77 10.73 16.60
CA TYR C 28 16.47 11.39 16.66
C TYR C 28 16.13 12.18 15.41
N GLY C 29 17.06 12.30 14.46
CA GLY C 29 16.74 12.95 13.20
C GLY C 29 15.91 12.12 12.25
N TYR C 30 15.64 10.87 12.60
CA TYR C 30 14.91 9.95 11.73
C TYR C 30 13.42 9.98 12.05
N LEU C 31 12.59 10.05 11.01
CA LEU C 31 11.15 9.99 11.21
C LEU C 31 10.73 8.63 11.74
N SER C 32 11.47 7.57 11.40
CA SER C 32 11.12 6.24 11.90
C SER C 32 11.28 6.13 13.41
N GLN C 33 12.20 6.91 14.00
CA GLN C 33 12.33 6.89 15.45
C GLN C 33 11.22 7.70 16.12
N GLN C 34 10.86 8.85 15.54
CA GLN C 34 9.66 9.54 15.98
C GLN C 34 8.46 8.61 15.90
N GLN C 35 8.30 7.93 14.77
CA GLN C 35 7.18 7.00 14.59
C GLN C 35 7.18 5.94 15.67
N ASN C 36 8.36 5.44 16.05
CA ASN C 36 8.44 4.41 17.08
C ASN C 36 7.84 4.90 18.39
N MET C 37 8.16 6.14 18.78
CA MET C 37 7.61 6.69 20.02
C MET C 37 6.13 7.03 19.87
N MET C 38 5.76 7.65 18.73
CA MET C 38 4.38 8.08 18.54
C MET C 38 3.42 6.90 18.54
N GLN C 39 3.82 5.77 17.95
CA GLN C 39 2.96 4.59 17.91
C GLN C 39 2.79 3.94 19.27
N ASP C 40 3.60 4.30 20.26
CA ASP C 40 3.40 3.82 21.63
C ASP C 40 2.13 4.47 22.17
N TYR C 41 1.03 3.72 22.17
CA TYR C 41 -0.26 4.30 22.51
C TYR C 41 -0.29 4.76 23.96
N VAL C 42 0.24 3.94 24.88
CA VAL C 42 0.30 4.34 26.29
C VAL C 42 1.00 5.68 26.42
N ARG C 43 2.15 5.82 25.76
CA ARG C 43 2.93 7.04 25.87
C ARG C 43 2.18 8.21 25.25
N THR C 44 1.79 8.09 23.98
CA THR C 44 1.18 9.21 23.28
C THR C 44 -0.21 9.52 23.82
N GLY C 45 -1.01 8.49 24.08
CA GLY C 45 -2.36 8.73 24.60
C GLY C 45 -2.36 9.37 25.97
N THR C 46 -1.49 8.90 26.86
CA THR C 46 -1.47 9.43 28.22
C THR C 46 -1.06 10.90 28.23
N TYR C 47 0.00 11.24 27.50
CA TYR C 47 0.38 12.65 27.37
C TYR C 47 -0.80 13.49 26.86
N GLN C 48 -1.55 12.96 25.90
CA GLN C 48 -2.70 13.69 25.37
C GLN C 48 -3.77 13.85 26.44
N ARG C 49 -4.10 12.75 27.14
CA ARG C 49 -5.08 12.84 28.21
C ARG C 49 -4.66 13.84 29.27
N ALA C 50 -3.42 13.75 29.73
CA ALA C 50 -2.93 14.64 30.79
C ALA C 50 -3.08 16.11 30.38
N ILE C 51 -2.79 16.42 29.11
CA ILE C 51 -2.84 17.81 28.67
C ILE C 51 -4.29 18.26 28.46
N LEU C 52 -5.09 17.42 27.79
CA LEU C 52 -6.46 17.83 27.47
C LEU C 52 -7.35 17.83 28.71
N GLN C 53 -7.20 16.82 29.58
CA GLN C 53 -8.01 16.77 30.79
C GLN C 53 -7.63 17.84 31.81
N ASN C 54 -6.48 18.50 31.62
CA ASN C 54 -6.10 19.63 32.46
C ASN C 54 -6.02 20.89 31.61
N HIS C 55 -7.11 21.16 30.88
CA HIS C 55 -7.11 22.25 29.90
C HIS C 55 -6.92 23.61 30.56
N THR C 56 -7.36 23.76 31.81
CA THR C 56 -7.22 25.06 32.48
C THR C 56 -5.76 25.42 32.68
N ASP C 57 -4.87 24.42 32.76
CA ASP C 57 -3.45 24.68 32.87
C ASP C 57 -2.83 25.14 31.55
N PHE C 58 -3.56 25.04 30.44
CA PHE C 58 -3.04 25.40 29.14
C PHE C 58 -3.83 26.51 28.43
N LYS C 59 -5.08 26.75 28.82
CA LYS C 59 -5.91 27.72 28.13
C LYS C 59 -5.31 29.13 28.28
N ASP C 60 -4.99 29.75 27.15
CA ASP C 60 -4.47 31.11 27.10
C ASP C 60 -3.12 31.23 27.79
N LYS C 61 -2.37 30.14 27.89
CA LYS C 61 -1.09 30.13 28.59
C LYS C 61 0.06 30.08 27.59
N ILE C 62 1.25 30.45 28.07
CA ILE C 62 2.48 30.31 27.31
C ILE C 62 3.13 29.00 27.72
N VAL C 63 3.59 28.22 26.74
CA VAL C 63 4.05 26.87 26.97
C VAL C 63 5.44 26.70 26.34
N LEU C 64 6.30 25.96 27.04
CA LEU C 64 7.59 25.55 26.53
C LEU C 64 7.60 24.03 26.35
N ASP C 65 7.96 23.58 25.16
CA ASP C 65 8.09 22.15 24.85
C ASP C 65 9.55 21.83 24.65
N VAL C 66 10.13 21.05 25.55
CA VAL C 66 11.55 20.72 25.52
C VAL C 66 11.72 19.40 24.78
N GLY C 67 12.49 19.43 23.68
CA GLY C 67 12.69 18.25 22.87
C GLY C 67 11.42 17.79 22.19
N CYS C 68 10.82 18.69 21.41
CA CYS C 68 9.50 18.42 20.85
C CYS C 68 9.51 17.31 19.81
N GLY C 69 10.65 17.00 19.23
CA GLY C 69 10.68 15.98 18.17
C GLY C 69 9.84 16.43 16.99
N SER C 70 8.84 15.62 16.63
CA SER C 70 7.92 16.00 15.57
C SER C 70 6.95 17.08 16.00
N GLY C 71 6.92 17.43 17.29
CA GLY C 71 6.06 18.48 17.77
C GLY C 71 4.72 18.03 18.31
N ILE C 72 4.54 16.72 18.55
CA ILE C 72 3.22 16.20 18.86
C ILE C 72 2.69 16.80 20.15
N LEU C 73 3.55 16.98 21.15
CA LEU C 73 3.09 17.53 22.42
C LEU C 73 2.67 18.99 22.28
N SER C 74 3.33 19.73 21.40
CA SER C 74 2.91 21.11 21.15
C SER C 74 1.51 21.15 20.55
N PHE C 75 1.21 20.23 19.63
CA PHE C 75 -0.14 20.15 19.08
C PHE C 75 -1.16 19.83 20.16
N PHE C 76 -0.80 18.93 21.09
CA PHE C 76 -1.69 18.63 22.21
C PHE C 76 -1.91 19.88 23.05
N ALA C 77 -0.85 20.67 23.27
CA ALA C 77 -1.01 21.92 24.00
C ALA C 77 -1.87 22.92 23.22
N ALA C 78 -1.83 22.85 21.89
CA ALA C 78 -2.70 23.70 21.07
C ALA C 78 -4.15 23.24 21.17
N GLN C 79 -4.38 21.92 21.15
CA GLN C 79 -5.73 21.40 21.32
C GLN C 79 -6.32 21.82 22.67
N ALA C 80 -5.48 22.06 23.66
CA ALA C 80 -5.92 22.49 24.98
C ALA C 80 -6.07 24.01 25.09
N GLY C 81 -5.89 24.73 23.98
CA GLY C 81 -6.15 26.17 23.97
C GLY C 81 -4.96 27.03 24.33
N ALA C 82 -3.73 26.55 24.17
CA ALA C 82 -2.57 27.34 24.55
C ALA C 82 -2.44 28.57 23.66
N ARG C 83 -1.96 29.65 24.27
CA ARG C 83 -1.86 30.94 23.58
C ARG C 83 -0.64 30.98 22.67
N LYS C 84 0.51 30.51 23.16
CA LYS C 84 1.72 30.44 22.36
C LYS C 84 2.61 29.34 22.91
N ILE C 85 3.20 28.56 22.01
CA ILE C 85 4.01 27.40 22.37
C ILE C 85 5.36 27.54 21.71
N TYR C 86 6.41 27.58 22.52
CA TYR C 86 7.79 27.53 22.04
C TYR C 86 8.26 26.09 22.11
N ALA C 87 8.59 25.51 20.95
CA ALA C 87 8.97 24.11 20.83
C ALA C 87 10.45 24.06 20.44
N VAL C 88 11.28 23.57 21.36
CA VAL C 88 12.72 23.50 21.16
C VAL C 88 13.10 22.06 20.83
N GLU C 89 13.90 21.89 19.78
CA GLU C 89 14.37 20.58 19.36
C GLU C 89 15.76 20.75 18.76
N ALA C 90 16.72 19.94 19.23
CA ALA C 90 18.11 20.10 18.84
C ALA C 90 18.49 19.24 17.64
N SER C 91 17.73 18.19 17.34
CA SER C 91 18.01 17.37 16.17
C SER C 91 17.41 18.02 14.93
N THR C 92 17.77 17.46 13.77
CA THR C 92 17.21 17.93 12.51
C THR C 92 15.71 17.68 12.41
N MET C 93 15.13 16.92 13.33
CA MET C 93 13.68 16.76 13.38
C MET C 93 12.98 18.10 13.56
N ALA C 94 13.70 19.13 14.00
CA ALA C 94 13.08 20.44 14.17
C ALA C 94 12.49 20.96 12.86
N GLN C 95 13.17 20.72 11.74
CA GLN C 95 12.65 21.20 10.46
C GLN C 95 11.38 20.47 10.08
N HIS C 96 11.26 19.18 10.42
CA HIS C 96 10.04 18.44 10.16
C HIS C 96 8.89 18.97 11.01
N ALA C 97 9.16 19.30 12.27
CA ALA C 97 8.14 19.92 13.10
C ALA C 97 7.67 21.23 12.50
N GLU C 98 8.60 22.00 11.94
CA GLU C 98 8.24 23.26 11.29
C GLU C 98 7.26 23.02 10.14
N VAL C 99 7.48 21.96 9.36
CA VAL C 99 6.57 21.64 8.26
C VAL C 99 5.18 21.31 8.79
N LEU C 100 5.11 20.57 9.90
CA LEU C 100 3.81 20.19 10.44
C LEU C 100 3.09 21.38 11.06
N VAL C 101 3.84 22.33 11.62
CA VAL C 101 3.21 23.54 12.17
C VAL C 101 2.51 24.32 11.08
N LYS C 102 3.13 24.43 9.91
CA LYS C 102 2.54 25.19 8.82
C LYS C 102 1.35 24.45 8.20
N SER C 103 1.48 23.15 7.97
CA SER C 103 0.41 22.39 7.35
C SER C 103 -0.80 22.24 8.27
N ASN C 104 -0.62 22.41 9.57
CA ASN C 104 -1.73 22.38 10.52
C ASN C 104 -2.23 23.78 10.87
N ASN C 105 -1.77 24.81 10.17
CA ASN C 105 -2.28 26.17 10.32
C ASN C 105 -2.07 26.71 11.72
N LEU C 106 -0.96 26.34 12.36
CA LEU C 106 -0.68 26.74 13.74
C LEU C 106 0.61 27.54 13.84
N THR C 107 0.94 28.32 12.81
CA THR C 107 2.13 29.17 12.87
C THR C 107 1.95 30.31 13.86
N ASP C 108 0.72 30.78 14.05
CA ASP C 108 0.46 31.87 14.99
C ASP C 108 0.58 31.42 16.44
N ARG C 109 0.54 30.11 16.71
CA ARG C 109 0.52 29.59 18.07
C ARG C 109 1.76 28.80 18.43
N ILE C 110 2.37 28.10 17.48
CA ILE C 110 3.53 27.26 17.75
C ILE C 110 4.71 27.83 16.97
N VAL C 111 5.79 28.15 17.68
CA VAL C 111 7.03 28.60 17.07
C VAL C 111 8.11 27.57 17.37
N VAL C 112 8.67 26.99 16.33
CA VAL C 112 9.74 26.01 16.46
C VAL C 112 11.07 26.73 16.56
N ILE C 113 11.87 26.37 17.55
CA ILE C 113 13.20 26.93 17.74
C ILE C 113 14.21 25.78 17.66
N PRO C 114 14.97 25.65 16.58
CA PRO C 114 15.96 24.57 16.52
C PRO C 114 17.17 24.88 17.40
N GLY C 115 17.67 23.84 18.04
CA GLY C 115 18.83 23.95 18.90
C GLY C 115 18.57 23.32 20.25
N LYS C 116 19.59 23.35 21.10
CA LYS C 116 19.53 22.78 22.42
C LYS C 116 18.94 23.79 23.39
N VAL C 117 18.11 23.30 24.32
CA VAL C 117 17.44 24.19 25.27
C VAL C 117 18.44 24.92 26.15
N GLU C 118 19.65 24.38 26.32
CA GLU C 118 20.69 25.06 27.07
C GLU C 118 21.37 26.17 26.28
N GLU C 119 21.04 26.34 25.00
CA GLU C 119 21.76 27.26 24.14
C GLU C 119 20.87 28.24 23.38
N VAL C 120 19.58 27.94 23.19
CA VAL C 120 18.70 28.85 22.47
C VAL C 120 18.25 29.97 23.40
N SER C 121 17.71 31.03 22.79
CA SER C 121 17.14 32.16 23.52
C SER C 121 15.64 32.19 23.33
N LEU C 122 14.89 32.27 24.46
CA LEU C 122 13.45 32.43 24.37
C LEU C 122 13.07 33.89 24.61
N PRO C 123 12.05 34.41 23.93
CA PRO C 123 11.66 35.81 24.17
C PRO C 123 11.16 36.06 25.59
N GLU C 124 10.36 35.15 26.14
CA GLU C 124 9.62 35.42 27.36
C GLU C 124 9.56 34.18 28.23
N GLN C 125 9.29 34.40 29.52
CA GLN C 125 9.03 33.31 30.45
C GLN C 125 7.71 32.63 30.10
N VAL C 126 7.54 31.41 30.60
CA VAL C 126 6.39 30.59 30.26
C VAL C 126 5.67 30.17 31.52
N ASP C 127 4.42 29.75 31.35
CA ASP C 127 3.58 29.32 32.46
C ASP C 127 3.74 27.85 32.80
N ILE C 128 4.10 27.02 31.83
CA ILE C 128 4.21 25.58 32.03
C ILE C 128 5.18 25.03 31.00
N ILE C 129 5.94 24.01 31.39
CA ILE C 129 6.87 23.32 30.51
C ILE C 129 6.36 21.89 30.33
N ILE C 130 6.28 21.45 29.08
CA ILE C 130 5.94 20.08 28.75
C ILE C 130 7.15 19.44 28.09
N SER C 131 7.30 18.14 28.28
CA SER C 131 8.43 17.42 27.70
C SER C 131 8.28 15.93 27.97
N GLU C 132 9.03 15.14 27.22
CA GLU C 132 9.16 13.71 27.45
C GLU C 132 10.65 13.37 27.56
N PRO C 133 11.27 13.72 28.68
CA PRO C 133 12.71 13.50 28.84
C PRO C 133 13.10 12.17 29.47
N MET C 134 12.20 11.19 29.51
CA MET C 134 12.47 9.92 30.17
C MET C 134 13.15 8.96 29.21
N GLY C 135 14.34 8.50 29.56
CA GLY C 135 14.95 7.36 28.91
C GLY C 135 14.63 6.09 29.67
N TYR C 136 15.14 4.97 29.14
CA TYR C 136 14.95 3.71 29.85
C TYR C 136 15.67 3.76 31.19
N MET C 137 15.04 3.17 32.21
CA MET C 137 15.42 3.38 33.60
C MET C 137 15.29 4.86 33.99
N LEU C 138 14.48 5.60 33.25
CA LEU C 138 14.17 7.01 33.53
C LEU C 138 15.34 7.94 33.23
N PHE C 139 16.52 7.64 33.77
CA PHE C 139 17.61 8.61 33.78
C PHE C 139 18.49 8.58 32.54
N ASN C 140 18.48 7.49 31.77
CA ASN C 140 19.33 7.41 30.60
C ASN C 140 19.06 8.59 29.66
N GLU C 141 20.09 8.95 28.88
CA GLU C 141 20.06 10.08 27.95
C GLU C 141 20.37 11.39 28.67
N ARG C 142 20.23 11.41 29.99
CA ARG C 142 20.50 12.60 30.79
C ARG C 142 19.71 13.81 30.27
N MET C 143 18.50 13.55 29.79
CA MET C 143 17.64 14.64 29.35
C MET C 143 16.83 15.26 30.47
N LEU C 144 16.66 14.54 31.59
CA LEU C 144 16.01 15.14 32.75
C LEU C 144 16.75 16.39 33.22
N GLU C 145 18.05 16.48 32.95
CA GLU C 145 18.81 17.67 33.31
C GLU C 145 18.52 18.82 32.37
N SER C 146 18.26 18.54 31.09
CA SER C 146 17.81 19.58 30.18
C SER C 146 16.41 20.04 30.52
N TYR C 147 15.56 19.12 31.02
CA TYR C 147 14.21 19.47 31.42
C TYR C 147 14.23 20.36 32.65
N LEU C 148 15.11 20.05 33.62
CA LEU C 148 15.25 20.90 34.80
C LEU C 148 15.95 22.20 34.47
N HIS C 149 16.93 22.16 33.55
CA HIS C 149 17.61 23.37 33.13
C HIS C 149 16.65 24.36 32.49
N ALA C 150 15.58 23.86 31.86
CA ALA C 150 14.61 24.73 31.20
C ALA C 150 13.78 25.54 32.19
N LYS C 151 13.87 25.25 33.49
CA LYS C 151 13.12 26.02 34.48
C LYS C 151 13.61 27.46 34.58
N LYS C 152 14.76 27.80 33.99
CA LYS C 152 15.18 29.19 33.94
C LYS C 152 14.22 30.04 33.12
N TYR C 153 13.37 29.40 32.30
CA TYR C 153 12.33 30.09 31.54
C TYR C 153 10.96 29.97 32.18
N LEU C 154 10.85 29.33 33.33
CA LEU C 154 9.56 29.08 33.97
C LEU C 154 9.23 30.20 34.94
N LYS C 155 7.97 30.66 34.89
CA LYS C 155 7.52 31.64 35.85
C LYS C 155 7.56 31.04 37.26
N PRO C 156 7.75 31.85 38.30
CA PRO C 156 7.78 31.31 39.66
C PRO C 156 6.57 30.46 40.00
N SER C 157 5.38 30.86 39.54
CA SER C 157 4.15 30.11 39.78
C SER C 157 3.92 29.03 38.73
N GLY C 158 4.93 28.70 37.93
CA GLY C 158 4.75 27.81 36.80
C GLY C 158 4.64 26.34 37.22
N ASN C 159 4.39 25.51 36.23
CA ASN C 159 4.14 24.09 36.43
C ASN C 159 5.00 23.27 35.46
N MET C 160 5.13 21.97 35.76
CA MET C 160 5.94 21.06 34.97
C MET C 160 5.09 19.85 34.59
N PHE C 161 5.13 19.47 33.32
CA PHE C 161 4.38 18.33 32.81
C PHE C 161 5.34 17.42 32.05
N PRO C 162 5.80 16.31 32.65
CA PRO C 162 5.40 15.74 33.94
C PRO C 162 5.91 16.52 35.15
N THR C 163 5.24 16.33 36.28
CA THR C 163 5.57 17.08 37.50
C THR C 163 6.56 16.34 38.38
N ILE C 164 6.42 15.01 38.49
CA ILE C 164 7.33 14.19 39.28
C ILE C 164 7.63 12.91 38.50
N GLY C 165 8.76 12.30 38.85
CA GLY C 165 9.13 11.01 38.30
C GLY C 165 9.56 10.05 39.38
N ASP C 166 9.01 8.84 39.36
CA ASP C 166 9.34 7.80 40.33
C ASP C 166 10.04 6.66 39.63
N VAL C 167 11.23 6.29 40.11
CA VAL C 167 11.92 5.10 39.67
C VAL C 167 11.74 4.02 40.72
N HIS C 168 11.40 2.82 40.29
CA HIS C 168 11.12 1.70 41.19
C HIS C 168 12.19 0.63 41.03
N LEU C 169 12.69 0.13 42.16
CA LEU C 169 13.66 -0.95 42.19
C LEU C 169 13.07 -2.12 42.95
N ALA C 170 13.25 -3.34 42.42
CA ALA C 170 12.77 -4.53 43.08
C ALA C 170 13.71 -5.69 42.77
N PRO C 171 13.98 -6.57 43.73
CA PRO C 171 14.80 -7.74 43.45
C PRO C 171 14.01 -8.80 42.69
N PHE C 172 14.71 -9.52 41.82
CA PHE C 172 14.07 -10.53 40.99
C PHE C 172 14.89 -11.80 40.99
N THR C 173 14.24 -12.90 40.65
CA THR C 173 14.89 -14.19 40.44
C THR C 173 14.61 -14.64 39.00
N ASP C 174 15.68 -14.88 38.24
CA ASP C 174 15.56 -15.35 36.86
C ASP C 174 16.76 -16.24 36.59
N GLU C 175 16.66 -17.50 37.00
CA GLU C 175 17.78 -18.43 36.86
C GLU C 175 18.24 -18.51 35.41
N GLN C 176 17.30 -18.62 34.47
CA GLN C 176 17.67 -18.77 33.07
C GLN C 176 18.42 -17.55 32.56
N LEU C 177 17.97 -16.35 32.92
CA LEU C 177 18.68 -15.15 32.52
C LEU C 177 20.12 -15.17 33.03
N TYR C 178 20.32 -15.56 34.29
CA TYR C 178 21.66 -15.58 34.86
C TYR C 178 22.53 -16.59 34.13
N MET C 179 22.06 -17.83 34.00
CA MET C 179 22.84 -18.87 33.35
C MET C 179 23.06 -18.59 31.87
N GLU C 180 22.19 -17.80 31.25
CA GLU C 180 22.37 -17.43 29.85
C GLU C 180 23.67 -16.68 29.63
N GLN C 181 24.12 -15.92 30.63
CA GLN C 181 25.35 -15.14 30.47
C GLN C 181 26.55 -16.04 30.26
N PHE C 182 26.66 -17.12 31.04
CA PHE C 182 27.80 -18.02 30.91
C PHE C 182 27.69 -18.90 29.68
N THR C 183 26.46 -19.27 29.29
CA THR C 183 26.29 -20.04 28.06
C THR C 183 26.85 -19.30 26.85
N LYS C 184 26.64 -17.98 26.79
CA LYS C 184 27.20 -17.19 25.70
C LYS C 184 28.71 -17.04 25.84
N ALA C 185 29.18 -16.77 27.06
CA ALA C 185 30.61 -16.57 27.26
C ALA C 185 31.40 -17.86 27.06
N ASN C 186 30.77 -19.02 27.30
CA ASN C 186 31.46 -20.29 27.15
C ASN C 186 31.81 -20.61 25.70
N PHE C 187 31.36 -19.81 24.73
CA PHE C 187 31.89 -19.93 23.39
C PHE C 187 33.41 -19.88 23.40
N TRP C 188 33.97 -19.03 24.25
CA TRP C 188 35.42 -18.86 24.33
C TRP C 188 36.10 -20.00 25.07
N TYR C 189 35.35 -20.81 25.82
CA TYR C 189 35.96 -21.89 26.60
C TYR C 189 36.01 -23.16 25.76
N GLN C 190 36.89 -23.13 24.75
CA GLN C 190 37.20 -24.30 23.96
C GLN C 190 38.67 -24.26 23.58
N PRO C 191 39.37 -25.39 23.66
CA PRO C 191 40.83 -25.38 23.44
C PRO C 191 41.25 -25.40 21.99
N SER C 192 40.34 -25.62 21.04
CA SER C 192 40.71 -25.70 19.64
C SER C 192 39.54 -25.24 18.77
N PHE C 193 39.32 -23.93 18.75
CA PHE C 193 38.40 -23.31 17.81
C PHE C 193 39.17 -23.10 16.50
N HIS C 194 38.96 -24.00 15.54
CA HIS C 194 39.75 -23.99 14.31
C HIS C 194 41.24 -24.04 14.63
N GLY C 195 41.59 -24.78 15.69
CA GLY C 195 42.97 -24.95 16.09
C GLY C 195 43.49 -23.92 17.07
N VAL C 196 42.65 -23.00 17.54
CA VAL C 196 43.07 -21.94 18.44
C VAL C 196 42.40 -22.16 19.80
N ASP C 197 43.17 -21.91 20.86
CA ASP C 197 42.66 -22.02 22.23
C ASP C 197 42.13 -20.66 22.64
N LEU C 198 40.81 -20.57 22.82
CA LEU C 198 40.15 -19.31 23.15
C LEU C 198 39.90 -19.13 24.64
N SER C 199 40.19 -20.14 25.46
CA SER C 199 39.73 -20.16 26.84
C SER C 199 40.24 -18.99 27.67
N ALA C 200 41.35 -18.36 27.26
CA ALA C 200 41.90 -17.27 28.05
C ALA C 200 41.05 -16.01 28.03
N LEU C 201 40.09 -15.90 27.11
CA LEU C 201 39.21 -14.73 27.03
C LEU C 201 37.84 -14.97 27.64
N ARG C 202 37.60 -16.16 28.19
CA ARG C 202 36.26 -16.46 28.73
C ARG C 202 35.91 -15.51 29.87
N GLY C 203 36.84 -15.27 30.78
CA GLY C 203 36.56 -14.35 31.88
C GLY C 203 36.19 -12.96 31.40
N ALA C 204 36.89 -12.47 30.38
CA ALA C 204 36.59 -11.15 29.84
C ALA C 204 35.22 -11.13 29.16
N ALA C 205 34.82 -12.23 28.53
CA ALA C 205 33.48 -12.30 27.95
C ALA C 205 32.41 -12.26 29.03
N VAL C 206 32.62 -12.99 30.13
CA VAL C 206 31.67 -12.96 31.24
C VAL C 206 31.52 -11.54 31.77
N ASP C 207 32.66 -10.90 32.09
CA ASP C 207 32.61 -9.53 32.59
C ASP C 207 31.89 -8.61 31.62
N GLU C 208 32.13 -8.79 30.32
CA GLU C 208 31.49 -7.93 29.32
C GLU C 208 29.98 -8.04 29.38
N TYR C 209 29.45 -9.26 29.52
CA TYR C 209 28.00 -9.43 29.53
C TYR C 209 27.39 -8.89 30.81
N PHE C 210 28.08 -9.06 31.95
CA PHE C 210 27.52 -8.63 33.23
C PHE C 210 27.52 -7.12 33.40
N ARG C 211 28.30 -6.39 32.59
CA ARG C 211 28.26 -4.94 32.60
C ARG C 211 27.06 -4.38 31.85
N GLN C 212 26.26 -5.23 31.19
CA GLN C 212 25.16 -4.77 30.36
C GLN C 212 23.85 -4.88 31.11
N PRO C 213 23.12 -3.79 31.36
CA PRO C 213 21.73 -3.94 31.80
C PRO C 213 20.91 -4.60 30.71
N VAL C 214 19.93 -5.39 31.12
CA VAL C 214 19.08 -6.15 30.21
C VAL C 214 17.77 -5.39 30.03
N VAL C 215 17.49 -5.00 28.78
CA VAL C 215 16.27 -4.27 28.46
C VAL C 215 15.29 -5.25 27.82
N ASP C 216 14.24 -5.58 28.56
CA ASP C 216 13.12 -6.37 28.07
C ASP C 216 12.06 -6.38 29.16
N THR C 217 11.00 -7.16 28.97
CA THR C 217 9.95 -7.29 29.97
C THR C 217 10.02 -8.67 30.60
N PHE C 218 9.16 -8.89 31.60
CA PHE C 218 9.20 -10.12 32.36
C PHE C 218 7.88 -10.30 33.09
N ASP C 219 7.61 -11.55 33.46
CA ASP C 219 6.44 -11.85 34.28
C ASP C 219 6.66 -11.34 35.70
N ILE C 220 5.65 -10.68 36.25
CA ILE C 220 5.78 -10.07 37.57
C ILE C 220 6.03 -11.11 38.66
N ARG C 221 5.84 -12.40 38.38
CA ARG C 221 6.07 -13.43 39.38
C ARG C 221 7.54 -13.63 39.70
N ILE C 222 8.46 -13.09 38.91
CA ILE C 222 9.88 -13.17 39.26
C ILE C 222 10.25 -12.16 40.33
N LEU C 223 9.42 -11.14 40.56
CA LEU C 223 9.71 -10.15 41.57
C LEU C 223 9.52 -10.76 42.96
N MET C 224 10.39 -10.37 43.89
CA MET C 224 10.47 -11.01 45.19
C MET C 224 10.22 -10.06 46.35
N ALA C 225 9.95 -8.79 46.09
CA ALA C 225 9.72 -7.83 47.16
C ALA C 225 9.03 -6.61 46.56
N LYS C 226 8.26 -5.92 47.41
CA LYS C 226 7.67 -4.66 47.00
C LYS C 226 8.78 -3.70 46.59
N SER C 227 8.56 -3.00 45.48
CA SER C 227 9.58 -2.11 44.96
C SER C 227 9.88 -1.00 45.96
N VAL C 228 11.09 -0.47 45.87
CA VAL C 228 11.48 0.74 46.58
C VAL C 228 11.45 1.88 45.59
N LYS C 229 10.94 3.03 46.03
CA LYS C 229 10.65 4.14 45.14
C LYS C 229 11.57 5.32 45.47
N TYR C 230 12.21 5.87 44.44
CA TYR C 230 13.03 7.07 44.56
C TYR C 230 12.38 8.14 43.69
N THR C 231 11.89 9.19 44.32
CA THR C 231 11.11 10.23 43.64
C THR C 231 12.01 11.41 43.27
N VAL C 232 11.76 11.97 42.08
CA VAL C 232 12.34 13.23 41.66
C VAL C 232 11.20 14.19 41.43
N ASN C 233 11.15 15.27 42.21
CA ASN C 233 10.16 16.32 42.03
C ASN C 233 10.73 17.35 41.06
N PHE C 234 10.25 17.34 39.82
CA PHE C 234 10.79 18.21 38.80
C PHE C 234 10.55 19.68 39.11
N LEU C 235 9.53 20.00 39.91
CA LEU C 235 9.30 21.38 40.29
C LEU C 235 10.34 21.87 41.30
N GLU C 236 10.84 20.99 42.15
CA GLU C 236 11.76 21.37 43.22
C GLU C 236 13.21 21.09 42.88
N ALA C 237 13.49 20.07 42.08
CA ALA C 237 14.85 19.59 41.90
C ALA C 237 15.67 20.54 41.02
N LYS C 238 16.97 20.56 41.28
CA LYS C 238 17.93 21.25 40.43
C LYS C 238 18.74 20.20 39.67
N GLU C 239 19.21 20.57 38.48
CA GLU C 239 19.85 19.60 37.61
C GLU C 239 21.10 18.99 38.25
N GLY C 240 21.70 19.66 39.24
CA GLY C 240 22.78 19.06 39.98
C GLY C 240 22.38 17.84 40.77
N ASP C 241 21.09 17.71 41.09
CA ASP C 241 20.59 16.56 41.84
C ASP C 241 20.70 15.27 41.06
N LEU C 242 20.94 15.32 39.75
CA LEU C 242 20.99 14.14 38.90
C LEU C 242 22.40 13.73 38.51
N HIS C 243 23.42 14.47 38.95
CA HIS C 243 24.79 14.07 38.66
C HIS C 243 25.20 12.85 39.48
N ARG C 244 24.64 12.70 40.68
CA ARG C 244 24.94 11.58 41.56
C ARG C 244 23.64 11.17 42.25
N ILE C 245 23.08 10.05 41.84
CA ILE C 245 21.80 9.59 42.34
C ILE C 245 22.06 8.36 43.21
N GLU C 246 21.99 8.54 44.53
CA GLU C 246 22.15 7.46 45.48
C GLU C 246 20.77 6.99 45.90
N ILE C 247 20.49 5.71 45.69
CA ILE C 247 19.19 5.12 46.00
C ILE C 247 19.42 4.00 47.01
N PRO C 248 19.24 4.28 48.30
CA PRO C 248 19.29 3.20 49.29
C PRO C 248 18.05 2.33 49.17
N PHE C 249 18.20 1.05 49.54
CA PHE C 249 17.07 0.15 49.51
C PHE C 249 17.21 -0.88 50.62
N LYS C 250 16.08 -1.25 51.21
CA LYS C 250 16.00 -2.36 52.16
C LYS C 250 14.71 -3.12 51.84
N PHE C 251 14.83 -4.16 51.03
CA PHE C 251 13.67 -4.91 50.58
C PHE C 251 13.25 -5.93 51.63
N HIS C 252 11.95 -5.95 51.95
CA HIS C 252 11.38 -6.99 52.80
C HIS C 252 10.95 -8.13 51.89
N MET C 253 11.70 -9.23 51.94
CA MET C 253 11.50 -10.31 50.97
C MET C 253 10.15 -10.98 51.18
N LEU C 254 9.34 -11.00 50.10
CA LEU C 254 8.05 -11.68 50.14
C LEU C 254 8.13 -13.13 49.69
N HIS C 255 9.22 -13.53 49.03
CA HIS C 255 9.41 -14.90 48.58
C HIS C 255 10.82 -15.35 48.91
N SER C 256 10.98 -16.65 49.09
CA SER C 256 12.29 -17.24 49.35
C SER C 256 12.88 -17.77 48.05
N GLY C 257 14.14 -17.45 47.80
CA GLY C 257 14.79 -17.90 46.59
C GLY C 257 16.10 -17.17 46.37
N LEU C 258 16.71 -17.43 45.23
CA LEU C 258 17.97 -16.80 44.85
C LEU C 258 17.68 -15.49 44.14
N VAL C 259 18.21 -14.39 44.69
CA VAL C 259 18.09 -13.08 44.07
C VAL C 259 19.22 -12.94 43.05
N HIS C 260 18.86 -12.72 41.78
CA HIS C 260 19.85 -12.60 40.72
C HIS C 260 20.14 -11.15 40.33
N GLY C 261 19.36 -10.20 40.81
CA GLY C 261 19.63 -8.80 40.50
C GLY C 261 18.44 -7.93 40.84
N LEU C 262 18.46 -6.71 40.31
CA LEU C 262 17.42 -5.72 40.56
C LEU C 262 16.72 -5.35 39.26
N ALA C 263 15.41 -5.19 39.33
CA ALA C 263 14.59 -4.79 38.20
C ALA C 263 14.18 -3.33 38.36
N PHE C 264 14.17 -2.61 37.24
CA PHE C 264 13.92 -1.18 37.22
C PHE C 264 12.75 -0.84 36.31
N TRP C 265 11.89 0.06 36.77
CA TRP C 265 10.88 0.69 35.94
C TRP C 265 10.62 2.08 36.52
N PHE C 266 9.75 2.86 35.87
CA PHE C 266 9.51 4.20 36.34
C PHE C 266 8.09 4.65 36.00
N ASP C 267 7.58 5.56 36.82
CA ASP C 267 6.32 6.25 36.58
C ASP C 267 6.58 7.75 36.59
N VAL C 268 5.71 8.50 35.90
CA VAL C 268 5.69 9.95 35.99
C VAL C 268 4.26 10.38 36.20
N ALA C 269 4.08 11.53 36.85
CA ALA C 269 2.76 12.07 37.13
C ALA C 269 2.65 13.48 36.58
N PHE C 270 1.50 13.77 35.95
CA PHE C 270 1.17 15.10 35.47
C PHE C 270 0.18 15.70 36.46
N ILE C 271 0.69 16.50 37.40
CA ILE C 271 -0.13 17.02 38.50
C ILE C 271 -0.76 18.31 38.00
N GLY C 272 -1.94 18.19 37.39
CA GLY C 272 -2.66 19.34 36.89
C GLY C 272 -3.62 19.93 37.91
N SER C 273 -4.20 21.07 37.54
CA SER C 273 -5.14 21.75 38.43
C SER C 273 -6.45 20.97 38.55
N ILE C 274 -6.81 20.20 37.53
CA ILE C 274 -8.07 19.46 37.57
C ILE C 274 -7.86 18.04 38.05
N MET C 275 -6.78 17.38 37.62
CA MET C 275 -6.55 16.00 38.00
C MET C 275 -5.09 15.63 37.77
N THR C 276 -4.69 14.52 38.36
CA THR C 276 -3.35 13.96 38.19
C THR C 276 -3.46 12.73 37.30
N VAL C 277 -2.69 12.71 36.23
CA VAL C 277 -2.66 11.58 35.30
C VAL C 277 -1.29 10.92 35.42
N TRP C 278 -1.28 9.59 35.42
CA TRP C 278 -0.07 8.81 35.63
C TRP C 278 0.29 8.06 34.34
N LEU C 279 1.57 8.14 33.97
CA LEU C 279 2.13 7.32 32.91
C LEU C 279 3.10 6.33 33.54
N SER C 280 2.79 5.04 33.44
CA SER C 280 3.55 4.00 34.12
C SER C 280 4.16 3.05 33.11
N THR C 281 5.42 2.68 33.36
CA THR C 281 6.11 1.62 32.62
C THR C 281 6.33 0.39 33.49
N ALA C 282 5.51 0.21 34.53
CA ALA C 282 5.67 -0.90 35.43
C ALA C 282 5.37 -2.22 34.72
N PRO C 283 5.95 -3.33 35.20
CA PRO C 283 5.65 -4.63 34.56
C PRO C 283 4.22 -5.09 34.77
N THR C 284 3.50 -4.53 35.74
CA THR C 284 2.09 -4.83 35.93
C THR C 284 1.19 -4.09 34.95
N GLU C 285 1.74 -3.17 34.16
CA GLU C 285 0.99 -2.36 33.22
C GLU C 285 1.27 -2.80 31.79
N PRO C 286 0.47 -2.35 30.83
CA PRO C 286 0.76 -2.66 29.43
C PRO C 286 2.17 -2.22 29.04
N LEU C 287 2.78 -2.99 28.14
CA LEU C 287 4.16 -2.73 27.76
C LEU C 287 4.28 -1.43 26.99
N THR C 288 5.37 -0.70 27.27
CA THR C 288 5.70 0.54 26.56
C THR C 288 7.04 0.36 25.87
N HIS C 289 7.42 1.34 25.05
CA HIS C 289 8.68 1.26 24.34
C HIS C 289 9.88 1.42 25.28
N TRP C 290 9.66 1.80 26.54
CA TRP C 290 10.71 1.78 27.54
C TRP C 290 10.94 0.40 28.12
N TYR C 291 9.99 -0.53 27.95
CA TYR C 291 10.09 -1.86 28.52
C TYR C 291 10.41 -1.75 30.01
N GLN C 292 11.32 -2.60 30.50
CA GLN C 292 11.89 -2.49 31.83
C GLN C 292 13.37 -2.81 31.74
N VAL C 293 14.08 -2.63 32.84
CA VAL C 293 15.53 -2.84 32.89
C VAL C 293 15.88 -3.69 34.09
N ARG C 294 16.79 -4.64 33.89
CA ARG C 294 17.28 -5.50 34.95
C ARG C 294 18.80 -5.48 34.97
N CYS C 295 19.38 -5.33 36.16
CA CYS C 295 20.82 -5.40 36.37
C CYS C 295 21.12 -6.62 37.23
N LEU C 296 21.94 -7.52 36.71
CA LEU C 296 22.29 -8.73 37.44
C LEU C 296 23.33 -8.45 38.51
N PHE C 297 23.24 -9.18 39.61
CA PHE C 297 24.39 -9.32 40.51
C PHE C 297 25.43 -10.23 39.86
N GLN C 298 26.68 -10.05 40.26
CA GLN C 298 27.72 -10.96 39.80
C GLN C 298 27.52 -12.36 40.37
N SER C 299 27.02 -12.45 41.60
CA SER C 299 26.68 -13.70 42.23
C SER C 299 25.31 -13.59 42.88
N PRO C 300 24.47 -14.63 42.79
CA PRO C 300 23.15 -14.54 43.41
C PRO C 300 23.23 -14.63 44.93
N LEU C 301 22.17 -14.15 45.57
CA LEU C 301 22.05 -14.15 47.02
C LEU C 301 20.80 -14.91 47.41
N PHE C 302 20.96 -15.94 48.23
CA PHE C 302 19.81 -16.63 48.77
C PHE C 302 19.18 -15.80 49.88
N ALA C 303 17.87 -15.59 49.80
CA ALA C 303 17.14 -14.84 50.80
C ALA C 303 15.87 -15.58 51.14
N LYS C 304 15.58 -15.72 52.43
CA LYS C 304 14.33 -16.29 52.88
C LYS C 304 13.25 -15.21 52.88
N ALA C 305 12.00 -15.63 52.71
CA ALA C 305 10.88 -14.71 52.85
C ALA C 305 10.85 -14.16 54.26
N GLY C 306 10.78 -12.83 54.38
CA GLY C 306 10.87 -12.15 55.65
C GLY C 306 12.23 -11.52 55.91
N ASP C 307 13.29 -12.05 55.29
CA ASP C 307 14.59 -11.43 55.39
C ASP C 307 14.57 -10.04 54.76
N THR C 308 15.62 -9.27 55.05
CA THR C 308 15.82 -7.97 54.45
C THR C 308 17.07 -8.00 53.58
N LEU C 309 16.94 -7.53 52.34
CA LEU C 309 18.08 -7.35 51.45
C LEU C 309 18.33 -5.85 51.35
N SER C 310 19.45 -5.41 51.92
CA SER C 310 19.77 -3.99 52.00
C SER C 310 21.00 -3.68 51.16
N GLY C 311 21.13 -2.41 50.79
CA GLY C 311 22.22 -1.96 49.97
C GLY C 311 21.90 -0.62 49.33
N THR C 312 22.69 -0.28 48.32
CA THR C 312 22.52 0.98 47.62
C THR C 312 22.71 0.77 46.13
N CYS C 313 21.96 1.54 45.35
CA CYS C 313 22.17 1.67 43.92
C CYS C 313 22.63 3.09 43.65
N LEU C 314 23.86 3.23 43.14
CA LEU C 314 24.46 4.53 42.93
C LEU C 314 24.65 4.76 41.44
N LEU C 315 23.97 5.78 40.92
CA LEU C 315 24.05 6.15 39.50
C LEU C 315 24.92 7.40 39.37
N ILE C 316 26.05 7.25 38.68
CA ILE C 316 27.01 8.34 38.51
C ILE C 316 26.98 8.77 37.06
N ALA C 317 26.61 10.02 36.82
CA ALA C 317 26.51 10.52 35.46
C ALA C 317 27.87 10.59 34.80
N ASN C 318 27.91 10.28 33.51
CA ASN C 318 29.12 10.39 32.71
C ASN C 318 28.84 11.29 31.50
N LYS C 319 29.90 11.64 30.80
CA LYS C 319 29.79 12.56 29.68
C LYS C 319 29.33 11.87 28.39
N ARG C 320 28.87 10.63 28.48
CA ARG C 320 28.24 9.94 27.36
C ARG C 320 26.71 9.93 27.47
N GLN C 321 26.15 10.94 28.14
CA GLN C 321 24.70 11.10 28.25
C GLN C 321 24.05 9.88 28.89
N SER C 322 24.73 9.27 29.84
CA SER C 322 24.17 8.12 30.55
C SER C 322 24.84 8.03 31.92
N TYR C 323 24.73 6.87 32.56
CA TYR C 323 25.19 6.68 33.93
C TYR C 323 25.97 5.38 34.05
N ASP C 324 26.92 5.38 34.98
CA ASP C 324 27.55 4.15 35.46
C ASP C 324 26.82 3.70 36.71
N ILE C 325 26.39 2.43 36.73
CA ILE C 325 25.55 1.91 37.78
C ILE C 325 26.38 1.04 38.71
N SER C 326 26.44 1.41 39.98
CA SER C 326 27.06 0.61 41.02
C SER C 326 25.96 0.08 41.93
N ILE C 327 25.89 -1.24 42.07
CA ILE C 327 24.89 -1.88 42.91
C ILE C 327 25.62 -2.73 43.94
N VAL C 328 25.30 -2.51 45.21
CA VAL C 328 25.78 -3.34 46.31
C VAL C 328 24.56 -3.80 47.09
N ALA C 329 24.51 -5.09 47.40
CA ALA C 329 23.40 -5.66 48.13
C ALA C 329 23.92 -6.76 49.06
N GLN C 330 23.22 -6.95 50.17
CA GLN C 330 23.55 -8.03 51.09
C GLN C 330 22.27 -8.49 51.78
N VAL C 331 22.26 -9.76 52.19
CA VAL C 331 21.21 -10.30 53.04
C VAL C 331 21.62 -10.07 54.48
N ASP C 332 20.86 -9.24 55.20
CA ASP C 332 21.25 -8.86 56.55
C ASP C 332 21.32 -10.08 57.47
N GLN C 333 20.35 -10.99 57.37
CA GLN C 333 20.28 -12.11 58.29
C GLN C 333 21.45 -13.08 58.13
N THR C 334 22.12 -13.09 56.97
CA THR C 334 23.21 -14.01 56.72
C THR C 334 24.52 -13.30 56.39
N GLY C 335 24.52 -12.01 56.11
CA GLY C 335 25.71 -11.31 55.69
C GLY C 335 26.16 -11.60 54.28
N SER C 336 25.48 -12.50 53.56
CA SER C 336 25.84 -12.79 52.19
C SER C 336 25.79 -11.53 51.35
N LYS C 337 26.84 -11.27 50.58
CA LYS C 337 27.05 -9.99 49.93
C LYS C 337 27.37 -10.20 48.45
N SER C 338 26.81 -9.34 47.60
CA SER C 338 27.12 -9.35 46.18
C SER C 338 27.02 -7.93 45.66
N SER C 339 27.49 -7.74 44.44
CA SER C 339 27.51 -6.41 43.83
C SER C 339 27.61 -6.58 42.32
N ASN C 340 27.59 -5.44 41.62
CA ASN C 340 27.87 -5.40 40.19
C ASN C 340 28.02 -3.95 39.77
N LEU C 341 28.70 -3.75 38.65
CA LEU C 341 28.95 -2.43 38.10
C LEU C 341 28.61 -2.45 36.62
N LEU C 342 27.66 -1.62 36.20
CA LEU C 342 27.09 -1.69 34.86
C LEU C 342 27.24 -0.36 34.13
N ASP C 343 27.24 -0.44 32.80
CA ASP C 343 27.31 0.71 31.92
C ASP C 343 25.95 0.86 31.25
N LEU C 344 25.18 1.88 31.68
CA LEU C 344 23.81 2.03 31.21
C LEU C 344 23.73 2.51 29.76
N LYS C 345 24.83 3.01 29.20
CA LYS C 345 24.81 3.51 27.83
C LYS C 345 24.74 2.37 26.81
N ASN C 346 25.20 1.17 27.16
CA ASN C 346 25.25 0.04 26.24
C ASN C 346 24.54 -1.15 26.86
N PRO C 347 23.21 -1.14 26.87
CA PRO C 347 22.46 -2.28 27.39
C PRO C 347 22.29 -3.35 26.32
N PHE C 348 21.76 -4.49 26.75
CA PHE C 348 21.45 -5.60 25.86
C PHE C 348 19.94 -5.65 25.68
N PHE C 349 19.46 -5.39 24.47
CA PHE C 349 18.04 -5.47 24.15
C PHE C 349 17.71 -6.93 23.90
N ARG C 350 17.14 -7.57 24.91
CA ARG C 350 16.89 -9.01 24.92
C ARG C 350 15.49 -9.39 24.45
N TYR C 351 14.61 -8.41 24.26
CA TYR C 351 13.21 -8.70 24.00
C TYR C 351 13.03 -9.41 22.66
N THR C 352 12.13 -10.38 22.63
CA THR C 352 11.81 -11.12 21.41
C THR C 352 10.29 -11.26 21.27
N ARG D 9 45.40 13.96 10.15
CA ARG D 9 46.81 13.94 9.79
C ARG D 9 47.14 12.70 8.96
N SER D 10 46.58 11.56 9.35
CA SER D 10 46.76 10.32 8.60
C SER D 10 45.69 10.21 7.51
N VAL D 11 45.90 9.26 6.61
CA VAL D 11 44.92 9.01 5.55
C VAL D 11 43.56 8.68 6.15
N PHE D 12 43.54 7.96 7.27
CA PHE D 12 42.28 7.55 7.86
C PHE D 12 41.51 8.74 8.42
N SER D 13 42.16 9.52 9.30
CA SER D 13 41.46 10.61 9.96
C SER D 13 41.05 11.71 8.99
N GLU D 14 41.67 11.80 7.82
CA GLU D 14 41.29 12.82 6.86
C GLU D 14 40.02 12.44 6.09
N ARG D 15 39.74 11.15 5.95
CA ARG D 15 38.54 10.68 5.25
C ARG D 15 37.47 10.20 6.21
N THR D 16 37.60 10.46 7.52
CA THR D 16 36.69 9.92 8.50
C THR D 16 36.41 10.95 9.57
N GLU D 17 35.13 11.22 9.81
CA GLU D 17 34.75 12.03 10.96
C GLU D 17 35.09 11.29 12.25
N GLU D 18 35.56 12.04 13.24
CA GLU D 18 35.95 11.42 14.50
C GLU D 18 34.78 10.67 15.13
N SER D 19 33.59 11.27 15.11
CA SER D 19 32.43 10.65 15.74
C SER D 19 32.14 9.28 15.12
N SER D 20 32.28 9.15 13.80
CA SER D 20 32.04 7.87 13.16
C SER D 20 33.09 6.84 13.57
N ALA D 21 34.37 7.24 13.58
CA ALA D 21 35.44 6.31 13.93
C ALA D 21 35.34 5.88 15.39
N VAL D 22 34.92 6.78 16.27
CA VAL D 22 34.78 6.44 17.69
C VAL D 22 33.83 5.26 17.85
N GLN D 23 32.62 5.37 17.28
CA GLN D 23 31.64 4.30 17.43
C GLN D 23 31.99 3.08 16.60
N TYR D 24 32.65 3.28 15.46
CA TYR D 24 33.07 2.15 14.64
C TYR D 24 34.01 1.24 15.40
N PHE D 25 35.07 1.80 16.01
CA PHE D 25 36.04 0.98 16.72
C PHE D 25 35.57 0.56 18.11
N GLN D 26 34.64 1.32 18.70
CA GLN D 26 34.01 0.84 19.94
C GLN D 26 33.23 -0.45 19.67
N PHE D 27 32.46 -0.47 18.58
CA PHE D 27 31.68 -1.66 18.24
C PHE D 27 32.57 -2.89 18.15
N TYR D 28 33.74 -2.76 17.53
CA TYR D 28 34.62 -3.90 17.35
C TYR D 28 35.44 -4.24 18.59
N GLY D 29 35.32 -3.46 19.66
CA GLY D 29 35.97 -3.80 20.90
C GLY D 29 35.24 -4.83 21.74
N TYR D 30 34.01 -5.17 21.37
CA TYR D 30 33.19 -6.10 22.14
C TYR D 30 33.47 -7.53 21.70
N LEU D 31 33.75 -8.40 22.68
CA LEU D 31 33.98 -9.81 22.39
C LEU D 31 32.77 -10.45 21.75
N SER D 32 31.56 -10.03 22.13
CA SER D 32 30.35 -10.61 21.56
C SER D 32 30.30 -10.40 20.04
N GLN D 33 30.80 -9.27 19.55
CA GLN D 33 30.81 -9.01 18.12
C GLN D 33 31.85 -9.86 17.41
N GLN D 34 32.97 -10.15 18.08
CA GLN D 34 33.92 -11.12 17.54
C GLN D 34 33.28 -12.51 17.45
N GLN D 35 32.65 -12.95 18.54
CA GLN D 35 31.93 -14.21 18.52
C GLN D 35 30.93 -14.25 17.37
N ASN D 36 30.27 -13.13 17.10
CA ASN D 36 29.28 -13.10 16.02
C ASN D 36 29.93 -13.41 14.67
N MET D 37 31.06 -12.77 14.37
CA MET D 37 31.76 -13.04 13.13
C MET D 37 32.40 -14.42 13.14
N MET D 38 33.00 -14.81 14.27
CA MET D 38 33.73 -16.07 14.32
C MET D 38 32.80 -17.26 14.14
N GLN D 39 31.59 -17.20 14.70
CA GLN D 39 30.66 -18.31 14.59
C GLN D 39 30.08 -18.47 13.20
N ASP D 40 30.24 -17.47 12.33
CA ASP D 40 29.93 -17.64 10.92
C ASP D 40 30.88 -18.68 10.33
N TYR D 41 30.44 -19.94 10.28
CA TYR D 41 31.35 -21.02 9.89
C TYR D 41 31.75 -20.93 8.42
N VAL D 42 30.85 -20.46 7.56
CA VAL D 42 31.24 -20.24 6.16
C VAL D 42 32.40 -19.26 6.08
N ARG D 43 32.29 -18.15 6.83
CA ARG D 43 33.32 -17.13 6.79
C ARG D 43 34.63 -17.64 7.36
N THR D 44 34.60 -18.15 8.60
CA THR D 44 35.84 -18.58 9.25
C THR D 44 36.43 -19.81 8.57
N GLY D 45 35.59 -20.79 8.25
CA GLY D 45 36.10 -22.02 7.65
C GLY D 45 36.71 -21.80 6.29
N THR D 46 36.09 -20.95 5.46
CA THR D 46 36.61 -20.69 4.13
C THR D 46 37.94 -19.95 4.21
N TYR D 47 38.09 -19.04 5.17
CA TYR D 47 39.36 -18.35 5.37
C TYR D 47 40.45 -19.35 5.76
N GLN D 48 40.17 -20.23 6.71
CA GLN D 48 41.15 -21.25 7.08
C GLN D 48 41.45 -22.16 5.91
N ARG D 49 40.43 -22.45 5.08
CA ARG D 49 40.65 -23.30 3.92
C ARG D 49 41.58 -22.63 2.91
N ALA D 50 41.38 -21.33 2.67
CA ALA D 50 42.22 -20.62 1.72
C ALA D 50 43.67 -20.56 2.18
N ILE D 51 43.88 -20.37 3.48
CA ILE D 51 45.24 -20.19 4.00
C ILE D 51 45.96 -21.52 4.10
N LEU D 52 45.32 -22.53 4.68
CA LEU D 52 46.01 -23.80 4.91
C LEU D 52 46.24 -24.57 3.62
N GLN D 53 45.26 -24.56 2.71
CA GLN D 53 45.44 -25.27 1.45
C GLN D 53 46.39 -24.54 0.52
N ASN D 54 46.67 -23.25 0.77
CA ASN D 54 47.72 -22.53 0.07
C ASN D 54 48.88 -22.29 1.03
N HIS D 55 49.29 -23.35 1.74
CA HIS D 55 50.32 -23.19 2.77
C HIS D 55 51.65 -22.77 2.18
N THR D 56 51.91 -23.11 0.91
CA THR D 56 53.17 -22.72 0.29
C THR D 56 53.30 -21.21 0.20
N ASP D 57 52.19 -20.48 0.11
CA ASP D 57 52.21 -19.03 0.08
C ASP D 57 52.50 -18.42 1.45
N PHE D 58 52.63 -19.24 2.49
CA PHE D 58 52.89 -18.74 3.84
C PHE D 58 54.12 -19.32 4.50
N LYS D 59 54.59 -20.50 4.07
CA LYS D 59 55.70 -21.15 4.74
C LYS D 59 56.93 -20.24 4.78
N ASP D 60 57.35 -19.88 6.00
CA ASP D 60 58.55 -19.06 6.21
C ASP D 60 58.43 -17.69 5.57
N LYS D 61 57.21 -17.16 5.48
CA LYS D 61 56.96 -15.85 4.90
C LYS D 61 56.68 -14.82 5.98
N ILE D 62 56.76 -13.55 5.61
CA ILE D 62 56.36 -12.44 6.46
C ILE D 62 54.95 -12.04 6.08
N VAL D 63 54.10 -11.81 7.09
CA VAL D 63 52.67 -11.63 6.88
C VAL D 63 52.21 -10.35 7.58
N LEU D 64 51.23 -9.68 6.97
CA LEU D 64 50.53 -8.56 7.59
C LEU D 64 49.04 -8.89 7.65
N ASP D 65 48.45 -8.74 8.82
CA ASP D 65 47.02 -8.98 9.04
C ASP D 65 46.36 -7.64 9.37
N VAL D 66 45.61 -7.10 8.43
CA VAL D 66 44.97 -5.80 8.59
C VAL D 66 43.63 -5.99 9.26
N GLY D 67 43.45 -5.36 10.43
CA GLY D 67 42.24 -5.52 11.20
C GLY D 67 42.06 -6.96 11.67
N CYS D 68 42.99 -7.43 12.50
CA CYS D 68 43.01 -8.83 12.91
C CYS D 68 41.93 -9.17 13.91
N GLY D 69 41.31 -8.18 14.54
CA GLY D 69 40.32 -8.47 15.56
C GLY D 69 40.93 -9.34 16.65
N SER D 70 40.30 -10.48 16.91
CA SER D 70 40.84 -11.42 17.88
C SER D 70 42.15 -12.06 17.44
N GLY D 71 42.54 -11.87 16.17
CA GLY D 71 43.76 -12.46 15.65
C GLY D 71 43.57 -13.79 14.94
N ILE D 72 42.33 -14.19 14.68
CA ILE D 72 42.06 -15.55 14.20
C ILE D 72 42.81 -15.81 12.89
N LEU D 73 42.83 -14.82 11.98
CA LEU D 73 43.51 -15.02 10.71
C LEU D 73 45.01 -15.14 10.89
N SER D 74 45.58 -14.46 11.89
CA SER D 74 47.00 -14.60 12.17
C SER D 74 47.33 -16.02 12.62
N PHE D 75 46.47 -16.61 13.46
CA PHE D 75 46.69 -17.99 13.87
C PHE D 75 46.65 -18.94 12.68
N PHE D 76 45.75 -18.69 11.73
CA PHE D 76 45.73 -19.50 10.51
C PHE D 76 47.04 -19.36 9.75
N ALA D 77 47.53 -18.13 9.61
CA ALA D 77 48.82 -17.92 8.94
C ALA D 77 49.94 -18.63 9.69
N ALA D 78 49.86 -18.66 11.03
CA ALA D 78 50.87 -19.37 11.81
C ALA D 78 50.76 -20.88 11.61
N GLN D 79 49.52 -21.40 11.56
CA GLN D 79 49.34 -22.83 11.30
C GLN D 79 49.92 -23.24 9.96
N ALA D 80 49.95 -22.33 9.00
CA ALA D 80 50.43 -22.61 7.65
C ALA D 80 51.94 -22.46 7.53
N GLY D 81 52.63 -22.02 8.57
CA GLY D 81 54.08 -21.95 8.59
C GLY D 81 54.69 -20.58 8.45
N ALA D 82 53.93 -19.51 8.66
CA ALA D 82 54.48 -18.17 8.53
C ALA D 82 55.60 -17.95 9.53
N ARG D 83 56.64 -17.23 9.10
CA ARG D 83 57.77 -16.94 9.97
C ARG D 83 57.41 -15.87 11.00
N LYS D 84 56.82 -14.77 10.55
CA LYS D 84 56.37 -13.73 11.45
C LYS D 84 55.12 -13.06 10.87
N ILE D 85 54.18 -12.71 11.75
CA ILE D 85 52.91 -12.14 11.36
C ILE D 85 52.71 -10.86 12.14
N TYR D 86 52.63 -9.73 11.44
CA TYR D 86 52.28 -8.45 12.06
C TYR D 86 50.77 -8.28 11.99
N ALA D 87 50.14 -8.24 13.15
CA ALA D 87 48.68 -8.24 13.27
C ALA D 87 48.24 -6.86 13.76
N VAL D 88 47.72 -6.05 12.84
CA VAL D 88 47.33 -4.67 13.13
C VAL D 88 45.84 -4.63 13.42
N GLU D 89 45.48 -4.00 14.55
CA GLU D 89 44.08 -3.84 14.94
C GLU D 89 43.95 -2.53 15.70
N ALA D 90 42.99 -1.70 15.28
CA ALA D 90 42.84 -0.37 15.85
C ALA D 90 41.93 -0.33 17.07
N SER D 91 41.02 -1.29 17.21
CA SER D 91 40.12 -1.31 18.35
C SER D 91 40.84 -1.90 19.56
N THR D 92 40.16 -1.84 20.71
CA THR D 92 40.71 -2.43 21.94
C THR D 92 40.76 -3.94 21.89
N MET D 93 40.20 -4.57 20.85
CA MET D 93 40.32 -6.01 20.68
C MET D 93 41.78 -6.43 20.55
N ALA D 94 42.67 -5.50 20.19
CA ALA D 94 44.09 -5.83 20.08
C ALA D 94 44.65 -6.36 21.39
N GLN D 95 44.12 -5.89 22.53
CA GLN D 95 44.57 -6.42 23.82
C GLN D 95 44.18 -7.87 23.99
N HIS D 96 42.94 -8.23 23.63
CA HIS D 96 42.51 -9.62 23.71
C HIS D 96 43.31 -10.50 22.75
N ALA D 97 43.63 -9.97 21.57
CA ALA D 97 44.43 -10.74 20.61
C ALA D 97 45.77 -11.10 21.21
N GLU D 98 46.45 -10.13 21.82
CA GLU D 98 47.73 -10.43 22.45
C GLU D 98 47.58 -11.48 23.54
N VAL D 99 46.51 -11.41 24.32
CA VAL D 99 46.26 -12.42 25.34
C VAL D 99 46.18 -13.80 24.70
N LEU D 100 45.60 -13.91 23.51
CA LEU D 100 45.49 -15.20 22.85
C LEU D 100 46.83 -15.65 22.29
N VAL D 101 47.64 -14.72 21.79
CA VAL D 101 48.97 -15.07 21.29
C VAL D 101 49.79 -15.71 22.39
N LYS D 102 49.74 -15.13 23.60
CA LYS D 102 50.52 -15.68 24.70
C LYS D 102 49.98 -17.02 25.16
N SER D 103 48.67 -17.14 25.31
CA SER D 103 48.09 -18.40 25.79
C SER D 103 48.26 -19.53 24.79
N ASN D 104 48.44 -19.22 23.51
CA ASN D 104 48.70 -20.23 22.48
C ASN D 104 50.19 -20.40 22.20
N ASN D 105 51.06 -19.77 22.99
CA ASN D 105 52.51 -19.91 22.85
C ASN D 105 52.96 -19.64 21.42
N LEU D 106 52.53 -18.49 20.88
CA LEU D 106 52.92 -18.06 19.54
C LEU D 106 53.54 -16.68 19.57
N THR D 107 54.11 -16.28 20.71
CA THR D 107 54.79 -14.99 20.80
C THR D 107 55.93 -14.89 19.82
N ASP D 108 56.57 -16.01 19.49
CA ASP D 108 57.70 -16.01 18.57
C ASP D 108 57.30 -15.83 17.12
N ARG D 109 56.01 -15.65 16.83
CA ARG D 109 55.56 -15.62 15.43
C ARG D 109 54.42 -14.65 15.15
N ILE D 110 53.60 -14.26 16.13
CA ILE D 110 52.53 -13.29 15.92
C ILE D 110 52.84 -12.07 16.78
N VAL D 111 52.98 -10.91 16.13
CA VAL D 111 53.29 -9.65 16.80
C VAL D 111 52.11 -8.72 16.56
N VAL D 112 51.37 -8.42 17.63
CA VAL D 112 50.23 -7.52 17.53
C VAL D 112 50.71 -6.08 17.58
N ILE D 113 50.31 -5.29 16.59
CA ILE D 113 50.65 -3.87 16.52
C ILE D 113 49.37 -3.06 16.72
N PRO D 114 49.11 -2.54 17.93
CA PRO D 114 47.88 -1.76 18.12
C PRO D 114 47.92 -0.46 17.32
N GLY D 115 46.81 -0.16 16.65
CA GLY D 115 46.68 1.08 15.90
C GLY D 115 46.01 0.93 14.55
N LYS D 116 45.80 2.05 13.88
CA LYS D 116 45.25 2.04 12.53
C LYS D 116 46.36 1.74 11.52
N VAL D 117 46.05 0.90 10.53
CA VAL D 117 47.06 0.49 9.56
C VAL D 117 47.65 1.67 8.82
N GLU D 118 46.92 2.80 8.77
CA GLU D 118 47.42 4.00 8.12
C GLU D 118 48.38 4.80 9.01
N GLU D 119 48.57 4.39 10.26
CA GLU D 119 49.34 5.18 11.22
C GLU D 119 50.47 4.41 11.90
N VAL D 120 50.45 3.09 11.89
CA VAL D 120 51.47 2.31 12.59
C VAL D 120 52.73 2.21 11.74
N SER D 121 53.83 1.77 12.36
CA SER D 121 55.10 1.59 11.69
C SER D 121 55.50 0.12 11.77
N LEU D 122 55.82 -0.49 10.62
CA LEU D 122 56.26 -1.87 10.58
C LEU D 122 57.78 -1.96 10.43
N PRO D 123 58.41 -2.97 11.01
CA PRO D 123 59.87 -3.09 10.89
C PRO D 123 60.36 -3.61 9.55
N GLU D 124 59.49 -4.15 8.70
CA GLU D 124 59.93 -4.71 7.43
C GLU D 124 58.76 -4.86 6.48
N GLN D 125 59.07 -4.98 5.20
CA GLN D 125 58.07 -5.28 4.19
C GLN D 125 57.60 -6.72 4.33
N VAL D 126 56.38 -6.97 3.88
CA VAL D 126 55.75 -8.28 4.04
C VAL D 126 55.59 -8.93 2.68
N ASP D 127 55.49 -10.26 2.69
CA ASP D 127 55.29 -11.03 1.46
C ASP D 127 53.83 -11.18 1.08
N ILE D 128 52.91 -11.05 2.05
CA ILE D 128 51.50 -11.28 1.78
C ILE D 128 50.68 -10.57 2.84
N ILE D 129 49.56 -9.99 2.42
CA ILE D 129 48.63 -9.31 3.30
C ILE D 129 47.36 -10.14 3.38
N ILE D 130 46.86 -10.33 4.61
CA ILE D 130 45.60 -11.01 4.84
C ILE D 130 44.68 -10.06 5.59
N SER D 131 43.39 -10.19 5.36
CA SER D 131 42.42 -9.31 6.00
C SER D 131 41.01 -9.79 5.67
N GLU D 132 40.04 -9.26 6.40
CA GLU D 132 38.62 -9.40 6.09
C GLU D 132 38.03 -8.00 6.05
N PRO D 133 38.29 -7.25 4.98
CA PRO D 133 37.80 -5.87 4.89
C PRO D 133 36.40 -5.71 4.32
N MET D 134 35.69 -6.80 4.06
CA MET D 134 34.39 -6.73 3.39
C MET D 134 33.30 -6.38 4.40
N GLY D 135 32.63 -5.25 4.16
CA GLY D 135 31.36 -4.97 4.81
C GLY D 135 30.22 -5.50 3.97
N TYR D 136 29.00 -5.34 4.50
CA TYR D 136 27.85 -5.76 3.72
C TYR D 136 27.77 -4.90 2.47
N MET D 137 27.35 -5.53 1.36
CA MET D 137 27.46 -4.94 0.03
C MET D 137 28.92 -4.72 -0.36
N LEU D 138 29.84 -5.36 0.37
CA LEU D 138 31.28 -5.29 0.14
C LEU D 138 31.89 -3.96 0.58
N PHE D 139 31.32 -2.85 0.13
CA PHE D 139 32.00 -1.55 0.26
C PHE D 139 31.71 -0.82 1.56
N ASN D 140 30.71 -1.24 2.34
CA ASN D 140 30.45 -0.57 3.60
C ASN D 140 31.66 -0.68 4.53
N GLU D 141 31.81 0.34 5.38
CA GLU D 141 32.90 0.44 6.34
C GLU D 141 34.13 1.10 5.73
N ARG D 142 34.22 1.11 4.40
CA ARG D 142 35.36 1.68 3.69
C ARG D 142 36.69 1.07 4.13
N MET D 143 36.65 -0.15 4.69
CA MET D 143 37.88 -0.79 5.12
C MET D 143 38.72 -1.28 3.95
N LEU D 144 38.10 -1.46 2.78
CA LEU D 144 38.87 -1.85 1.60
C LEU D 144 39.96 -0.83 1.29
N GLU D 145 39.70 0.45 1.56
CA GLU D 145 40.73 1.46 1.33
C GLU D 145 41.90 1.27 2.30
N SER D 146 41.61 0.89 3.55
CA SER D 146 42.68 0.54 4.47
C SER D 146 43.43 -0.70 3.98
N TYR D 147 42.69 -1.69 3.49
CA TYR D 147 43.31 -2.90 2.95
C TYR D 147 44.26 -2.57 1.81
N LEU D 148 43.82 -1.69 0.89
CA LEU D 148 44.67 -1.29 -0.22
C LEU D 148 45.82 -0.41 0.26
N HIS D 149 45.53 0.48 1.22
CA HIS D 149 46.58 1.35 1.75
C HIS D 149 47.74 0.54 2.31
N ALA D 150 47.45 -0.61 2.91
CA ALA D 150 48.50 -1.44 3.50
C ALA D 150 49.45 -2.02 2.47
N LYS D 151 49.14 -1.91 1.17
CA LYS D 151 50.07 -2.38 0.15
C LYS D 151 51.39 -1.63 0.18
N LYS D 152 51.44 -0.47 0.84
CA LYS D 152 52.72 0.22 0.98
C LYS D 152 53.74 -0.65 1.70
N TYR D 153 53.29 -1.59 2.52
CA TYR D 153 54.17 -2.53 3.20
C TYR D 153 54.38 -3.82 2.42
N LEU D 154 53.82 -3.94 1.22
CA LEU D 154 53.88 -5.18 0.45
C LEU D 154 55.07 -5.16 -0.50
N LYS D 155 55.87 -6.22 -0.46
CA LYS D 155 56.97 -6.35 -1.41
C LYS D 155 56.42 -6.37 -2.83
N PRO D 156 57.24 -5.99 -3.81
CA PRO D 156 56.84 -6.21 -5.21
C PRO D 156 56.52 -7.68 -5.45
N SER D 157 55.47 -7.92 -6.22
CA SER D 157 55.00 -9.28 -6.51
C SER D 157 54.50 -9.99 -5.27
N GLY D 158 54.19 -9.26 -4.20
CA GLY D 158 53.54 -9.86 -3.06
C GLY D 158 52.06 -10.08 -3.31
N ASN D 159 51.50 -11.05 -2.60
CA ASN D 159 50.13 -11.48 -2.82
C ASN D 159 49.20 -10.87 -1.78
N MET D 160 47.90 -10.99 -2.03
N MET D 160 47.89 -11.00 -2.04
CA MET D 160 46.88 -10.46 -1.12
CA MET D 160 46.85 -10.46 -1.18
C MET D 160 45.76 -11.48 -0.99
C MET D 160 45.77 -11.51 -1.00
N PHE D 161 45.39 -11.77 0.24
CA PHE D 161 44.29 -12.69 0.55
C PHE D 161 43.21 -11.91 1.31
N PRO D 162 42.04 -11.62 0.70
CA PRO D 162 41.59 -12.00 -0.65
C PRO D 162 42.31 -11.23 -1.74
N THR D 163 42.34 -11.79 -2.95
CA THR D 163 43.05 -11.17 -4.07
C THR D 163 42.13 -10.28 -4.90
N ILE D 164 40.89 -10.71 -5.13
CA ILE D 164 39.93 -9.94 -5.92
C ILE D 164 38.57 -9.99 -5.23
N GLY D 165 37.73 -9.03 -5.57
CA GLY D 165 36.37 -8.99 -5.07
C GLY D 165 35.37 -8.73 -6.18
N ASP D 166 34.33 -9.55 -6.25
CA ASP D 166 33.30 -9.43 -7.27
C ASP D 166 32.00 -8.98 -6.63
N VAL D 167 31.46 -7.86 -7.10
CA VAL D 167 30.13 -7.40 -6.70
C VAL D 167 29.15 -7.83 -7.77
N HIS D 168 28.06 -8.46 -7.35
CA HIS D 168 26.99 -8.87 -8.25
C HIS D 168 25.73 -8.07 -7.97
N LEU D 169 25.03 -7.69 -9.03
CA LEU D 169 23.75 -6.99 -8.90
C LEU D 169 22.78 -7.56 -9.92
N ALA D 170 21.52 -7.71 -9.49
CA ALA D 170 20.47 -8.24 -10.35
C ALA D 170 19.14 -7.64 -9.93
N PRO D 171 18.24 -7.38 -10.88
CA PRO D 171 16.91 -6.88 -10.50
C PRO D 171 16.07 -7.98 -9.88
N PHE D 172 15.14 -7.57 -9.00
CA PHE D 172 14.31 -8.53 -8.29
C PHE D 172 12.88 -8.02 -8.22
N THR D 173 11.95 -8.95 -8.02
CA THR D 173 10.56 -8.64 -7.75
C THR D 173 10.21 -9.18 -6.37
N ASP D 174 9.63 -8.32 -5.54
CA ASP D 174 9.22 -8.70 -4.20
C ASP D 174 8.14 -7.76 -3.70
N GLU D 175 6.90 -8.01 -4.13
CA GLU D 175 5.80 -7.12 -3.78
C GLU D 175 5.59 -7.04 -2.28
N GLN D 176 5.87 -8.13 -1.56
CA GLN D 176 5.66 -8.11 -0.11
C GLN D 176 6.64 -7.15 0.56
N LEU D 177 7.92 -7.21 0.19
CA LEU D 177 8.89 -6.29 0.77
C LEU D 177 8.54 -4.84 0.43
N TYR D 178 8.13 -4.59 -0.81
CA TYR D 178 7.75 -3.24 -1.20
C TYR D 178 6.60 -2.72 -0.33
N MET D 179 5.57 -3.56 -0.15
CA MET D 179 4.42 -3.14 0.65
C MET D 179 4.79 -3.01 2.12
N GLU D 180 5.66 -3.90 2.61
CA GLU D 180 6.09 -3.82 4.01
C GLU D 180 6.73 -2.47 4.30
N GLN D 181 7.64 -2.03 3.43
CA GLN D 181 8.30 -0.74 3.63
C GLN D 181 7.36 0.43 3.33
N PHE D 182 6.46 0.27 2.35
CA PHE D 182 5.53 1.34 2.05
C PHE D 182 4.51 1.53 3.17
N THR D 183 4.04 0.43 3.76
CA THR D 183 3.11 0.52 4.88
C THR D 183 3.72 1.31 6.03
N LYS D 184 4.98 1.03 6.36
CA LYS D 184 5.66 1.80 7.40
C LYS D 184 5.62 3.29 7.10
N ALA D 185 6.04 3.66 5.88
CA ALA D 185 6.11 5.07 5.52
C ALA D 185 4.74 5.74 5.54
N ASN D 186 3.68 4.99 5.26
CA ASN D 186 2.34 5.57 5.19
C ASN D 186 1.78 5.90 6.57
N PHE D 187 2.51 5.64 7.65
CA PHE D 187 2.13 6.22 8.94
C PHE D 187 2.03 7.73 8.84
N TRP D 188 2.94 8.35 8.09
CA TRP D 188 2.96 9.79 7.88
C TRP D 188 1.97 10.24 6.81
N TYR D 189 1.08 9.35 6.38
CA TYR D 189 -0.05 9.70 5.53
C TYR D 189 -1.27 10.11 6.34
N GLN D 190 -1.31 9.76 7.61
CA GLN D 190 -2.46 10.02 8.47
C GLN D 190 -2.81 11.51 8.51
N PRO D 191 -4.04 11.90 8.16
CA PRO D 191 -4.43 13.31 8.34
C PRO D 191 -4.94 13.65 9.73
N SER D 192 -5.11 12.68 10.62
CA SER D 192 -5.63 12.96 11.95
C SER D 192 -5.09 11.95 12.96
N PHE D 193 -3.76 11.95 13.14
CA PHE D 193 -3.12 11.14 14.17
C PHE D 193 -3.28 11.86 15.52
N HIS D 194 -4.16 11.34 16.37
CA HIS D 194 -4.54 12.04 17.61
C HIS D 194 -4.95 13.48 17.31
N GLY D 195 -5.58 13.68 16.16
CA GLY D 195 -6.06 14.99 15.77
C GLY D 195 -5.06 15.84 15.02
N VAL D 196 -3.91 15.29 14.61
CA VAL D 196 -2.84 16.05 13.99
C VAL D 196 -2.63 15.52 12.57
N ASP D 197 -2.51 16.44 11.61
CA ASP D 197 -2.33 16.08 10.21
C ASP D 197 -0.83 15.89 9.95
N LEU D 198 -0.43 14.65 9.69
CA LEU D 198 0.97 14.33 9.41
C LEU D 198 1.30 14.28 7.94
N SER D 199 0.29 14.34 7.06
CA SER D 199 0.47 14.03 5.65
C SER D 199 1.58 14.85 5.01
N ALA D 200 1.82 16.06 5.51
CA ALA D 200 2.83 16.92 4.89
C ALA D 200 4.20 16.23 4.84
N LEU D 201 4.44 15.29 5.75
CA LEU D 201 5.75 14.63 5.85
C LEU D 201 5.80 13.27 5.17
N ARG D 202 4.73 12.85 4.50
CA ARG D 202 4.72 11.54 3.86
C ARG D 202 5.86 11.42 2.85
N GLY D 203 6.06 12.45 2.03
CA GLY D 203 7.15 12.42 1.06
C GLY D 203 8.49 12.20 1.73
N ALA D 204 8.77 12.97 2.79
CA ALA D 204 10.02 12.80 3.52
C ALA D 204 10.11 11.41 4.13
N ALA D 205 9.00 10.90 4.67
CA ALA D 205 8.99 9.57 5.25
C ALA D 205 9.34 8.51 4.20
N VAL D 206 8.69 8.58 3.04
CA VAL D 206 8.98 7.64 1.96
C VAL D 206 10.45 7.70 1.57
N ASP D 207 10.99 8.91 1.44
CA ASP D 207 12.41 9.06 1.12
C ASP D 207 13.28 8.33 2.14
N GLU D 208 13.07 8.61 3.44
CA GLU D 208 13.92 8.02 4.47
C GLU D 208 13.86 6.49 4.43
N TYR D 209 12.65 5.93 4.38
CA TYR D 209 12.52 4.48 4.47
C TYR D 209 13.13 3.79 3.26
N PHE D 210 12.99 4.37 2.07
CA PHE D 210 13.50 3.75 0.86
C PHE D 210 14.97 4.08 0.60
N ARG D 211 15.59 4.92 1.42
CA ARG D 211 17.03 5.04 1.44
C ARG D 211 17.69 3.89 2.21
N GLN D 212 16.92 3.07 2.91
CA GLN D 212 17.47 2.03 3.76
C GLN D 212 17.72 0.77 2.95
N PRO D 213 18.98 0.35 2.74
CA PRO D 213 19.20 -0.96 2.15
C PRO D 213 18.61 -2.05 3.03
N VAL D 214 17.97 -3.02 2.40
CA VAL D 214 17.33 -4.12 3.12
C VAL D 214 18.34 -5.25 3.20
N VAL D 215 18.82 -5.54 4.41
CA VAL D 215 19.82 -6.57 4.64
C VAL D 215 19.11 -7.82 5.15
N ASP D 216 19.00 -8.82 4.31
CA ASP D 216 18.45 -10.12 4.67
C ASP D 216 18.73 -11.05 3.49
N THR D 217 18.17 -12.25 3.53
CA THR D 217 18.29 -13.19 2.43
C THR D 217 16.93 -13.35 1.75
N PHE D 218 16.96 -13.99 0.59
CA PHE D 218 15.76 -14.16 -0.22
C PHE D 218 15.94 -15.40 -1.08
N ASP D 219 14.81 -15.93 -1.55
CA ASP D 219 14.85 -17.02 -2.51
C ASP D 219 15.29 -16.49 -3.86
N ILE D 220 16.12 -17.28 -4.57
CA ILE D 220 16.69 -16.83 -5.82
C ILE D 220 15.66 -16.69 -6.93
N ARG D 221 14.44 -17.16 -6.72
CA ARG D 221 13.39 -17.04 -7.74
C ARG D 221 12.95 -15.60 -7.94
N ILE D 222 13.26 -14.70 -7.01
CA ILE D 222 12.83 -13.30 -7.18
C ILE D 222 13.71 -12.56 -8.17
N LEU D 223 14.88 -13.09 -8.51
CA LEU D 223 15.75 -12.42 -9.47
C LEU D 223 15.16 -12.54 -10.87
N MET D 224 15.13 -11.42 -11.59
CA MET D 224 14.47 -11.34 -12.89
C MET D 224 15.45 -11.31 -14.05
N ALA D 225 16.75 -11.48 -13.79
CA ALA D 225 17.75 -11.43 -14.85
C ALA D 225 19.07 -11.89 -14.29
N LYS D 226 19.93 -12.41 -15.18
CA LYS D 226 21.27 -12.81 -14.78
C LYS D 226 22.05 -11.61 -14.27
N SER D 227 22.83 -11.84 -13.23
CA SER D 227 23.52 -10.76 -12.54
C SER D 227 24.62 -10.17 -13.41
N VAL D 228 24.93 -8.90 -13.15
CA VAL D 228 26.10 -8.24 -13.73
C VAL D 228 27.18 -8.21 -12.67
N LYS D 229 28.44 -8.35 -13.10
CA LYS D 229 29.58 -8.46 -12.20
C LYS D 229 30.45 -7.21 -12.30
N TYR D 230 30.88 -6.71 -11.15
CA TYR D 230 31.85 -5.64 -11.07
C TYR D 230 33.01 -6.12 -10.21
N THR D 231 34.21 -6.13 -10.77
CA THR D 231 35.37 -6.75 -10.15
C THR D 231 36.35 -5.68 -9.67
N VAL D 232 36.80 -5.84 -8.42
CA VAL D 232 37.90 -5.05 -7.88
C VAL D 232 39.09 -5.99 -7.69
N ASN D 233 40.20 -5.68 -8.35
CA ASN D 233 41.43 -6.45 -8.21
C ASN D 233 42.29 -5.78 -7.14
N PHE D 234 42.39 -6.40 -5.97
CA PHE D 234 43.07 -5.78 -4.84
C PHE D 234 44.58 -5.67 -5.08
N LEU D 235 45.15 -6.56 -5.90
CA LEU D 235 46.56 -6.46 -6.23
C LEU D 235 46.86 -5.19 -7.01
N GLU D 236 45.90 -4.69 -7.79
CA GLU D 236 46.14 -3.60 -8.72
C GLU D 236 45.47 -2.30 -8.32
N ALA D 237 44.36 -2.35 -7.60
CA ALA D 237 43.59 -1.15 -7.31
C ALA D 237 44.33 -0.24 -6.33
N LYS D 238 44.11 1.06 -6.50
CA LYS D 238 44.55 2.08 -5.55
C LYS D 238 43.36 2.52 -4.71
N GLU D 239 43.63 2.88 -3.46
CA GLU D 239 42.53 3.22 -2.56
C GLU D 239 41.70 4.39 -3.11
N GLY D 240 42.33 5.27 -3.88
CA GLY D 240 41.58 6.33 -4.53
C GLY D 240 40.52 5.83 -5.49
N ASP D 241 40.64 4.59 -5.95
CA ASP D 241 39.65 4.02 -6.85
C ASP D 241 38.31 3.76 -6.17
N LEU D 242 38.28 3.72 -4.84
CA LEU D 242 37.06 3.42 -4.10
C LEU D 242 36.33 4.66 -3.64
N HIS D 243 36.81 5.86 -4.00
CA HIS D 243 36.14 7.09 -3.58
C HIS D 243 34.89 7.35 -4.40
N ARG D 244 34.88 6.94 -5.67
CA ARG D 244 33.74 7.13 -6.58
C ARG D 244 33.66 5.90 -7.47
N ILE D 245 32.73 5.00 -7.15
CA ILE D 245 32.58 3.73 -7.85
C ILE D 245 31.36 3.83 -8.75
N GLU D 246 31.55 3.63 -10.05
CA GLU D 246 30.49 3.69 -11.04
C GLU D 246 30.31 2.30 -11.65
N ILE D 247 29.14 1.70 -11.45
CA ILE D 247 28.86 0.37 -11.97
C ILE D 247 27.74 0.46 -13.01
N PRO D 248 28.06 0.44 -14.30
CA PRO D 248 27.00 0.34 -15.31
C PRO D 248 26.42 -1.06 -15.35
N PHE D 249 25.16 -1.14 -15.78
CA PHE D 249 24.50 -2.44 -15.88
C PHE D 249 23.53 -2.41 -17.06
N LYS D 250 23.38 -3.57 -17.70
CA LYS D 250 22.46 -3.76 -18.81
C LYS D 250 21.87 -5.17 -18.65
N PHE D 251 20.71 -5.24 -18.01
CA PHE D 251 20.07 -6.52 -17.72
C PHE D 251 19.17 -6.94 -18.86
N HIS D 252 19.23 -8.21 -19.21
CA HIS D 252 18.31 -8.81 -20.18
C HIS D 252 17.23 -9.54 -19.41
N MET D 253 16.04 -8.96 -19.34
CA MET D 253 14.99 -9.49 -18.49
C MET D 253 14.58 -10.88 -18.92
N LEU D 254 14.61 -11.82 -17.97
CA LEU D 254 14.24 -13.20 -18.24
C LEU D 254 12.77 -13.49 -17.94
N HIS D 255 12.13 -12.70 -17.11
CA HIS D 255 10.71 -12.84 -16.83
C HIS D 255 10.05 -11.48 -16.85
N SER D 256 8.75 -11.47 -17.09
CA SER D 256 7.96 -10.24 -17.09
C SER D 256 7.38 -9.98 -15.71
N GLY D 257 7.25 -8.71 -15.37
CA GLY D 257 6.67 -8.33 -14.10
C GLY D 257 7.31 -7.07 -13.57
N LEU D 258 7.05 -6.79 -12.30
CA LEU D 258 7.51 -5.56 -11.67
C LEU D 258 8.93 -5.74 -11.13
N VAL D 259 9.80 -4.79 -11.48
CA VAL D 259 11.15 -4.73 -10.93
C VAL D 259 11.08 -3.79 -9.74
N HIS D 260 11.11 -4.34 -8.53
CA HIS D 260 11.03 -3.53 -7.33
C HIS D 260 12.38 -2.97 -6.90
N GLY D 261 13.49 -3.45 -7.45
CA GLY D 261 14.79 -2.90 -7.12
C GLY D 261 15.90 -3.81 -7.59
N LEU D 262 17.06 -3.63 -7.00
CA LEU D 262 18.25 -4.42 -7.33
C LEU D 262 18.76 -5.12 -6.07
N ALA D 263 19.15 -6.38 -6.24
CA ALA D 263 19.78 -7.15 -5.17
C ALA D 263 21.29 -7.14 -5.39
N PHE D 264 22.03 -7.09 -4.28
CA PHE D 264 23.49 -7.06 -4.31
C PHE D 264 24.06 -8.19 -3.47
N TRP D 265 25.17 -8.75 -3.93
CA TRP D 265 25.98 -9.68 -3.14
C TRP D 265 27.39 -9.64 -3.71
N PHE D 266 28.30 -10.35 -3.05
CA PHE D 266 29.69 -10.29 -3.47
C PHE D 266 30.39 -11.63 -3.22
N ASP D 267 31.42 -11.89 -4.02
CA ASP D 267 32.35 -12.97 -3.80
C ASP D 267 33.77 -12.41 -3.75
N VAL D 268 34.63 -13.05 -2.96
CA VAL D 268 36.06 -12.77 -2.99
C VAL D 268 36.78 -14.06 -3.28
N ALA D 269 37.92 -13.95 -3.96
CA ALA D 269 38.73 -15.10 -4.33
C ALA D 269 40.11 -14.98 -3.70
N PHE D 270 40.57 -16.07 -3.10
CA PHE D 270 41.92 -16.18 -2.56
C PHE D 270 42.75 -16.92 -3.60
N ILE D 271 43.45 -16.17 -4.45
CA ILE D 271 44.21 -16.74 -5.56
C ILE D 271 45.59 -17.09 -5.00
N GLY D 272 45.74 -18.34 -4.56
CA GLY D 272 46.99 -18.83 -4.04
C GLY D 272 47.76 -19.66 -5.07
N SER D 273 48.93 -20.15 -4.63
CA SER D 273 49.79 -20.90 -5.50
C SER D 273 49.32 -22.33 -5.71
N ILE D 274 48.68 -22.92 -4.70
CA ILE D 274 48.15 -24.28 -4.85
C ILE D 274 46.79 -24.26 -5.53
N MET D 275 45.90 -23.36 -5.10
CA MET D 275 44.55 -23.34 -5.63
C MET D 275 43.90 -22.00 -5.33
N THR D 276 42.81 -21.73 -6.04
CA THR D 276 41.98 -20.56 -5.78
C THR D 276 40.78 -20.98 -4.95
N VAL D 277 40.56 -20.29 -3.83
CA VAL D 277 39.44 -20.57 -2.94
C VAL D 277 38.50 -19.37 -2.97
N TRP D 278 37.21 -19.64 -3.13
CA TRP D 278 36.20 -18.61 -3.23
C TRP D 278 35.38 -18.54 -1.95
N LEU D 279 35.09 -17.32 -1.52
CA LEU D 279 34.15 -17.05 -0.43
C LEU D 279 33.01 -16.22 -1.01
N SER D 280 31.83 -16.82 -1.09
CA SER D 280 30.69 -16.21 -1.77
C SER D 280 29.57 -15.94 -0.78
N THR D 281 28.94 -14.77 -0.92
CA THR D 281 27.74 -14.41 -0.16
C THR D 281 26.50 -14.38 -1.04
N ALA D 282 26.51 -15.19 -2.12
CA ALA D 282 25.40 -15.19 -3.05
C ALA D 282 24.18 -15.87 -2.43
N PRO D 283 22.97 -15.51 -2.89
CA PRO D 283 21.76 -16.18 -2.38
C PRO D 283 21.65 -17.64 -2.80
N THR D 284 22.46 -18.09 -3.76
CA THR D 284 22.55 -19.50 -4.12
C THR D 284 23.47 -20.28 -3.20
N GLU D 285 24.14 -19.61 -2.25
CA GLU D 285 25.09 -20.24 -1.36
C GLU D 285 24.57 -20.22 0.07
N PRO D 286 25.13 -21.04 0.95
CA PRO D 286 24.72 -20.98 2.37
C PRO D 286 24.89 -19.57 2.92
N LEU D 287 24.04 -19.24 3.89
CA LEU D 287 23.98 -17.87 4.39
C LEU D 287 25.21 -17.53 5.21
N THR D 288 25.65 -16.27 5.11
CA THR D 288 26.72 -15.72 5.90
C THR D 288 26.20 -14.51 6.66
N HIS D 289 27.01 -14.02 7.60
CA HIS D 289 26.60 -12.84 8.36
C HIS D 289 26.53 -11.58 7.52
N TRP D 290 26.99 -11.64 6.26
CA TRP D 290 26.79 -10.52 5.34
C TRP D 290 25.41 -10.56 4.68
N TYR D 291 24.72 -11.71 4.70
CA TYR D 291 23.43 -11.84 4.06
C TYR D 291 23.50 -11.36 2.61
N GLN D 292 22.44 -10.73 2.12
CA GLN D 292 22.46 -10.02 0.85
C GLN D 292 21.84 -8.64 1.06
N VAL D 293 22.01 -7.77 0.08
CA VAL D 293 21.57 -6.37 0.19
C VAL D 293 20.69 -6.05 -1.00
N ARG D 294 19.50 -5.51 -0.72
CA ARG D 294 18.56 -5.10 -1.74
C ARG D 294 18.25 -3.62 -1.58
N CYS D 295 18.13 -2.94 -2.71
CA CYS D 295 17.75 -1.52 -2.75
C CYS D 295 16.40 -1.39 -3.40
N LEU D 296 15.47 -0.73 -2.71
CA LEU D 296 14.09 -0.62 -3.17
C LEU D 296 13.87 0.64 -3.99
N PHE D 297 13.15 0.50 -5.09
CA PHE D 297 12.63 1.64 -5.82
C PHE D 297 11.37 2.16 -5.14
N GLN D 298 11.22 3.48 -5.08
CA GLN D 298 9.99 4.04 -4.54
C GLN D 298 8.80 3.68 -5.40
N SER D 299 9.01 3.52 -6.71
CA SER D 299 7.99 3.05 -7.63
C SER D 299 8.62 1.97 -8.51
N PRO D 300 8.09 0.75 -8.55
CA PRO D 300 8.69 -0.28 -9.38
C PRO D 300 8.51 -0.01 -10.86
N LEU D 301 9.37 -0.65 -11.66
CA LEU D 301 9.30 -0.56 -13.11
C LEU D 301 8.71 -1.84 -13.68
N PHE D 302 7.82 -1.70 -14.66
CA PHE D 302 7.26 -2.84 -15.35
C PHE D 302 8.13 -3.18 -16.56
N ALA D 303 8.46 -4.47 -16.70
CA ALA D 303 9.30 -4.92 -17.80
C ALA D 303 8.79 -6.25 -18.31
N LYS D 304 8.90 -6.46 -19.61
CA LYS D 304 8.57 -7.72 -20.24
C LYS D 304 9.83 -8.55 -20.45
N ALA D 305 9.66 -9.87 -20.45
CA ALA D 305 10.78 -10.75 -20.80
C ALA D 305 11.31 -10.36 -22.17
N GLY D 306 12.63 -10.23 -22.27
CA GLY D 306 13.27 -9.76 -23.47
C GLY D 306 13.66 -8.29 -23.43
N ASP D 307 13.00 -7.49 -22.62
CA ASP D 307 13.39 -6.10 -22.47
C ASP D 307 14.75 -5.99 -21.80
N THR D 308 15.43 -4.88 -22.04
CA THR D 308 16.70 -4.57 -21.40
C THR D 308 16.49 -3.46 -20.38
N LEU D 309 17.02 -3.66 -19.18
CA LEU D 309 17.01 -2.66 -18.13
C LEU D 309 18.45 -2.17 -17.94
N SER D 310 18.68 -0.91 -18.28
CA SER D 310 20.02 -0.34 -18.24
C SER D 310 20.05 0.84 -17.27
N GLY D 311 21.26 1.15 -16.80
CA GLY D 311 21.41 2.24 -15.85
C GLY D 311 22.81 2.21 -15.23
N THR D 312 22.92 2.84 -14.06
CA THR D 312 24.20 2.98 -13.40
C THR D 312 24.03 3.02 -11.90
N CYS D 313 24.90 2.31 -11.18
N CYS D 313 24.85 2.27 -11.19
CA CYS D 313 24.95 2.38 -9.73
CA CYS D 313 24.99 2.38 -9.74
C CYS D 313 26.20 3.19 -9.35
C CYS D 313 26.21 3.23 -9.45
N LEU D 314 25.99 4.37 -8.79
CA LEU D 314 27.06 5.29 -8.44
C LEU D 314 27.23 5.32 -6.93
N LEU D 315 28.39 4.89 -6.44
CA LEU D 315 28.69 4.86 -5.02
C LEU D 315 29.69 5.98 -4.71
N ILE D 316 29.25 6.96 -3.92
CA ILE D 316 30.11 8.06 -3.49
C ILE D 316 30.47 7.82 -2.03
N ALA D 317 31.76 7.70 -1.76
CA ALA D 317 32.20 7.49 -0.38
C ALA D 317 32.00 8.75 0.45
N ASN D 318 31.55 8.56 1.68
CA ASN D 318 31.36 9.65 2.62
C ASN D 318 32.32 9.47 3.80
N LYS D 319 32.35 10.47 4.68
CA LYS D 319 33.27 10.47 5.80
C LYS D 319 32.71 9.76 7.03
N ARG D 320 31.52 9.17 6.94
CA ARG D 320 31.01 8.27 7.97
C ARG D 320 31.37 6.81 7.69
N GLN D 321 32.44 6.56 6.94
CA GLN D 321 32.93 5.21 6.69
C GLN D 321 31.92 4.38 5.91
N SER D 322 31.17 5.01 5.01
CA SER D 322 30.20 4.27 4.21
C SER D 322 30.09 4.91 2.83
N TYR D 323 28.95 4.74 2.18
CA TYR D 323 28.74 5.28 0.84
C TYR D 323 27.32 5.83 0.73
N ASP D 324 27.19 6.92 -0.02
CA ASP D 324 25.91 7.36 -0.53
C ASP D 324 25.76 6.83 -1.95
N ILE D 325 24.68 6.11 -2.20
CA ILE D 325 24.49 5.38 -3.45
C ILE D 325 23.34 6.00 -4.22
N SER D 326 23.52 6.14 -5.53
CA SER D 326 22.44 6.54 -6.42
C SER D 326 22.31 5.46 -7.50
N ILE D 327 21.08 4.97 -7.67
CA ILE D 327 20.79 3.96 -8.69
C ILE D 327 19.79 4.56 -9.66
N VAL D 328 20.21 4.69 -10.91
CA VAL D 328 19.35 5.14 -12.00
C VAL D 328 19.14 3.95 -12.93
N ALA D 329 17.88 3.65 -13.25
CA ALA D 329 17.54 2.51 -14.07
C ALA D 329 16.38 2.88 -14.98
N GLN D 330 16.41 2.37 -16.22
CA GLN D 330 15.34 2.63 -17.16
C GLN D 330 15.07 1.39 -18.01
N VAL D 331 13.80 1.15 -18.30
CA VAL D 331 13.40 0.13 -19.27
C VAL D 331 13.56 0.74 -20.66
N ASP D 332 14.51 0.20 -21.44
CA ASP D 332 14.86 0.84 -22.71
C ASP D 332 13.68 0.87 -23.67
N GLN D 333 12.87 -0.20 -23.69
CA GLN D 333 11.79 -0.30 -24.67
C GLN D 333 10.72 0.77 -24.46
N THR D 334 10.47 1.18 -23.21
CA THR D 334 9.39 2.10 -22.90
C THR D 334 9.85 3.44 -22.35
N GLY D 335 11.12 3.61 -22.04
CA GLY D 335 11.59 4.85 -21.45
C GLY D 335 11.18 5.07 -20.02
N SER D 336 10.68 4.04 -19.34
CA SER D 336 10.27 4.16 -17.95
C SER D 336 11.51 4.14 -17.06
N LYS D 337 11.76 5.23 -16.35
CA LYS D 337 12.98 5.44 -15.59
C LYS D 337 12.71 5.46 -14.09
N SER D 338 13.72 5.06 -13.33
CA SER D 338 13.66 5.10 -11.86
C SER D 338 14.99 5.62 -11.33
N SER D 339 14.93 6.63 -10.46
CA SER D 339 16.11 7.21 -9.83
C SER D 339 15.95 7.11 -8.33
N ASN D 340 16.97 6.58 -7.66
CA ASN D 340 16.87 6.26 -6.24
C ASN D 340 18.17 6.59 -5.54
N LEU D 341 18.07 6.78 -4.22
CA LEU D 341 19.21 7.09 -3.37
C LEU D 341 19.19 6.14 -2.18
N LEU D 342 20.34 5.55 -1.85
CA LEU D 342 20.49 4.71 -0.68
C LEU D 342 21.51 5.33 0.27
N ASP D 343 21.22 5.24 1.55
CA ASP D 343 22.17 5.61 2.61
C ASP D 343 22.69 4.30 3.19
N LEU D 344 23.85 3.86 2.69
CA LEU D 344 24.34 2.52 3.02
C LEU D 344 24.66 2.37 4.51
N LYS D 345 24.75 3.48 5.26
CA LYS D 345 25.04 3.43 6.68
C LYS D 345 23.78 3.26 7.54
N ASN D 346 22.59 3.36 6.96
CA ASN D 346 21.33 3.20 7.68
C ASN D 346 20.58 2.01 7.12
N PRO D 347 21.03 0.79 7.43
CA PRO D 347 20.38 -0.40 6.89
C PRO D 347 19.20 -0.87 7.73
N PHE D 348 18.33 -1.64 7.08
CA PHE D 348 17.20 -2.27 7.73
C PHE D 348 17.50 -3.77 7.82
N PHE D 349 17.89 -4.22 9.00
CA PHE D 349 18.14 -5.65 9.24
C PHE D 349 16.79 -6.34 9.37
N ARG D 350 16.33 -6.92 8.28
CA ARG D 350 14.98 -7.49 8.20
C ARG D 350 14.92 -8.95 8.59
N TYR D 351 16.02 -9.68 8.45
CA TYR D 351 16.07 -11.11 8.73
C TYR D 351 15.52 -11.43 10.12
N ALA E 2 -23.78 -0.18 -20.18
CA ALA E 2 -22.66 -1.05 -20.51
C ALA E 2 -21.39 -0.23 -20.78
N ALA E 3 -20.24 -0.89 -20.64
CA ALA E 3 -18.96 -0.19 -20.70
C ALA E 3 -18.45 -0.15 -22.14
N PRO E 4 -18.15 1.03 -22.70
CA PRO E 4 -17.56 1.10 -24.04
C PRO E 4 -16.29 0.26 -24.18
N ARG E 5 -15.36 0.42 -23.23
CA ARG E 5 -14.14 -0.39 -23.21
C ARG E 5 -14.22 -1.55 -22.16
N PRO E 6 -14.13 -2.81 -22.60
CA PRO E 6 -14.29 -3.91 -21.64
C PRO E 6 -13.26 -3.92 -20.51
N PRO E 7 -13.64 -4.39 -19.33
CA PRO E 7 -12.66 -4.58 -18.26
C PRO E 7 -11.53 -5.50 -18.71
N PHE E 8 -10.31 -5.17 -18.30
CA PHE E 8 -9.14 -5.90 -18.75
C PHE E 8 -8.08 -5.89 -17.65
N SER E 9 -7.43 -7.03 -17.47
CA SER E 9 -6.33 -7.17 -16.51
C SER E 9 -5.04 -7.56 -17.23
N PRO F 1 -20.47 4.02 -14.55
CA PRO F 1 -21.93 3.93 -14.59
C PRO F 1 -22.39 2.47 -14.46
N ALA F 2 -23.23 2.19 -13.47
CA ALA F 2 -23.40 0.85 -12.95
C ALA F 2 -24.84 0.37 -13.06
N ALA F 3 -24.99 -0.93 -12.85
CA ALA F 3 -26.30 -1.53 -12.74
C ALA F 3 -26.94 -1.14 -11.41
N PRO F 4 -28.26 -0.88 -11.37
CA PRO F 4 -28.95 -0.69 -10.08
C PRO F 4 -28.83 -1.91 -9.17
N ARG F 5 -29.20 -3.08 -9.69
CA ARG F 5 -29.15 -4.32 -8.91
C ARG F 5 -27.88 -5.18 -9.21
N PRO F 6 -27.10 -5.54 -8.18
CA PRO F 6 -25.87 -6.30 -8.43
C PRO F 6 -26.13 -7.69 -9.02
N PRO F 7 -25.20 -8.19 -9.83
CA PRO F 7 -25.31 -9.58 -10.30
C PRO F 7 -25.26 -10.56 -9.14
N PHE F 8 -26.06 -11.62 -9.23
CA PHE F 8 -26.20 -12.59 -8.16
C PHE F 8 -26.39 -13.98 -8.75
N SER F 9 -25.91 -14.98 -8.02
CA SER F 9 -26.04 -16.37 -8.44
C SER F 9 -26.46 -17.27 -7.28
N ALA G 2 23.15 0.92 19.84
CA ALA G 2 22.75 1.58 21.11
C ALA G 2 21.61 2.57 20.87
N ALA G 3 20.39 2.07 20.84
CA ALA G 3 19.23 2.92 20.60
C ALA G 3 18.80 3.58 21.90
N PRO G 4 18.83 4.92 22.00
CA PRO G 4 18.29 5.58 23.20
C PRO G 4 16.89 5.08 23.55
N ARG G 5 15.98 5.14 22.58
CA ARG G 5 14.62 4.58 22.75
C ARG G 5 14.49 3.20 22.06
N PRO G 6 14.29 2.12 22.85
CA PRO G 6 14.25 0.79 22.25
C PRO G 6 13.19 0.63 21.15
N PRO G 7 13.43 -0.23 20.17
CA PRO G 7 12.41 -0.47 19.14
C PRO G 7 11.19 -1.15 19.75
N PHE G 8 10.01 -0.67 19.36
CA PHE G 8 8.76 -1.12 19.98
C PHE G 8 7.71 -1.36 18.90
N SER G 9 6.77 -2.24 19.22
CA SER G 9 5.61 -2.51 18.38
C SER G 9 4.37 -2.72 19.23
N ALA H 2 23.53 2.19 13.53
CA ALA H 2 24.83 1.86 12.87
C ALA H 2 24.98 0.35 12.67
N ALA H 3 25.82 -0.29 13.49
CA ALA H 3 26.02 -1.74 13.45
C ALA H 3 26.70 -2.14 12.14
N PRO H 4 28.04 -2.09 12.05
CA PRO H 4 28.78 -2.47 10.84
C PRO H 4 28.49 -3.90 10.35
N ARG H 5 28.70 -4.89 11.21
CA ARG H 5 28.42 -6.29 10.84
C ARG H 5 27.04 -6.80 11.36
N PRO H 6 26.15 -7.27 10.45
CA PRO H 6 24.83 -7.71 10.90
C PRO H 6 24.87 -8.90 11.88
N PRO H 7 23.96 -8.94 12.84
CA PRO H 7 23.85 -10.13 13.70
C PRO H 7 23.62 -11.39 12.87
N PHE H 8 24.08 -12.52 13.40
CA PHE H 8 24.00 -13.78 12.68
C PHE H 8 23.78 -14.92 13.66
N SER H 9 22.87 -15.83 13.31
CA SER H 9 22.49 -16.95 14.17
C SER H 9 22.33 -16.52 15.63
#